data_2E9I
#
_entry.id   2E9I
#
_entity_poly.entity_id   1
_entity_poly.type   'polypeptide(L)'
_entity_poly.pdbx_seq_one_letter_code
;GSSGSSGRVKESITRTSRAPSVATVGSICDLNLKIPEINSSDMSAHVTSPSGRVTEAEIVPMGKNSHCVRFVPQEMGVHT
VSVKYRGQHVTGSPFQFTVGPLGEGG
;
_entity_poly.pdbx_strand_id   A
#
# COMPACT_ATOMS: atom_id res chain seq x y z
N GLY A 1 15.47 -29.18 11.62
CA GLY A 1 16.24 -29.76 10.54
C GLY A 1 15.38 -30.10 9.33
N SER A 2 15.91 -30.93 8.44
CA SER A 2 15.19 -31.32 7.24
C SER A 2 14.07 -32.30 7.58
N SER A 3 13.00 -32.27 6.79
CA SER A 3 11.86 -33.15 7.00
C SER A 3 11.68 -34.10 5.83
N GLY A 4 11.00 -35.22 6.08
CA GLY A 4 10.77 -36.19 5.03
C GLY A 4 9.47 -35.96 4.30
N SER A 5 9.13 -34.70 4.09
CA SER A 5 7.89 -34.34 3.40
C SER A 5 6.69 -35.01 4.05
N SER A 6 6.69 -35.03 5.38
CA SER A 6 5.60 -35.63 6.13
C SER A 6 4.61 -34.58 6.63
N GLY A 7 5.08 -33.33 6.68
CA GLY A 7 4.23 -32.25 7.13
C GLY A 7 4.79 -31.56 8.36
N ARG A 8 5.47 -30.43 8.15
CA ARG A 8 6.05 -29.67 9.25
C ARG A 8 6.00 -28.18 8.97
N VAL A 9 6.04 -27.38 10.04
CA VAL A 9 5.99 -25.93 9.91
C VAL A 9 6.96 -25.44 8.85
N LYS A 10 6.60 -24.36 8.17
CA LYS A 10 7.45 -23.79 7.13
C LYS A 10 8.66 -23.09 7.73
N GLU A 11 9.67 -22.83 6.90
CA GLU A 11 10.88 -22.17 7.35
C GLU A 11 11.18 -20.93 6.51
N SER A 12 11.06 -21.08 5.20
CA SER A 12 11.31 -19.98 4.27
C SER A 12 10.48 -20.13 3.01
N ILE A 13 9.52 -19.23 2.81
CA ILE A 13 8.67 -19.25 1.64
C ILE A 13 9.21 -18.34 0.54
N THR A 14 9.37 -18.91 -0.65
CA THR A 14 9.88 -18.15 -1.79
C THR A 14 8.78 -17.31 -2.43
N ARG A 15 9.08 -16.06 -2.71
CA ARG A 15 8.11 -15.15 -3.33
C ARG A 15 8.79 -14.26 -4.38
N THR A 16 8.02 -13.35 -4.94
CA THR A 16 8.53 -12.44 -5.96
C THR A 16 8.92 -11.09 -5.35
N SER A 17 7.95 -10.44 -4.70
CA SER A 17 8.19 -9.15 -4.08
C SER A 17 8.38 -8.07 -5.13
N ARG A 18 7.57 -8.11 -6.18
CA ARG A 18 7.66 -7.14 -7.27
C ARG A 18 6.42 -6.25 -7.30
N ALA A 19 6.64 -4.95 -7.51
CA ALA A 19 5.54 -4.00 -7.56
C ALA A 19 5.12 -3.71 -9.01
N PRO A 20 3.81 -3.51 -9.21
CA PRO A 20 3.26 -3.23 -10.54
C PRO A 20 3.65 -1.84 -11.05
N SER A 21 4.35 -1.08 -10.20
CA SER A 21 4.79 0.25 -10.57
C SER A 21 5.99 0.68 -9.73
N VAL A 22 6.59 1.81 -10.10
CA VAL A 22 7.75 2.33 -9.39
C VAL A 22 7.36 3.47 -8.45
N ALA A 23 7.90 3.45 -7.24
CA ALA A 23 7.61 4.49 -6.25
C ALA A 23 8.76 5.49 -6.16
N THR A 24 8.41 6.77 -6.14
CA THR A 24 9.41 7.83 -6.06
C THR A 24 9.52 8.37 -4.63
N VAL A 25 10.47 9.27 -4.41
CA VAL A 25 10.68 9.86 -3.10
C VAL A 25 10.42 11.37 -3.13
N GLY A 26 9.93 11.91 -2.02
CA GLY A 26 9.65 13.32 -1.94
C GLY A 26 8.69 13.79 -3.02
N SER A 27 7.59 13.07 -3.18
CA SER A 27 6.59 13.40 -4.18
C SER A 27 5.32 12.57 -4.01
N ILE A 28 4.17 13.18 -4.25
CA ILE A 28 2.90 12.49 -4.11
C ILE A 28 2.84 11.25 -5.01
N CYS A 29 2.49 10.12 -4.43
CA CYS A 29 2.39 8.88 -5.17
C CYS A 29 0.99 8.27 -5.06
N ASP A 30 0.40 7.94 -6.19
CA ASP A 30 -0.93 7.36 -6.22
C ASP A 30 -0.86 5.83 -6.18
N LEU A 31 -1.40 5.24 -5.11
CA LEU A 31 -1.41 3.80 -4.95
C LEU A 31 -2.80 3.22 -5.20
N ASN A 32 -2.92 2.45 -6.27
CA ASN A 32 -4.20 1.83 -6.62
C ASN A 32 -4.33 0.46 -5.98
N LEU A 33 -5.43 0.25 -5.25
CA LEU A 33 -5.68 -1.03 -4.59
C LEU A 33 -7.07 -1.55 -4.91
N LYS A 34 -7.13 -2.81 -5.35
CA LYS A 34 -8.40 -3.43 -5.70
C LYS A 34 -9.21 -3.76 -4.44
N ILE A 35 -10.07 -2.83 -4.05
CA ILE A 35 -10.90 -3.01 -2.87
C ILE A 35 -12.38 -3.16 -3.25
N PRO A 36 -13.07 -4.09 -2.59
CA PRO A 36 -14.50 -4.35 -2.83
C PRO A 36 -15.38 -3.20 -2.35
N GLU A 37 -16.68 -3.47 -2.26
CA GLU A 37 -17.63 -2.46 -1.81
C GLU A 37 -17.13 -1.76 -0.56
N ILE A 38 -16.28 -2.45 0.21
CA ILE A 38 -15.72 -1.89 1.44
C ILE A 38 -15.43 -0.40 1.28
N ASN A 39 -15.79 0.38 2.29
CA ASN A 39 -15.58 1.82 2.28
C ASN A 39 -14.29 2.18 3.01
N SER A 40 -13.97 3.46 3.04
CA SER A 40 -12.76 3.94 3.70
C SER A 40 -12.98 4.07 5.20
N SER A 41 -14.09 4.72 5.58
CA SER A 41 -14.41 4.92 6.98
C SER A 41 -14.18 3.65 7.78
N ASP A 42 -14.21 2.50 7.10
CA ASP A 42 -13.99 1.22 7.74
C ASP A 42 -12.55 0.76 7.59
N MET A 43 -11.90 1.19 6.50
CA MET A 43 -10.52 0.83 6.24
C MET A 43 -9.57 1.81 6.92
N SER A 44 -8.27 1.48 6.92
CA SER A 44 -7.27 2.34 7.53
C SER A 44 -5.93 2.21 6.81
N ALA A 45 -5.44 3.32 6.27
CA ALA A 45 -4.17 3.33 5.55
C ALA A 45 -3.12 4.11 6.33
N HIS A 46 -2.01 3.45 6.64
CA HIS A 46 -0.93 4.08 7.38
C HIS A 46 0.43 3.51 6.95
N VAL A 47 1.34 4.40 6.59
CA VAL A 47 2.68 3.99 6.16
C VAL A 47 3.63 3.89 7.34
N THR A 48 4.34 2.76 7.43
CA THR A 48 5.29 2.54 8.51
C THR A 48 6.72 2.77 8.04
N SER A 49 7.49 3.50 8.84
CA SER A 49 8.88 3.79 8.51
C SER A 49 9.82 2.78 9.16
N PRO A 50 10.99 2.57 8.55
CA PRO A 50 12.01 1.63 9.05
C PRO A 50 12.66 2.13 10.33
N SER A 51 12.23 3.30 10.80
CA SER A 51 12.79 3.88 12.01
C SER A 51 11.86 3.66 13.20
N GLY A 52 10.61 3.29 12.90
CA GLY A 52 9.64 3.06 13.95
C GLY A 52 8.57 4.13 14.01
N ARG A 53 8.45 4.90 12.94
CA ARG A 53 7.46 5.97 12.88
C ARG A 53 6.28 5.56 12.00
N VAL A 54 5.08 5.96 12.42
CA VAL A 54 3.87 5.64 11.67
C VAL A 54 3.18 6.90 11.16
N THR A 55 2.82 6.91 9.89
CA THR A 55 2.16 8.05 9.28
C THR A 55 0.74 7.71 8.86
N GLU A 56 0.03 8.69 8.32
CA GLU A 56 -1.35 8.49 7.88
C GLU A 56 -1.49 8.78 6.39
N ALA A 57 -2.40 8.07 5.74
CA ALA A 57 -2.64 8.24 4.32
C ALA A 57 -4.11 8.50 4.03
N GLU A 58 -4.38 9.25 2.97
CA GLU A 58 -5.75 9.58 2.59
C GLU A 58 -6.24 8.68 1.46
N ILE A 59 -7.50 8.26 1.55
CA ILE A 59 -8.08 7.39 0.53
C ILE A 59 -9.12 8.14 -0.30
N VAL A 60 -8.65 8.86 -1.32
CA VAL A 60 -9.54 9.61 -2.19
C VAL A 60 -10.64 8.73 -2.75
N PRO A 61 -11.87 9.27 -2.79
CA PRO A 61 -13.03 8.54 -3.31
C PRO A 61 -12.97 8.33 -4.82
N MET A 62 -12.74 7.09 -5.23
CA MET A 62 -12.65 6.75 -6.65
C MET A 62 -14.01 6.35 -7.19
N GLY A 63 -14.53 5.22 -6.69
CA GLY A 63 -15.82 4.73 -7.15
C GLY A 63 -16.52 3.89 -6.10
N LYS A 64 -17.41 3.02 -6.55
CA LYS A 64 -18.16 2.15 -5.65
C LYS A 64 -17.25 1.07 -5.06
N ASN A 65 -16.36 0.53 -5.89
CA ASN A 65 -15.43 -0.50 -5.45
C ASN A 65 -14.00 -0.13 -5.81
N SER A 66 -13.72 1.17 -5.86
CA SER A 66 -12.39 1.67 -6.19
C SER A 66 -11.91 2.64 -5.13
N HIS A 67 -10.59 2.67 -4.91
CA HIS A 67 -10.00 3.56 -3.93
C HIS A 67 -8.54 3.88 -4.30
N CYS A 68 -8.12 5.10 -4.01
CA CYS A 68 -6.76 5.54 -4.30
C CYS A 68 -6.13 6.23 -3.09
N VAL A 69 -4.86 5.92 -2.83
CA VAL A 69 -4.15 6.51 -1.71
C VAL A 69 -2.99 7.37 -2.19
N ARG A 70 -3.02 8.65 -1.84
CA ARG A 70 -1.97 9.57 -2.24
C ARG A 70 -1.15 10.03 -1.02
N PHE A 71 0.15 9.77 -1.07
CA PHE A 71 1.04 10.15 0.04
C PHE A 71 2.48 10.26 -0.45
N VAL A 72 3.33 10.84 0.39
CA VAL A 72 4.74 11.01 0.05
C VAL A 72 5.60 10.00 0.80
N PRO A 73 5.87 8.86 0.16
CA PRO A 73 6.70 7.79 0.74
C PRO A 73 8.17 8.19 0.84
N GLN A 74 8.50 8.93 1.89
CA GLN A 74 9.87 9.38 2.10
C GLN A 74 10.43 8.83 3.41
N GLU A 75 11.42 7.95 3.32
CA GLU A 75 12.03 7.35 4.50
C GLU A 75 13.53 7.18 4.31
N MET A 76 14.20 6.62 5.32
CA MET A 76 15.63 6.40 5.27
C MET A 76 15.95 4.95 4.94
N GLY A 77 14.92 4.19 4.60
CA GLY A 77 15.10 2.79 4.27
C GLY A 77 14.00 2.24 3.38
N VAL A 78 13.35 1.18 3.84
CA VAL A 78 12.27 0.56 3.08
C VAL A 78 10.91 1.04 3.57
N HIS A 79 9.98 1.22 2.64
CA HIS A 79 8.63 1.68 2.98
C HIS A 79 7.67 0.50 3.08
N THR A 80 6.83 0.49 4.11
CA THR A 80 5.86 -0.57 4.31
C THR A 80 4.48 -0.01 4.62
N VAL A 81 3.53 -0.29 3.74
CA VAL A 81 2.15 0.18 3.92
C VAL A 81 1.33 -0.82 4.73
N SER A 82 0.57 -0.31 5.70
CA SER A 82 -0.26 -1.16 6.54
C SER A 82 -1.74 -0.89 6.28
N VAL A 83 -2.33 -1.68 5.39
CA VAL A 83 -3.74 -1.54 5.05
C VAL A 83 -4.57 -2.64 5.68
N LYS A 84 -5.25 -2.31 6.78
CA LYS A 84 -6.09 -3.27 7.48
C LYS A 84 -7.57 -2.89 7.37
N TYR A 85 -8.42 -3.90 7.30
CA TYR A 85 -9.86 -3.67 7.18
C TYR A 85 -10.59 -4.25 8.39
N ARG A 86 -11.01 -3.37 9.31
CA ARG A 86 -11.72 -3.79 10.50
C ARG A 86 -10.86 -4.71 11.36
N GLY A 87 -9.55 -4.49 11.33
CA GLY A 87 -8.63 -5.32 12.09
C GLY A 87 -8.26 -6.59 11.37
N GLN A 88 -7.89 -6.48 10.10
CA GLN A 88 -7.51 -7.63 9.29
C GLN A 88 -6.75 -7.20 8.05
N HIS A 89 -5.51 -7.66 7.93
CA HIS A 89 -4.67 -7.33 6.78
C HIS A 89 -5.23 -7.95 5.50
N VAL A 90 -5.41 -7.11 4.48
CA VAL A 90 -5.94 -7.58 3.19
C VAL A 90 -4.89 -8.37 2.43
N THR A 91 -5.24 -8.77 1.20
CA THR A 91 -4.33 -9.53 0.36
C THR A 91 -3.14 -8.68 -0.07
N GLY A 92 -1.94 -9.20 0.16
CA GLY A 92 -0.74 -8.48 -0.21
C GLY A 92 -0.38 -7.40 0.79
N SER A 93 -0.77 -7.60 2.04
CA SER A 93 -0.48 -6.64 3.11
C SER A 93 0.25 -7.30 4.27
N PRO A 94 1.19 -6.56 4.87
CA PRO A 94 1.51 -5.20 4.45
C PRO A 94 2.22 -5.16 3.09
N PHE A 95 2.18 -4.00 2.46
CA PHE A 95 2.80 -3.82 1.14
C PHE A 95 4.20 -3.22 1.29
N GLN A 96 5.20 -3.92 0.75
CA GLN A 96 6.58 -3.45 0.82
C GLN A 96 7.09 -3.06 -0.57
N PHE A 97 7.70 -1.88 -0.65
CA PHE A 97 8.23 -1.40 -1.92
C PHE A 97 9.43 -0.48 -1.69
N THR A 98 10.41 -0.56 -2.58
CA THR A 98 11.60 0.26 -2.47
C THR A 98 11.45 1.56 -3.24
N VAL A 99 11.88 2.66 -2.62
CA VAL A 99 11.79 3.98 -3.25
C VAL A 99 13.13 4.39 -3.85
N GLY A 100 13.08 5.33 -4.80
CA GLY A 100 14.30 5.80 -5.44
C GLY A 100 14.12 7.16 -6.08
N PRO A 101 15.20 7.94 -6.11
CA PRO A 101 15.19 9.28 -6.70
C PRO A 101 15.04 9.25 -8.22
N LEU A 102 14.53 10.35 -8.79
CA LEU A 102 14.35 10.44 -10.24
C LEU A 102 15.55 11.10 -10.90
N GLY A 103 16.24 10.35 -11.75
CA GLY A 103 17.41 10.88 -12.43
C GLY A 103 17.06 11.45 -13.80
N GLU A 104 17.40 10.72 -14.85
CA GLU A 104 17.13 11.16 -16.21
C GLU A 104 15.78 10.62 -16.71
N GLY A 105 15.40 11.02 -17.90
CA GLY A 105 14.14 10.57 -18.47
C GLY A 105 14.26 9.23 -19.18
N GLY A 106 15.09 9.20 -20.23
CA GLY A 106 15.27 7.96 -20.97
C GLY A 106 15.56 8.21 -22.44
N GLY A 1 -11.29 29.57 2.18
CA GLY A 1 -11.60 28.40 2.98
C GLY A 1 -10.42 27.93 3.80
N SER A 2 -9.90 26.76 3.46
CA SER A 2 -8.76 26.18 4.17
C SER A 2 -7.66 25.78 3.19
N SER A 3 -8.06 25.10 2.11
CA SER A 3 -7.11 24.66 1.09
C SER A 3 -7.78 24.55 -0.27
N GLY A 4 -6.97 24.54 -1.33
CA GLY A 4 -7.51 24.43 -2.67
C GLY A 4 -6.78 23.39 -3.51
N SER A 5 -7.52 22.73 -4.39
CA SER A 5 -6.96 21.70 -5.25
C SER A 5 -6.28 22.31 -6.47
N SER A 6 -5.04 22.77 -6.29
CA SER A 6 -4.29 23.38 -7.38
C SER A 6 -4.30 22.50 -8.62
N GLY A 7 -5.19 22.81 -9.55
CA GLY A 7 -5.29 22.03 -10.78
C GLY A 7 -6.54 21.18 -10.82
N ARG A 8 -7.28 21.28 -11.92
CA ARG A 8 -8.51 20.51 -12.09
C ARG A 8 -8.33 19.42 -13.14
N VAL A 9 -8.25 18.17 -12.69
CA VAL A 9 -8.08 17.04 -13.59
C VAL A 9 -8.24 15.72 -12.85
N LYS A 10 -9.34 15.02 -13.13
CA LYS A 10 -9.62 13.74 -12.48
C LYS A 10 -10.33 12.79 -13.45
N GLU A 11 -9.89 11.55 -13.48
CA GLU A 11 -10.48 10.55 -14.36
C GLU A 11 -10.74 11.12 -15.75
N SER A 12 -9.74 11.79 -16.30
CA SER A 12 -9.85 12.40 -17.62
C SER A 12 -8.65 12.05 -18.48
N ILE A 13 -8.30 10.77 -18.51
CA ILE A 13 -7.17 10.30 -19.30
C ILE A 13 -7.57 9.13 -20.19
N THR A 14 -8.02 9.45 -21.41
CA THR A 14 -8.43 8.43 -22.36
C THR A 14 -7.27 7.98 -23.23
N ARG A 15 -6.11 7.79 -22.59
CA ARG A 15 -4.91 7.35 -23.31
C ARG A 15 -4.36 6.07 -22.71
N THR A 16 -3.54 5.37 -23.48
CA THR A 16 -2.94 4.13 -23.03
C THR A 16 -1.47 4.32 -22.64
N SER A 17 -1.08 3.75 -21.51
CA SER A 17 0.30 3.86 -21.04
C SER A 17 1.02 2.52 -21.14
N ARG A 18 0.46 1.50 -20.50
CA ARG A 18 1.05 0.18 -20.52
C ARG A 18 2.57 0.24 -20.35
N ALA A 19 3.01 0.92 -19.29
CA ALA A 19 4.43 1.07 -19.01
C ALA A 19 4.72 1.01 -17.52
N PRO A 20 5.89 0.48 -17.15
CA PRO A 20 6.29 0.36 -15.75
C PRO A 20 6.61 1.72 -15.11
N SER A 21 6.77 1.72 -13.80
CA SER A 21 7.07 2.96 -13.08
C SER A 21 7.35 2.66 -11.60
N VAL A 22 8.54 3.04 -11.15
CA VAL A 22 8.94 2.82 -9.76
C VAL A 22 8.42 3.92 -8.86
N ALA A 23 8.72 3.83 -7.57
CA ALA A 23 8.28 4.83 -6.60
C ALA A 23 9.31 5.94 -6.45
N THR A 24 8.83 7.17 -6.30
CA THR A 24 9.71 8.32 -6.15
C THR A 24 9.65 8.87 -4.72
N VAL A 25 10.75 9.45 -4.27
CA VAL A 25 10.82 10.01 -2.93
C VAL A 25 10.67 11.54 -2.97
N GLY A 26 9.68 12.05 -2.24
CA GLY A 26 9.45 13.48 -2.21
C GLY A 26 8.35 13.91 -3.18
N SER A 27 7.44 13.00 -3.48
CA SER A 27 6.34 13.29 -4.41
C SER A 27 5.14 12.41 -4.12
N ILE A 28 3.96 13.01 -4.07
CA ILE A 28 2.73 12.28 -3.81
C ILE A 28 2.48 11.21 -4.87
N CYS A 29 2.74 9.95 -4.51
CA CYS A 29 2.54 8.84 -5.43
C CYS A 29 1.15 8.25 -5.28
N ASP A 30 0.46 8.07 -6.39
CA ASP A 30 -0.89 7.51 -6.39
C ASP A 30 -0.84 5.98 -6.30
N LEU A 31 -1.20 5.45 -5.13
CA LEU A 31 -1.20 4.01 -4.92
C LEU A 31 -2.56 3.41 -5.25
N ASN A 32 -2.67 2.82 -6.44
CA ASN A 32 -3.91 2.21 -6.88
C ASN A 32 -4.06 0.80 -6.30
N LEU A 33 -5.17 0.56 -5.61
CA LEU A 33 -5.43 -0.74 -5.01
C LEU A 33 -6.83 -1.24 -5.36
N LYS A 34 -6.98 -2.55 -5.43
CA LYS A 34 -8.27 -3.16 -5.76
C LYS A 34 -9.03 -3.54 -4.49
N ILE A 35 -10.16 -2.87 -4.26
CA ILE A 35 -10.97 -3.15 -3.09
C ILE A 35 -12.45 -3.28 -3.46
N PRO A 36 -13.13 -4.26 -2.85
CA PRO A 36 -14.56 -4.51 -3.11
C PRO A 36 -15.44 -3.40 -2.54
N GLU A 37 -16.74 -3.69 -2.46
CA GLU A 37 -17.70 -2.72 -1.93
C GLU A 37 -17.18 -2.08 -0.66
N ILE A 38 -16.26 -2.76 0.01
CA ILE A 38 -15.67 -2.25 1.25
C ILE A 38 -15.52 -0.74 1.21
N ASN A 39 -15.93 -0.08 2.28
CA ASN A 39 -15.84 1.38 2.37
C ASN A 39 -14.49 1.80 2.96
N SER A 40 -14.30 3.11 3.10
CA SER A 40 -13.06 3.65 3.65
C SER A 40 -13.24 4.00 5.13
N SER A 41 -14.36 4.63 5.45
CA SER A 41 -14.64 5.03 6.82
C SER A 41 -14.29 3.91 7.79
N ASP A 42 -14.29 2.68 7.29
CA ASP A 42 -13.99 1.52 8.12
C ASP A 42 -12.53 1.09 7.91
N MET A 43 -12.05 1.22 6.69
CA MET A 43 -10.67 0.85 6.36
C MET A 43 -9.69 1.93 6.80
N SER A 44 -8.43 1.55 6.95
CA SER A 44 -7.39 2.50 7.36
C SER A 44 -6.13 2.32 6.52
N ALA A 45 -5.27 3.33 6.56
CA ALA A 45 -4.02 3.29 5.80
C ALA A 45 -2.93 4.09 6.50
N HIS A 46 -1.80 3.44 6.78
CA HIS A 46 -0.69 4.10 7.45
C HIS A 46 0.64 3.60 6.89
N VAL A 47 1.50 4.53 6.48
CA VAL A 47 2.80 4.19 5.93
C VAL A 47 3.86 4.10 7.04
N THR A 48 4.39 2.90 7.23
CA THR A 48 5.41 2.68 8.26
C THR A 48 6.80 2.90 7.69
N SER A 49 7.72 3.32 8.55
CA SER A 49 9.10 3.57 8.14
C SER A 49 10.02 2.49 8.67
N PRO A 50 11.16 2.29 7.98
CA PRO A 50 12.16 1.29 8.36
C PRO A 50 12.89 1.66 9.65
N SER A 51 12.65 2.87 10.13
CA SER A 51 13.28 3.35 11.35
C SER A 51 12.39 3.11 12.57
N GLY A 52 11.08 3.17 12.34
CA GLY A 52 10.14 2.95 13.43
C GLY A 52 9.11 4.06 13.53
N ARG A 53 8.88 4.75 12.42
CA ARG A 53 7.92 5.85 12.39
C ARG A 53 6.68 5.46 11.59
N VAL A 54 5.52 5.96 12.01
CA VAL A 54 4.26 5.66 11.33
C VAL A 54 3.62 6.93 10.78
N THR A 55 3.00 6.83 9.61
CA THR A 55 2.35 7.97 8.98
C THR A 55 0.90 7.64 8.63
N GLU A 56 0.12 8.69 8.36
CA GLU A 56 -1.29 8.51 8.01
C GLU A 56 -1.53 8.81 6.54
N ALA A 57 -2.33 7.97 5.89
CA ALA A 57 -2.64 8.15 4.48
C ALA A 57 -4.10 8.51 4.27
N GLU A 58 -4.41 9.09 3.12
CA GLU A 58 -5.78 9.49 2.81
C GLU A 58 -6.35 8.64 1.67
N ILE A 59 -7.58 8.18 1.85
CA ILE A 59 -8.24 7.36 0.84
C ILE A 59 -9.24 8.18 0.04
N VAL A 60 -9.06 8.20 -1.29
CA VAL A 60 -9.95 8.94 -2.16
C VAL A 60 -10.94 8.00 -2.85
N PRO A 61 -12.21 8.43 -2.92
CA PRO A 61 -13.28 7.65 -3.54
C PRO A 61 -13.14 7.58 -5.06
N MET A 62 -12.35 6.62 -5.52
CA MET A 62 -12.13 6.45 -6.96
C MET A 62 -13.45 6.28 -7.69
N GLY A 63 -14.15 5.17 -7.42
CA GLY A 63 -15.42 4.92 -8.06
C GLY A 63 -16.00 3.57 -7.68
N LYS A 64 -16.54 2.86 -8.67
CA LYS A 64 -17.14 1.55 -8.44
C LYS A 64 -16.11 0.58 -7.85
N ASN A 65 -16.26 0.27 -6.57
CA ASN A 65 -15.34 -0.63 -5.88
C ASN A 65 -13.88 -0.27 -6.19
N SER A 66 -13.58 1.02 -6.11
CA SER A 66 -12.24 1.51 -6.37
C SER A 66 -11.77 2.46 -5.28
N HIS A 67 -10.47 2.48 -5.02
CA HIS A 67 -9.90 3.34 -4.00
C HIS A 67 -8.46 3.72 -4.34
N CYS A 68 -8.12 4.99 -4.14
CA CYS A 68 -6.78 5.48 -4.43
C CYS A 68 -6.17 6.15 -3.20
N VAL A 69 -4.88 5.91 -2.99
CA VAL A 69 -4.18 6.48 -1.84
C VAL A 69 -3.05 7.40 -2.31
N ARG A 70 -3.12 8.67 -1.90
CA ARG A 70 -2.11 9.65 -2.28
C ARG A 70 -1.30 10.08 -1.05
N PHE A 71 0.01 9.85 -1.12
CA PHE A 71 0.90 10.21 -0.01
C PHE A 71 2.34 10.36 -0.50
N VAL A 72 3.18 10.93 0.35
CA VAL A 72 4.59 11.11 0.01
C VAL A 72 5.47 10.09 0.71
N PRO A 73 5.77 8.98 0.01
CA PRO A 73 6.60 7.90 0.55
C PRO A 73 8.05 8.31 0.68
N GLN A 74 8.37 9.01 1.77
CA GLN A 74 9.73 9.47 2.01
C GLN A 74 10.28 8.89 3.31
N GLU A 75 11.28 8.01 3.19
CA GLU A 75 11.88 7.38 4.36
C GLU A 75 13.38 7.22 4.17
N MET A 76 14.04 6.62 5.17
CA MET A 76 15.49 6.40 5.11
C MET A 76 15.79 4.97 4.67
N GLY A 77 14.79 4.29 4.14
CA GLY A 77 14.97 2.92 3.70
C GLY A 77 13.79 2.40 2.91
N VAL A 78 13.29 1.23 3.30
CA VAL A 78 12.16 0.63 2.60
C VAL A 78 10.84 1.15 3.16
N HIS A 79 9.93 1.54 2.25
CA HIS A 79 8.63 2.05 2.67
C HIS A 79 7.58 0.94 2.69
N THR A 80 6.88 0.84 3.81
CA THR A 80 5.86 -0.19 3.97
C THR A 80 4.50 0.43 4.33
N VAL A 81 3.43 -0.14 3.77
CA VAL A 81 2.09 0.37 4.02
C VAL A 81 1.26 -0.67 4.77
N SER A 82 0.52 -0.22 5.79
CA SER A 82 -0.32 -1.11 6.57
C SER A 82 -1.79 -0.79 6.36
N VAL A 83 -2.47 -1.66 5.60
CA VAL A 83 -3.88 -1.47 5.32
C VAL A 83 -4.72 -2.59 5.93
N LYS A 84 -5.46 -2.27 6.97
CA LYS A 84 -6.31 -3.25 7.64
C LYS A 84 -7.79 -2.89 7.50
N TYR A 85 -8.66 -3.88 7.67
CA TYR A 85 -10.09 -3.66 7.56
C TYR A 85 -10.82 -4.22 8.78
N ARG A 86 -11.08 -3.35 9.75
CA ARG A 86 -11.77 -3.75 10.97
C ARG A 86 -10.97 -4.80 11.73
N GLY A 87 -9.65 -4.62 11.76
CA GLY A 87 -8.79 -5.57 12.46
C GLY A 87 -8.46 -6.78 11.62
N GLN A 88 -8.00 -6.56 10.40
CA GLN A 88 -7.66 -7.64 9.49
C GLN A 88 -6.85 -7.13 8.30
N HIS A 89 -5.63 -7.63 8.16
CA HIS A 89 -4.76 -7.23 7.07
C HIS A 89 -5.30 -7.73 5.73
N VAL A 90 -5.69 -6.80 4.86
CA VAL A 90 -6.22 -7.14 3.55
C VAL A 90 -5.25 -8.03 2.78
N THR A 91 -5.64 -8.40 1.57
CA THR A 91 -4.80 -9.25 0.72
C THR A 91 -3.59 -8.49 0.22
N GLY A 92 -2.40 -8.98 0.55
CA GLY A 92 -1.18 -8.33 0.12
C GLY A 92 -0.65 -7.34 1.13
N SER A 93 -1.24 -7.35 2.33
CA SER A 93 -0.82 -6.44 3.40
C SER A 93 -0.07 -7.18 4.48
N PRO A 94 0.95 -6.52 5.05
CA PRO A 94 1.34 -5.17 4.64
C PRO A 94 1.95 -5.13 3.25
N PHE A 95 2.15 -3.92 2.72
CA PHE A 95 2.72 -3.75 1.39
C PHE A 95 4.13 -3.16 1.48
N GLN A 96 5.10 -3.90 0.96
CA GLN A 96 6.49 -3.44 0.99
C GLN A 96 6.98 -3.10 -0.42
N PHE A 97 7.52 -1.90 -0.57
CA PHE A 97 8.03 -1.44 -1.86
C PHE A 97 9.26 -0.57 -1.69
N THR A 98 10.26 -0.80 -2.54
CA THR A 98 11.51 -0.04 -2.48
C THR A 98 11.40 1.25 -3.29
N VAL A 99 11.95 2.33 -2.75
CA VAL A 99 11.93 3.63 -3.41
C VAL A 99 13.33 4.09 -3.78
N GLY A 100 13.42 5.00 -4.75
CA GLY A 100 14.70 5.53 -5.16
C GLY A 100 14.70 7.03 -5.32
N PRO A 101 15.88 7.65 -5.15
CA PRO A 101 16.03 9.10 -5.27
C PRO A 101 15.87 9.59 -6.71
N LEU A 102 15.48 10.84 -6.87
CA LEU A 102 15.29 11.43 -8.20
C LEU A 102 16.63 11.78 -8.83
N GLY A 103 16.66 11.79 -10.16
CA GLY A 103 17.89 12.12 -10.87
C GLY A 103 17.68 13.20 -11.91
N GLU A 104 18.70 13.43 -12.72
CA GLU A 104 18.64 14.46 -13.76
C GLU A 104 19.01 13.88 -15.12
N GLY A 105 18.07 13.91 -16.06
CA GLY A 105 18.32 13.39 -17.38
C GLY A 105 19.24 14.28 -18.20
N GLY A 106 20.08 13.67 -19.03
CA GLY A 106 21.00 14.44 -19.84
C GLY A 106 22.45 14.20 -19.46
N GLY A 1 -32.91 -29.58 -19.90
CA GLY A 1 -32.99 -28.79 -18.68
C GLY A 1 -31.71 -28.85 -17.87
N SER A 2 -30.66 -28.24 -18.37
CA SER A 2 -29.37 -28.22 -17.69
C SER A 2 -28.63 -26.90 -17.92
N SER A 3 -27.66 -26.61 -17.07
CA SER A 3 -26.89 -25.38 -17.18
C SER A 3 -25.44 -25.60 -16.76
N GLY A 4 -24.51 -25.14 -17.59
CA GLY A 4 -23.10 -25.30 -17.28
C GLY A 4 -22.23 -24.31 -18.03
N SER A 5 -22.17 -23.08 -17.52
CA SER A 5 -21.37 -22.03 -18.15
C SER A 5 -19.98 -21.94 -17.50
N SER A 6 -18.97 -22.32 -18.27
CA SER A 6 -17.59 -22.29 -17.77
C SER A 6 -16.59 -22.31 -18.94
N GLY A 7 -15.54 -21.51 -18.82
CA GLY A 7 -14.54 -21.45 -19.86
C GLY A 7 -13.41 -20.50 -19.52
N ARG A 8 -12.44 -20.38 -20.43
CA ARG A 8 -11.30 -19.50 -20.22
C ARG A 8 -10.71 -19.70 -18.82
N VAL A 9 -10.55 -20.95 -18.42
CA VAL A 9 -10.00 -21.28 -17.11
C VAL A 9 -8.49 -21.46 -17.18
N LYS A 10 -7.77 -20.74 -16.33
CA LYS A 10 -6.30 -20.83 -16.30
C LYS A 10 -5.86 -21.86 -15.26
N GLU A 11 -5.24 -22.94 -15.75
CA GLU A 11 -4.76 -23.99 -14.87
C GLU A 11 -3.91 -23.42 -13.74
N SER A 12 -2.97 -22.55 -14.11
CA SER A 12 -2.08 -21.94 -13.13
C SER A 12 -2.76 -20.75 -12.44
N ILE A 13 -2.99 -20.87 -11.14
CA ILE A 13 -3.62 -19.82 -10.37
C ILE A 13 -2.65 -18.68 -10.07
N THR A 14 -3.14 -17.45 -10.14
CA THR A 14 -2.32 -16.28 -9.87
C THR A 14 -2.67 -15.65 -8.53
N ARG A 15 -1.90 -16.00 -7.50
CA ARG A 15 -2.14 -15.47 -6.16
C ARG A 15 -2.15 -13.94 -6.18
N THR A 16 -1.04 -13.36 -6.63
CA THR A 16 -0.90 -11.91 -6.69
C THR A 16 -1.04 -11.40 -8.12
N SER A 17 -1.66 -10.24 -8.28
CA SER A 17 -1.86 -9.65 -9.60
C SER A 17 -0.60 -8.91 -10.06
N ARG A 18 -0.16 -9.20 -11.29
CA ARG A 18 1.02 -8.56 -11.84
C ARG A 18 0.88 -7.04 -11.83
N ALA A 19 1.76 -6.37 -11.10
CA ALA A 19 1.73 -4.91 -11.00
C ALA A 19 3.14 -4.35 -10.86
N PRO A 20 3.32 -3.11 -11.33
CA PRO A 20 4.61 -2.42 -11.27
C PRO A 20 5.01 -2.05 -9.85
N SER A 21 6.31 -1.91 -9.61
CA SER A 21 6.82 -1.56 -8.30
C SER A 21 7.59 -0.25 -8.34
N VAL A 22 7.16 0.66 -9.22
CA VAL A 22 7.82 1.95 -9.36
C VAL A 22 7.28 2.96 -8.35
N ALA A 23 8.18 3.74 -7.76
CA ALA A 23 7.79 4.75 -6.79
C ALA A 23 8.94 5.70 -6.49
N THR A 24 8.62 6.98 -6.34
CA THR A 24 9.62 8.00 -6.05
C THR A 24 9.56 8.44 -4.61
N VAL A 25 10.56 9.22 -4.18
CA VAL A 25 10.62 9.72 -2.81
C VAL A 25 10.45 11.23 -2.77
N GLY A 26 9.59 11.70 -1.87
CA GLY A 26 9.35 13.11 -1.74
C GLY A 26 8.42 13.65 -2.81
N SER A 27 7.30 12.94 -3.03
CA SER A 27 6.33 13.35 -4.04
C SER A 27 5.03 12.58 -3.86
N ILE A 28 3.92 13.22 -4.23
CA ILE A 28 2.60 12.60 -4.11
C ILE A 28 2.47 11.43 -5.08
N CYS A 29 2.59 10.22 -4.56
CA CYS A 29 2.48 9.02 -5.39
C CYS A 29 1.11 8.36 -5.21
N ASP A 30 0.36 8.26 -6.31
CA ASP A 30 -0.96 7.66 -6.27
C ASP A 30 -0.87 6.13 -6.15
N LEU A 31 -1.47 5.60 -5.10
CA LEU A 31 -1.45 4.16 -4.87
C LEU A 31 -2.81 3.53 -5.17
N ASN A 32 -2.96 2.99 -6.37
CA ASN A 32 -4.22 2.37 -6.78
C ASN A 32 -4.35 0.97 -6.17
N LEU A 33 -5.34 0.81 -5.31
CA LEU A 33 -5.59 -0.47 -4.65
C LEU A 33 -6.93 -1.05 -5.07
N LYS A 34 -6.91 -2.29 -5.53
CA LYS A 34 -8.14 -2.97 -5.95
C LYS A 34 -8.91 -3.50 -4.76
N ILE A 35 -9.66 -2.63 -4.10
CA ILE A 35 -10.46 -3.02 -2.94
C ILE A 35 -11.93 -3.17 -3.30
N PRO A 36 -12.56 -4.22 -2.76
CA PRO A 36 -13.97 -4.51 -3.01
C PRO A 36 -14.89 -3.49 -2.36
N GLU A 37 -16.20 -3.78 -2.34
CA GLU A 37 -17.18 -2.89 -1.74
C GLU A 37 -16.65 -2.28 -0.45
N ILE A 38 -15.75 -3.01 0.21
CA ILE A 38 -15.16 -2.54 1.46
C ILE A 38 -14.99 -1.03 1.45
N ASN A 39 -15.81 -0.34 2.24
CA ASN A 39 -15.75 1.12 2.34
C ASN A 39 -14.37 1.58 2.79
N SER A 40 -14.20 2.89 2.92
CA SER A 40 -12.93 3.46 3.35
C SER A 40 -12.94 3.76 4.84
N SER A 41 -13.99 4.46 5.29
CA SER A 41 -14.11 4.82 6.70
C SER A 41 -13.78 3.63 7.60
N ASP A 42 -13.93 2.43 7.05
CA ASP A 42 -13.64 1.21 7.80
C ASP A 42 -12.16 0.85 7.70
N MET A 43 -11.59 1.09 6.53
CA MET A 43 -10.18 0.79 6.30
C MET A 43 -9.28 1.85 6.92
N SER A 44 -7.97 1.62 6.86
CA SER A 44 -7.01 2.56 7.42
C SER A 44 -5.68 2.48 6.68
N ALA A 45 -5.30 3.57 6.01
CA ALA A 45 -4.05 3.62 5.27
C ALA A 45 -2.98 4.37 6.05
N HIS A 46 -1.87 3.69 6.33
CA HIS A 46 -0.77 4.29 7.07
C HIS A 46 0.57 3.77 6.56
N VAL A 47 1.46 4.68 6.21
CA VAL A 47 2.79 4.31 5.72
C VAL A 47 3.76 4.09 6.86
N THR A 48 4.16 2.84 7.06
CA THR A 48 5.08 2.48 8.12
C THR A 48 6.53 2.74 7.70
N SER A 49 7.33 3.29 8.61
CA SER A 49 8.73 3.59 8.33
C SER A 49 9.62 2.41 8.72
N PRO A 50 10.77 2.30 8.06
CA PRO A 50 11.74 1.24 8.32
C PRO A 50 12.42 1.38 9.68
N SER A 51 12.00 2.40 10.43
CA SER A 51 12.58 2.64 11.75
C SER A 51 11.59 2.24 12.85
N GLY A 52 10.31 2.51 12.62
CA GLY A 52 9.29 2.16 13.60
C GLY A 52 8.15 3.17 13.61
N ARG A 53 8.41 4.37 13.11
CA ARG A 53 7.40 5.42 13.08
C ARG A 53 6.34 5.12 12.02
N VAL A 54 5.11 5.57 12.27
CA VAL A 54 4.02 5.34 11.34
C VAL A 54 3.28 6.65 11.04
N THR A 55 3.00 6.88 9.76
CA THR A 55 2.31 8.08 9.33
C THR A 55 0.86 7.78 8.95
N GLU A 56 0.15 8.79 8.46
CA GLU A 56 -1.24 8.63 8.06
C GLU A 56 -1.42 9.00 6.59
N ALA A 57 -2.22 8.20 5.89
CA ALA A 57 -2.49 8.44 4.48
C ALA A 57 -3.96 8.75 4.23
N GLU A 58 -4.27 9.30 3.07
CA GLU A 58 -5.64 9.64 2.72
C GLU A 58 -6.16 8.74 1.61
N ILE A 59 -7.47 8.50 1.62
CA ILE A 59 -8.09 7.64 0.61
C ILE A 59 -9.14 8.41 -0.19
N VAL A 60 -8.89 8.59 -1.48
CA VAL A 60 -9.81 9.30 -2.35
C VAL A 60 -10.78 8.34 -3.03
N PRO A 61 -12.07 8.72 -3.02
CA PRO A 61 -13.13 7.91 -3.62
C PRO A 61 -13.04 7.87 -5.14
N MET A 62 -13.07 6.67 -5.71
CA MET A 62 -13.00 6.50 -7.16
C MET A 62 -14.22 5.76 -7.68
N GLY A 63 -14.32 4.48 -7.33
CA GLY A 63 -15.45 3.68 -7.78
C GLY A 63 -16.02 2.81 -6.67
N LYS A 64 -17.04 2.03 -7.00
CA LYS A 64 -17.67 1.13 -6.04
C LYS A 64 -16.66 0.18 -5.43
N ASN A 65 -15.66 -0.21 -6.22
CA ASN A 65 -14.62 -1.12 -5.76
C ASN A 65 -13.23 -0.58 -6.10
N SER A 66 -13.09 0.74 -6.10
CA SER A 66 -11.83 1.38 -6.41
C SER A 66 -11.44 2.38 -5.33
N HIS A 67 -10.14 2.54 -5.13
CA HIS A 67 -9.63 3.47 -4.12
C HIS A 67 -8.26 4.01 -4.52
N CYS A 68 -8.00 5.27 -4.19
CA CYS A 68 -6.74 5.91 -4.51
C CYS A 68 -6.13 6.56 -3.28
N VAL A 69 -5.01 6.01 -2.82
CA VAL A 69 -4.33 6.54 -1.65
C VAL A 69 -3.13 7.41 -2.04
N ARG A 70 -3.25 8.71 -1.82
CA ARG A 70 -2.19 9.65 -2.16
C ARG A 70 -1.39 10.03 -0.91
N PHE A 71 -0.08 9.78 -0.96
CA PHE A 71 0.80 10.11 0.16
C PHE A 71 2.24 10.25 -0.31
N VAL A 72 3.09 10.79 0.56
CA VAL A 72 4.50 10.98 0.25
C VAL A 72 5.37 9.96 0.97
N PRO A 73 5.63 8.82 0.32
CA PRO A 73 6.45 7.75 0.89
C PRO A 73 7.92 8.13 0.98
N GLN A 74 8.25 8.89 2.02
CA GLN A 74 9.64 9.33 2.23
C GLN A 74 10.19 8.79 3.54
N GLU A 75 11.17 7.90 3.45
CA GLU A 75 11.79 7.31 4.62
C GLU A 75 13.29 7.14 4.43
N MET A 76 13.96 6.62 5.46
CA MET A 76 15.40 6.42 5.40
C MET A 76 15.73 4.99 4.97
N GLY A 77 14.72 4.29 4.45
CA GLY A 77 14.92 2.92 4.01
C GLY A 77 13.77 2.40 3.18
N VAL A 78 13.37 1.16 3.43
CA VAL A 78 12.26 0.55 2.69
C VAL A 78 10.93 1.08 3.17
N HIS A 79 9.99 1.26 2.23
CA HIS A 79 8.67 1.76 2.56
C HIS A 79 7.63 0.64 2.50
N THR A 80 6.72 0.64 3.47
CA THR A 80 5.67 -0.38 3.53
C THR A 80 4.32 0.23 3.85
N VAL A 81 3.31 -0.07 3.04
CA VAL A 81 1.97 0.45 3.26
C VAL A 81 1.12 -0.54 4.04
N SER A 82 0.80 -0.18 5.28
CA SER A 82 -0.01 -1.04 6.14
C SER A 82 -1.50 -0.78 5.91
N VAL A 83 -2.14 -1.70 5.19
CA VAL A 83 -3.56 -1.59 4.90
C VAL A 83 -4.38 -2.61 5.69
N LYS A 84 -5.19 -2.12 6.62
CA LYS A 84 -6.02 -3.00 7.44
C LYS A 84 -7.50 -2.67 7.25
N TYR A 85 -8.36 -3.62 7.62
CA TYR A 85 -9.80 -3.44 7.49
C TYR A 85 -10.52 -3.80 8.78
N ARG A 86 -10.83 -2.79 9.59
CA ARG A 86 -11.52 -3.00 10.85
C ARG A 86 -10.69 -3.89 11.77
N GLY A 87 -9.36 -3.76 11.69
CA GLY A 87 -8.49 -4.57 12.52
C GLY A 87 -8.14 -5.89 11.89
N GLN A 88 -7.65 -5.84 10.65
CA GLN A 88 -7.28 -7.05 9.93
C GLN A 88 -6.50 -6.71 8.66
N HIS A 89 -5.33 -7.30 8.52
CA HIS A 89 -4.48 -7.06 7.35
C HIS A 89 -5.12 -7.64 6.09
N VAL A 90 -5.34 -6.78 5.09
CA VAL A 90 -5.93 -7.21 3.83
C VAL A 90 -4.99 -8.11 3.06
N THR A 91 -5.46 -8.58 1.89
CA THR A 91 -4.65 -9.46 1.05
C THR A 91 -3.28 -8.85 0.77
N GLY A 92 -2.26 -9.69 0.79
CA GLY A 92 -0.91 -9.22 0.54
C GLY A 92 -0.58 -7.96 1.33
N SER A 93 -1.00 -7.92 2.59
CA SER A 93 -0.74 -6.77 3.45
C SER A 93 0.07 -7.18 4.68
N PRO A 94 0.98 -6.29 5.10
CA PRO A 94 1.19 -5.01 4.43
C PRO A 94 1.85 -5.16 3.06
N PHE A 95 2.05 -4.05 2.37
CA PHE A 95 2.66 -4.07 1.04
C PHE A 95 4.04 -3.43 1.07
N GLN A 96 5.07 -4.24 0.90
CA GLN A 96 6.44 -3.76 0.90
C GLN A 96 6.85 -3.26 -0.49
N PHE A 97 7.49 -2.10 -0.53
CA PHE A 97 7.94 -1.51 -1.79
C PHE A 97 9.12 -0.58 -1.56
N THR A 98 10.09 -0.63 -2.47
CA THR A 98 11.27 0.21 -2.37
C THR A 98 11.09 1.51 -3.18
N VAL A 99 11.67 2.59 -2.67
CA VAL A 99 11.58 3.89 -3.35
C VAL A 99 12.96 4.40 -3.74
N GLY A 100 12.99 5.35 -4.66
CA GLY A 100 14.25 5.92 -5.11
C GLY A 100 14.08 7.30 -5.71
N PRO A 101 15.10 8.16 -5.52
CA PRO A 101 15.09 9.52 -6.03
C PRO A 101 15.21 9.58 -7.55
N LEU A 102 14.56 10.56 -8.17
CA LEU A 102 14.60 10.70 -9.61
C LEU A 102 16.01 11.02 -10.09
N GLY A 103 16.19 11.08 -11.41
CA GLY A 103 17.50 11.37 -11.97
C GLY A 103 17.97 10.30 -12.93
N GLU A 104 18.35 9.15 -12.39
CA GLU A 104 18.83 8.04 -13.22
C GLU A 104 17.69 7.44 -14.03
N GLY A 105 17.90 7.34 -15.34
CA GLY A 105 16.88 6.78 -16.22
C GLY A 105 17.47 6.14 -17.46
N GLY A 106 16.90 6.48 -18.62
CA GLY A 106 17.38 5.94 -19.87
C GLY A 106 16.34 5.98 -20.97
N GLY A 1 -6.60 -13.43 34.26
CA GLY A 1 -5.66 -12.91 33.28
C GLY A 1 -6.28 -11.91 32.35
N SER A 2 -5.46 -10.99 31.85
CA SER A 2 -5.94 -9.94 30.94
C SER A 2 -4.93 -9.67 29.84
N SER A 3 -5.42 -9.61 28.60
CA SER A 3 -4.56 -9.37 27.45
C SER A 3 -5.31 -8.64 26.35
N GLY A 4 -4.62 -8.35 25.26
CA GLY A 4 -5.24 -7.65 24.14
C GLY A 4 -4.37 -7.65 22.90
N SER A 5 -4.49 -8.70 22.10
CA SER A 5 -3.71 -8.81 20.87
C SER A 5 -4.13 -7.76 19.85
N SER A 6 -5.44 -7.73 19.56
CA SER A 6 -5.98 -6.78 18.59
C SER A 6 -5.00 -6.56 17.44
N GLY A 7 -4.45 -7.65 16.92
CA GLY A 7 -3.50 -7.55 15.83
C GLY A 7 -2.07 -7.46 16.30
N ARG A 8 -1.40 -6.35 16.00
CA ARG A 8 -0.02 -6.14 16.40
C ARG A 8 0.77 -7.45 16.30
N VAL A 9 0.56 -8.18 15.21
CA VAL A 9 1.26 -9.44 14.99
C VAL A 9 1.61 -9.63 13.52
N LYS A 10 2.83 -10.08 13.27
CA LYS A 10 3.30 -10.30 11.90
C LYS A 10 3.85 -11.71 11.74
N GLU A 11 3.44 -12.38 10.67
CA GLU A 11 3.89 -13.74 10.40
C GLU A 11 5.09 -13.74 9.47
N SER A 12 4.88 -13.27 8.24
CA SER A 12 5.95 -13.21 7.25
C SER A 12 7.10 -12.34 7.73
N ILE A 13 8.31 -12.69 7.33
CA ILE A 13 9.49 -11.94 7.72
C ILE A 13 10.46 -11.77 6.56
N THR A 14 10.79 -10.53 6.24
CA THR A 14 11.69 -10.22 5.14
C THR A 14 11.40 -11.10 3.93
N ARG A 15 10.12 -11.40 3.72
CA ARG A 15 9.70 -12.24 2.60
C ARG A 15 8.99 -11.39 1.54
N THR A 16 9.75 -10.93 0.55
CA THR A 16 9.21 -10.12 -0.52
C THR A 16 9.38 -10.79 -1.87
N SER A 17 8.70 -10.27 -2.89
CA SER A 17 8.78 -10.83 -4.23
C SER A 17 9.39 -9.83 -5.21
N ARG A 18 9.58 -10.25 -6.44
CA ARG A 18 10.16 -9.39 -7.47
C ARG A 18 9.07 -8.75 -8.33
N ALA A 19 9.32 -7.54 -8.80
CA ALA A 19 8.36 -6.82 -9.63
C ALA A 19 8.94 -5.51 -10.12
N PRO A 20 8.58 -5.13 -11.36
CA PRO A 20 9.05 -3.89 -11.98
C PRO A 20 8.46 -2.65 -11.33
N SER A 21 7.63 -2.86 -10.31
CA SER A 21 6.99 -1.76 -9.60
C SER A 21 8.03 -0.93 -8.84
N VAL A 22 8.31 0.26 -9.34
CA VAL A 22 9.29 1.14 -8.70
C VAL A 22 8.60 2.34 -8.07
N ALA A 23 9.34 3.07 -7.24
CA ALA A 23 8.80 4.25 -6.56
C ALA A 23 9.89 5.30 -6.33
N THR A 24 9.47 6.51 -6.00
CA THR A 24 10.40 7.60 -5.76
C THR A 24 10.13 8.26 -4.41
N VAL A 25 10.97 9.24 -4.07
CA VAL A 25 10.83 9.95 -2.81
C VAL A 25 10.66 11.45 -3.03
N GLY A 26 9.67 12.05 -2.36
CA GLY A 26 9.43 13.47 -2.50
C GLY A 26 8.42 13.78 -3.60
N SER A 27 7.46 12.88 -3.78
CA SER A 27 6.43 13.06 -4.81
C SER A 27 5.14 12.36 -4.40
N ILE A 28 4.02 12.87 -4.91
CA ILE A 28 2.72 12.30 -4.61
C ILE A 28 2.46 11.03 -5.42
N CYS A 29 2.64 9.88 -4.78
CA CYS A 29 2.43 8.60 -5.44
C CYS A 29 0.97 8.17 -5.36
N ASP A 30 0.46 7.61 -6.45
CA ASP A 30 -0.93 7.17 -6.50
C ASP A 30 -1.01 5.65 -6.37
N LEU A 31 -1.47 5.18 -5.21
CA LEU A 31 -1.59 3.76 -4.95
C LEU A 31 -3.03 3.29 -5.18
N ASN A 32 -3.27 2.65 -6.32
CA ASN A 32 -4.60 2.16 -6.66
C ASN A 32 -4.84 0.77 -6.05
N LEU A 33 -5.97 0.62 -5.38
CA LEU A 33 -6.31 -0.66 -4.75
C LEU A 33 -7.76 -1.04 -5.05
N LYS A 34 -7.94 -2.22 -5.64
CA LYS A 34 -9.28 -2.70 -5.99
C LYS A 34 -10.01 -3.21 -4.74
N ILE A 35 -10.68 -2.30 -4.05
CA ILE A 35 -11.42 -2.66 -2.84
C ILE A 35 -12.92 -2.80 -3.13
N PRO A 36 -13.53 -3.84 -2.54
CA PRO A 36 -14.97 -4.11 -2.73
C PRO A 36 -15.85 -3.06 -2.04
N GLU A 37 -17.12 -3.39 -1.88
CA GLU A 37 -18.06 -2.48 -1.24
C GLU A 37 -17.48 -1.90 0.05
N ILE A 38 -16.48 -2.58 0.60
CA ILE A 38 -15.83 -2.13 1.82
C ILE A 38 -15.73 -0.62 1.86
N ASN A 39 -16.26 -0.02 2.93
CA ASN A 39 -16.23 1.44 3.09
C ASN A 39 -14.81 1.91 3.42
N SER A 40 -14.50 3.14 3.00
CA SER A 40 -13.18 3.72 3.25
C SER A 40 -12.96 3.93 4.75
N SER A 41 -14.05 4.19 5.47
CA SER A 41 -13.98 4.43 6.91
C SER A 41 -13.62 3.14 7.65
N ASP A 42 -14.07 2.01 7.11
CA ASP A 42 -13.81 0.72 7.73
C ASP A 42 -12.36 0.30 7.51
N MET A 43 -11.72 0.90 6.50
CA MET A 43 -10.34 0.58 6.18
C MET A 43 -9.39 1.61 6.80
N SER A 44 -8.09 1.33 6.73
CA SER A 44 -7.08 2.24 7.29
C SER A 44 -5.75 2.05 6.59
N ALA A 45 -5.15 3.15 6.16
CA ALA A 45 -3.86 3.12 5.48
C ALA A 45 -2.81 3.93 6.24
N HIS A 46 -1.67 3.30 6.50
CA HIS A 46 -0.59 3.96 7.22
C HIS A 46 0.76 3.45 6.75
N VAL A 47 1.66 4.38 6.42
CA VAL A 47 2.99 4.03 5.96
C VAL A 47 3.99 3.99 7.11
N THR A 48 4.48 2.79 7.42
CA THR A 48 5.45 2.62 8.50
C THR A 48 6.87 2.79 8.01
N SER A 49 7.57 3.80 8.53
CA SER A 49 8.94 4.06 8.14
C SER A 49 9.90 3.05 8.77
N PRO A 50 11.03 2.80 8.09
CA PRO A 50 12.04 1.84 8.56
C PRO A 50 12.78 2.35 9.79
N SER A 51 12.42 3.55 10.24
CA SER A 51 13.04 4.14 11.42
C SER A 51 12.19 3.92 12.67
N GLY A 52 10.92 3.57 12.45
CA GLY A 52 10.02 3.34 13.57
C GLY A 52 8.93 4.37 13.66
N ARG A 53 8.56 4.94 12.52
CA ARG A 53 7.51 5.96 12.49
C ARG A 53 6.29 5.46 11.73
N VAL A 54 5.12 6.03 12.05
CA VAL A 54 3.88 5.63 11.40
C VAL A 54 3.12 6.84 10.89
N THR A 55 2.95 6.92 9.58
CA THR A 55 2.23 8.03 8.96
C THR A 55 0.89 7.57 8.38
N GLU A 56 -0.14 8.39 8.59
CA GLU A 56 -1.47 8.07 8.09
C GLU A 56 -1.65 8.56 6.66
N ALA A 57 -2.29 7.74 5.83
CA ALA A 57 -2.53 8.09 4.44
C ALA A 57 -4.00 8.40 4.19
N GLU A 58 -4.29 9.04 3.07
CA GLU A 58 -5.66 9.40 2.72
C GLU A 58 -6.17 8.52 1.57
N ILE A 59 -7.46 8.22 1.61
CA ILE A 59 -8.07 7.39 0.57
C ILE A 59 -9.16 8.15 -0.17
N VAL A 60 -8.82 8.66 -1.35
CA VAL A 60 -9.78 9.42 -2.16
C VAL A 60 -10.83 8.49 -2.77
N PRO A 61 -12.10 8.90 -2.66
CA PRO A 61 -13.22 8.13 -3.21
C PRO A 61 -13.24 8.11 -4.73
N MET A 62 -13.08 6.93 -5.31
CA MET A 62 -13.08 6.78 -6.75
C MET A 62 -14.50 6.51 -7.28
N GLY A 63 -15.18 5.56 -6.64
CA GLY A 63 -16.53 5.22 -7.05
C GLY A 63 -17.25 4.38 -6.02
N LYS A 64 -17.69 3.19 -6.43
CA LYS A 64 -18.40 2.29 -5.54
C LYS A 64 -17.47 1.21 -4.99
N ASN A 65 -16.69 0.59 -5.88
CA ASN A 65 -15.75 -0.45 -5.49
C ASN A 65 -14.33 -0.07 -5.87
N SER A 66 -14.08 1.23 -5.99
CA SER A 66 -12.76 1.72 -6.36
C SER A 66 -12.28 2.78 -5.36
N HIS A 67 -10.97 2.83 -5.15
CA HIS A 67 -10.39 3.78 -4.22
C HIS A 67 -8.95 4.12 -4.62
N CYS A 68 -8.58 5.39 -4.47
CA CYS A 68 -7.24 5.84 -4.82
C CYS A 68 -6.57 6.50 -3.62
N VAL A 69 -5.31 6.12 -3.37
CA VAL A 69 -4.56 6.68 -2.26
C VAL A 69 -3.40 7.53 -2.75
N ARG A 70 -3.20 8.69 -2.13
CA ARG A 70 -2.12 9.59 -2.50
C ARG A 70 -1.33 10.04 -1.28
N PHE A 71 -0.02 9.84 -1.33
CA PHE A 71 0.86 10.22 -0.24
C PHE A 71 2.30 10.37 -0.71
N VAL A 72 3.14 10.95 0.14
CA VAL A 72 4.55 11.16 -0.19
C VAL A 72 5.43 10.16 0.55
N PRO A 73 5.72 9.02 -0.11
CA PRO A 73 6.56 7.97 0.46
C PRO A 73 8.02 8.39 0.58
N GLN A 74 8.35 9.10 1.66
CA GLN A 74 9.71 9.57 1.88
C GLN A 74 10.28 8.97 3.17
N GLU A 75 11.28 8.12 3.02
CA GLU A 75 11.92 7.48 4.18
C GLU A 75 13.42 7.31 3.94
N MET A 76 14.10 6.75 4.94
CA MET A 76 15.54 6.53 4.84
C MET A 76 15.84 5.08 4.51
N GLY A 77 14.80 4.29 4.24
CA GLY A 77 14.99 2.90 3.91
C GLY A 77 13.84 2.34 3.08
N VAL A 78 13.28 1.22 3.52
CA VAL A 78 12.18 0.59 2.82
C VAL A 78 10.84 1.13 3.31
N HIS A 79 9.89 1.29 2.39
CA HIS A 79 8.57 1.80 2.72
C HIS A 79 7.56 0.66 2.84
N THR A 80 6.81 0.64 3.93
CA THR A 80 5.81 -0.39 4.16
C THR A 80 4.45 0.22 4.46
N VAL A 81 3.43 -0.24 3.73
CA VAL A 81 2.07 0.26 3.91
C VAL A 81 1.21 -0.77 4.62
N SER A 82 0.78 -0.43 5.84
CA SER A 82 -0.05 -1.33 6.63
C SER A 82 -1.53 -1.11 6.32
N VAL A 83 -2.06 -1.88 5.38
CA VAL A 83 -3.45 -1.77 4.99
C VAL A 83 -4.29 -2.88 5.62
N LYS A 84 -5.12 -2.50 6.58
CA LYS A 84 -5.98 -3.47 7.27
C LYS A 84 -7.45 -3.13 7.06
N TYR A 85 -8.33 -4.05 7.43
CA TYR A 85 -9.77 -3.86 7.29
C TYR A 85 -10.50 -4.28 8.56
N ARG A 86 -10.74 -3.32 9.44
CA ARG A 86 -11.44 -3.59 10.69
C ARG A 86 -10.58 -4.43 11.62
N GLY A 87 -9.26 -4.32 11.46
CA GLY A 87 -8.35 -5.07 12.31
C GLY A 87 -7.92 -6.37 11.66
N GLN A 88 -7.65 -6.32 10.36
CA GLN A 88 -7.22 -7.51 9.62
C GLN A 88 -6.51 -7.12 8.33
N HIS A 89 -5.23 -7.48 8.24
CA HIS A 89 -4.44 -7.17 7.06
C HIS A 89 -5.09 -7.71 5.80
N VAL A 90 -5.23 -6.86 4.79
CA VAL A 90 -5.84 -7.24 3.53
C VAL A 90 -4.88 -8.05 2.66
N THR A 91 -5.34 -8.44 1.49
CA THR A 91 -4.51 -9.22 0.56
C THR A 91 -3.18 -8.52 0.30
N GLY A 92 -2.11 -9.31 0.20
CA GLY A 92 -0.80 -8.74 -0.04
C GLY A 92 -0.41 -7.70 0.98
N SER A 93 -1.04 -7.74 2.14
CA SER A 93 -0.76 -6.78 3.20
C SER A 93 -0.05 -7.45 4.37
N PRO A 94 0.90 -6.71 4.98
CA PRO A 94 1.23 -5.35 4.56
C PRO A 94 1.94 -5.31 3.21
N PHE A 95 2.03 -4.12 2.63
CA PHE A 95 2.68 -3.95 1.34
C PHE A 95 4.11 -3.43 1.51
N GLN A 96 5.03 -4.02 0.77
CA GLN A 96 6.43 -3.63 0.85
C GLN A 96 6.97 -3.25 -0.53
N PHE A 97 7.54 -2.06 -0.65
CA PHE A 97 8.09 -1.59 -1.91
C PHE A 97 9.32 -0.72 -1.68
N THR A 98 10.29 -0.84 -2.58
CA THR A 98 11.53 -0.07 -2.47
C THR A 98 11.41 1.26 -3.21
N VAL A 99 12.00 2.30 -2.64
CA VAL A 99 11.96 3.63 -3.25
C VAL A 99 13.36 4.12 -3.59
N GLY A 100 13.45 5.01 -4.58
CA GLY A 100 14.74 5.53 -4.99
C GLY A 100 14.81 7.04 -4.85
N PRO A 101 16.03 7.54 -4.53
CA PRO A 101 16.25 8.98 -4.36
C PRO A 101 16.18 9.74 -5.68
N LEU A 102 16.61 11.00 -5.66
CA LEU A 102 16.59 11.84 -6.86
C LEU A 102 18.00 12.23 -7.28
N GLY A 103 18.11 12.92 -8.40
CA GLY A 103 19.40 13.35 -8.89
C GLY A 103 19.54 13.18 -10.39
N GLU A 104 20.58 12.47 -10.82
CA GLU A 104 20.81 12.24 -12.23
C GLU A 104 21.69 11.00 -12.45
N GLY A 105 21.13 10.03 -13.16
CA GLY A 105 21.87 8.80 -13.43
C GLY A 105 20.98 7.66 -13.88
N GLY A 106 20.06 7.97 -14.79
CA GLY A 106 19.15 6.97 -15.29
C GLY A 106 18.09 6.57 -14.27
N GLY A 1 -27.82 8.31 -24.30
CA GLY A 1 -26.73 7.35 -24.22
C GLY A 1 -26.81 6.50 -22.96
N SER A 2 -26.45 5.23 -23.09
CA SER A 2 -26.49 4.31 -21.96
C SER A 2 -25.32 3.33 -22.01
N SER A 3 -25.03 2.69 -20.88
CA SER A 3 -23.94 1.74 -20.80
C SER A 3 -24.45 0.35 -20.45
N GLY A 4 -25.26 0.27 -19.39
CA GLY A 4 -25.81 -1.01 -18.97
C GLY A 4 -24.79 -1.88 -18.27
N SER A 5 -25.20 -2.50 -17.17
CA SER A 5 -24.31 -3.35 -16.40
C SER A 5 -24.99 -4.67 -16.05
N SER A 6 -24.19 -5.70 -15.79
CA SER A 6 -24.71 -7.01 -15.45
C SER A 6 -23.94 -7.62 -14.28
N GLY A 7 -24.43 -8.75 -13.77
CA GLY A 7 -23.77 -9.41 -12.66
C GLY A 7 -22.97 -10.62 -13.11
N ARG A 8 -21.75 -10.38 -13.57
CA ARG A 8 -20.88 -11.46 -14.03
C ARG A 8 -19.75 -11.71 -13.04
N VAL A 9 -20.05 -12.50 -12.01
CA VAL A 9 -19.06 -12.82 -10.99
C VAL A 9 -17.81 -13.45 -11.59
N LYS A 10 -16.70 -12.73 -11.54
CA LYS A 10 -15.44 -13.22 -12.08
C LYS A 10 -14.63 -13.94 -11.01
N GLU A 11 -13.87 -14.95 -11.43
CA GLU A 11 -13.03 -15.71 -10.50
C GLU A 11 -11.55 -15.49 -10.79
N SER A 12 -10.91 -14.67 -9.98
CA SER A 12 -9.49 -14.37 -10.14
C SER A 12 -8.65 -15.11 -9.10
N ILE A 13 -7.71 -15.92 -9.57
CA ILE A 13 -6.84 -16.68 -8.68
C ILE A 13 -5.38 -16.25 -8.83
N THR A 14 -4.98 -15.24 -8.05
CA THR A 14 -3.62 -14.74 -8.10
C THR A 14 -2.86 -15.07 -6.82
N ARG A 15 -1.53 -15.05 -6.90
CA ARG A 15 -0.70 -15.34 -5.74
C ARG A 15 0.18 -14.15 -5.39
N THR A 16 0.93 -13.66 -6.38
CA THR A 16 1.83 -12.53 -6.18
C THR A 16 1.25 -11.27 -6.80
N SER A 17 1.56 -10.12 -6.20
CA SER A 17 1.07 -8.83 -6.70
C SER A 17 2.19 -8.06 -7.38
N ARG A 18 2.41 -8.34 -8.65
CA ARG A 18 3.45 -7.66 -9.42
C ARG A 18 2.84 -6.67 -10.41
N ALA A 19 3.60 -5.63 -10.74
CA ALA A 19 3.14 -4.61 -11.66
C ALA A 19 4.25 -3.61 -11.98
N PRO A 20 4.17 -2.99 -13.17
CA PRO A 20 5.16 -2.00 -13.61
C PRO A 20 5.08 -0.71 -12.81
N SER A 21 4.13 -0.64 -11.89
CA SER A 21 3.94 0.55 -11.06
C SER A 21 5.13 0.74 -10.12
N VAL A 22 5.92 1.78 -10.39
CA VAL A 22 7.08 2.09 -9.58
C VAL A 22 6.75 3.10 -8.49
N ALA A 23 7.71 3.37 -7.61
CA ALA A 23 7.51 4.31 -6.52
C ALA A 23 8.65 5.32 -6.46
N THR A 24 8.29 6.61 -6.49
CA THR A 24 9.28 7.68 -6.45
C THR A 24 9.34 8.32 -5.07
N VAL A 25 10.16 9.35 -4.93
CA VAL A 25 10.30 10.06 -3.66
C VAL A 25 9.99 11.54 -3.82
N GLY A 26 9.64 12.20 -2.72
CA GLY A 26 9.33 13.61 -2.76
C GLY A 26 8.27 13.94 -3.79
N SER A 27 7.19 13.17 -3.81
CA SER A 27 6.10 13.38 -4.75
C SER A 27 4.88 12.55 -4.38
N ILE A 28 3.72 12.98 -4.83
CA ILE A 28 2.48 12.27 -4.55
C ILE A 28 2.40 10.96 -5.33
N CYS A 29 2.56 9.85 -4.62
CA CYS A 29 2.50 8.53 -5.24
C CYS A 29 1.12 7.92 -5.12
N ASP A 30 0.42 7.82 -6.25
CA ASP A 30 -0.92 7.25 -6.27
C ASP A 30 -0.88 5.74 -6.17
N LEU A 31 -1.48 5.21 -5.10
CA LEU A 31 -1.50 3.76 -4.88
C LEU A 31 -2.89 3.20 -5.16
N ASN A 32 -3.04 2.56 -6.31
CA ASN A 32 -4.31 1.97 -6.70
C ASN A 32 -4.43 0.54 -6.19
N LEU A 33 -5.56 0.23 -5.56
CA LEU A 33 -5.79 -1.11 -5.02
C LEU A 33 -7.19 -1.61 -5.39
N LYS A 34 -7.32 -2.92 -5.53
CA LYS A 34 -8.60 -3.52 -5.89
C LYS A 34 -9.38 -3.90 -4.63
N ILE A 35 -10.39 -3.11 -4.30
CA ILE A 35 -11.21 -3.36 -3.13
C ILE A 35 -12.69 -3.46 -3.50
N PRO A 36 -13.39 -4.43 -2.90
CA PRO A 36 -14.82 -4.65 -3.15
C PRO A 36 -15.69 -3.54 -2.57
N GLU A 37 -16.99 -3.78 -2.51
CA GLU A 37 -17.92 -2.79 -1.98
C GLU A 37 -17.36 -2.13 -0.73
N ILE A 38 -16.46 -2.82 -0.05
CA ILE A 38 -15.84 -2.30 1.16
C ILE A 38 -15.65 -0.79 1.08
N ASN A 39 -15.96 -0.09 2.17
CA ASN A 39 -15.81 1.36 2.22
C ASN A 39 -14.46 1.76 2.81
N SER A 40 -14.15 3.04 2.75
CA SER A 40 -12.89 3.55 3.27
C SER A 40 -13.07 4.08 4.70
N SER A 41 -14.25 4.64 4.97
CA SER A 41 -14.55 5.18 6.28
C SER A 41 -14.38 4.13 7.37
N ASP A 42 -14.29 2.87 6.95
CA ASP A 42 -14.12 1.76 7.88
C ASP A 42 -12.73 1.16 7.77
N MET A 43 -12.02 1.53 6.71
CA MET A 43 -10.66 1.03 6.48
C MET A 43 -9.63 2.01 7.00
N SER A 44 -8.37 1.60 6.97
CA SER A 44 -7.28 2.45 7.44
C SER A 44 -6.04 2.28 6.57
N ALA A 45 -5.23 3.32 6.50
CA ALA A 45 -4.01 3.29 5.70
C ALA A 45 -2.88 4.06 6.38
N HIS A 46 -1.79 3.35 6.69
CA HIS A 46 -0.65 3.97 7.35
C HIS A 46 0.66 3.58 6.67
N VAL A 47 1.62 4.49 6.66
CA VAL A 47 2.91 4.22 6.04
C VAL A 47 4.02 4.14 7.08
N THR A 48 4.39 2.92 7.46
CA THR A 48 5.43 2.70 8.45
C THR A 48 6.81 3.03 7.88
N SER A 49 7.70 3.51 8.75
CA SER A 49 9.05 3.88 8.33
C SER A 49 10.07 2.86 8.84
N PRO A 50 11.19 2.74 8.11
CA PRO A 50 12.27 1.80 8.47
C PRO A 50 13.00 2.23 9.73
N SER A 51 12.54 3.32 10.35
CA SER A 51 13.17 3.83 11.56
C SER A 51 12.29 3.56 12.78
N GLY A 52 11.00 3.31 12.53
CA GLY A 52 10.08 3.03 13.62
C GLY A 52 8.90 3.99 13.62
N ARG A 53 9.02 5.09 12.89
CA ARG A 53 7.96 6.09 12.82
C ARG A 53 6.82 5.60 11.92
N VAL A 54 5.61 6.11 12.17
CA VAL A 54 4.45 5.73 11.39
C VAL A 54 3.63 6.96 11.00
N THR A 55 3.29 7.07 9.72
CA THR A 55 2.51 8.18 9.22
C THR A 55 1.14 7.72 8.72
N GLU A 56 0.16 8.63 8.77
CA GLU A 56 -1.19 8.31 8.33
C GLU A 56 -1.38 8.68 6.86
N ALA A 57 -2.12 7.85 6.14
CA ALA A 57 -2.38 8.08 4.73
C ALA A 57 -3.84 8.48 4.49
N GLU A 58 -4.11 9.03 3.31
CA GLU A 58 -5.46 9.45 2.96
C GLU A 58 -6.03 8.59 1.85
N ILE A 59 -7.35 8.38 1.87
CA ILE A 59 -8.02 7.57 0.86
C ILE A 59 -9.03 8.40 0.07
N VAL A 60 -8.64 8.80 -1.13
CA VAL A 60 -9.51 9.60 -1.99
C VAL A 60 -10.69 8.77 -2.49
N PRO A 61 -11.88 9.37 -2.43
CA PRO A 61 -13.12 8.70 -2.88
C PRO A 61 -13.17 8.53 -4.39
N MET A 62 -13.24 7.28 -4.85
CA MET A 62 -13.29 6.99 -6.27
C MET A 62 -14.63 6.37 -6.64
N GLY A 63 -14.84 5.13 -6.20
CA GLY A 63 -16.09 4.44 -6.50
C GLY A 63 -16.51 3.50 -5.37
N LYS A 64 -17.75 3.02 -5.45
CA LYS A 64 -18.28 2.13 -4.44
C LYS A 64 -17.29 1.00 -4.14
N ASN A 65 -16.53 0.59 -5.16
CA ASN A 65 -15.55 -0.47 -5.00
C ASN A 65 -14.19 -0.02 -5.49
N SER A 66 -13.96 1.29 -5.50
CA SER A 66 -12.69 1.85 -5.94
C SER A 66 -12.09 2.74 -4.86
N HIS A 67 -10.77 2.68 -4.72
CA HIS A 67 -10.07 3.48 -3.72
C HIS A 67 -8.67 3.85 -4.21
N CYS A 68 -8.30 5.12 -4.03
CA CYS A 68 -6.99 5.60 -4.45
C CYS A 68 -6.31 6.37 -3.32
N VAL A 69 -5.18 5.84 -2.85
CA VAL A 69 -4.44 6.48 -1.78
C VAL A 69 -3.32 7.35 -2.33
N ARG A 70 -3.12 8.52 -1.72
CA ARG A 70 -2.08 9.45 -2.16
C ARG A 70 -1.26 9.93 -0.97
N PHE A 71 0.06 9.73 -1.05
CA PHE A 71 0.96 10.14 0.02
C PHE A 71 2.39 10.25 -0.49
N VAL A 72 3.26 10.84 0.31
CA VAL A 72 4.66 11.02 -0.06
C VAL A 72 5.55 10.02 0.67
N PRO A 73 5.83 8.88 0.01
CA PRO A 73 6.67 7.82 0.58
C PRO A 73 8.13 8.23 0.69
N GLN A 74 8.46 8.98 1.73
CA GLN A 74 9.82 9.45 1.95
C GLN A 74 10.38 8.92 3.27
N GLU A 75 11.37 8.04 3.17
CA GLU A 75 11.99 7.45 4.36
C GLU A 75 13.49 7.26 4.15
N MET A 76 14.15 6.72 5.17
CA MET A 76 15.59 6.48 5.10
C MET A 76 15.88 5.02 4.76
N GLY A 77 14.90 4.34 4.19
CA GLY A 77 15.07 2.95 3.83
C GLY A 77 13.89 2.40 3.05
N VAL A 78 13.36 1.27 3.50
CA VAL A 78 12.22 0.64 2.84
C VAL A 78 10.90 1.17 3.40
N HIS A 79 9.88 1.21 2.55
CA HIS A 79 8.57 1.70 2.95
C HIS A 79 7.56 0.55 3.03
N THR A 80 6.84 0.47 4.14
CA THR A 80 5.86 -0.58 4.34
C THR A 80 4.47 0.01 4.62
N VAL A 81 3.53 -0.28 3.73
CA VAL A 81 2.17 0.23 3.88
C VAL A 81 1.28 -0.80 4.59
N SER A 82 0.59 -0.36 5.64
CA SER A 82 -0.28 -1.24 6.40
C SER A 82 -1.75 -0.94 6.09
N VAL A 83 -2.40 -1.86 5.40
CA VAL A 83 -3.80 -1.71 5.03
C VAL A 83 -4.66 -2.79 5.66
N LYS A 84 -5.31 -2.46 6.77
CA LYS A 84 -6.16 -3.42 7.48
C LYS A 84 -7.63 -3.02 7.35
N TYR A 85 -8.49 -4.01 7.24
CA TYR A 85 -9.93 -3.77 7.11
C TYR A 85 -10.66 -4.15 8.40
N ARG A 86 -10.83 -3.17 9.28
CA ARG A 86 -11.52 -3.40 10.55
C ARG A 86 -10.73 -4.37 11.42
N GLY A 87 -9.41 -4.24 11.39
CA GLY A 87 -8.58 -5.13 12.19
C GLY A 87 -8.27 -6.43 11.49
N GLN A 88 -7.96 -6.36 10.20
CA GLN A 88 -7.65 -7.55 9.41
C GLN A 88 -6.86 -7.18 8.16
N HIS A 89 -5.59 -7.58 8.13
CA HIS A 89 -4.73 -7.30 7.01
C HIS A 89 -5.33 -7.84 5.71
N VAL A 90 -5.43 -6.99 4.70
CA VAL A 90 -5.98 -7.39 3.42
C VAL A 90 -4.99 -8.23 2.62
N THR A 91 -5.38 -8.60 1.40
CA THR A 91 -4.52 -9.40 0.54
C THR A 91 -3.27 -8.63 0.15
N GLY A 92 -2.10 -9.21 0.43
CA GLY A 92 -0.85 -8.57 0.10
C GLY A 92 -0.45 -7.51 1.11
N SER A 93 -0.85 -7.71 2.36
CA SER A 93 -0.54 -6.75 3.42
C SER A 93 0.19 -7.45 4.57
N PRO A 94 1.16 -6.74 5.16
CA PRO A 94 1.52 -5.38 4.74
C PRO A 94 2.20 -5.37 3.37
N PHE A 95 2.16 -4.21 2.72
CA PHE A 95 2.77 -4.06 1.40
C PHE A 95 4.20 -3.55 1.51
N GLN A 96 5.07 -4.06 0.65
CA GLN A 96 6.47 -3.66 0.66
C GLN A 96 6.91 -3.16 -0.72
N PHE A 97 7.49 -1.96 -0.76
CA PHE A 97 7.95 -1.37 -2.01
C PHE A 97 9.16 -0.48 -1.77
N THR A 98 10.10 -0.51 -2.72
CA THR A 98 11.31 0.29 -2.62
C THR A 98 11.19 1.57 -3.44
N VAL A 99 11.53 2.70 -2.84
CA VAL A 99 11.47 3.98 -3.52
C VAL A 99 12.82 4.34 -4.15
N GLY A 100 12.79 5.27 -5.10
CA GLY A 100 14.02 5.68 -5.77
C GLY A 100 14.49 7.04 -5.32
N PRO A 101 15.82 7.23 -5.29
CA PRO A 101 16.44 8.49 -4.87
C PRO A 101 16.21 9.61 -5.88
N LEU A 102 16.48 10.84 -5.47
CA LEU A 102 16.31 12.00 -6.34
C LEU A 102 17.51 12.18 -7.26
N GLY A 103 17.27 12.13 -8.56
CA GLY A 103 18.34 12.29 -9.52
C GLY A 103 17.83 12.57 -10.92
N GLU A 104 18.47 13.51 -11.61
CA GLU A 104 18.06 13.87 -12.97
C GLU A 104 18.45 12.77 -13.96
N GLY A 105 17.70 12.68 -15.05
CA GLY A 105 17.96 11.67 -16.05
C GLY A 105 18.32 10.33 -15.44
N GLY A 106 19.60 9.94 -15.57
CA GLY A 106 20.05 8.68 -15.02
C GLY A 106 19.44 7.49 -15.74
N GLY A 1 -15.00 6.94 -32.29
CA GLY A 1 -16.02 6.43 -31.39
C GLY A 1 -15.46 6.01 -30.05
N SER A 2 -16.32 5.56 -29.15
CA SER A 2 -15.91 5.13 -27.82
C SER A 2 -17.07 4.49 -27.06
N SER A 3 -16.82 3.30 -26.50
CA SER A 3 -17.85 2.58 -25.75
C SER A 3 -17.23 1.47 -24.92
N GLY A 4 -17.91 1.09 -23.84
CA GLY A 4 -17.41 0.04 -22.98
C GLY A 4 -18.46 -0.46 -22.02
N SER A 5 -19.45 -1.19 -22.54
CA SER A 5 -20.52 -1.73 -21.72
C SER A 5 -21.38 -2.70 -22.52
N SER A 6 -21.55 -3.91 -22.00
CA SER A 6 -22.35 -4.93 -22.67
C SER A 6 -23.52 -5.37 -21.79
N GLY A 7 -24.49 -6.04 -22.41
CA GLY A 7 -25.65 -6.50 -21.67
C GLY A 7 -26.42 -5.36 -21.03
N ARG A 8 -27.39 -5.70 -20.19
CA ARG A 8 -28.20 -4.70 -19.52
C ARG A 8 -27.53 -4.24 -18.22
N VAL A 9 -26.60 -3.30 -18.33
CA VAL A 9 -25.88 -2.78 -17.17
C VAL A 9 -25.49 -3.91 -16.22
N LYS A 10 -25.07 -5.03 -16.78
CA LYS A 10 -24.66 -6.18 -15.98
C LYS A 10 -23.20 -6.53 -16.22
N GLU A 11 -22.32 -5.54 -16.07
CA GLU A 11 -20.90 -5.75 -16.28
C GLU A 11 -20.18 -5.91 -14.95
N SER A 12 -18.93 -6.38 -15.01
CA SER A 12 -18.12 -6.60 -13.81
C SER A 12 -16.69 -6.14 -14.02
N ILE A 13 -16.08 -5.61 -12.97
CA ILE A 13 -14.70 -5.14 -13.04
C ILE A 13 -13.76 -6.05 -12.26
N THR A 14 -13.02 -6.89 -12.98
CA THR A 14 -12.08 -7.81 -12.34
C THR A 14 -10.81 -7.95 -13.17
N ARG A 15 -9.70 -7.45 -12.64
CA ARG A 15 -8.42 -7.52 -13.33
C ARG A 15 -7.58 -8.67 -12.80
N THR A 16 -7.37 -8.69 -11.48
CA THR A 16 -6.59 -9.75 -10.85
C THR A 16 -5.17 -9.79 -11.41
N SER A 17 -4.60 -8.61 -11.65
CA SER A 17 -3.25 -8.53 -12.20
C SER A 17 -2.34 -7.74 -11.26
N ARG A 18 -1.36 -8.44 -10.67
CA ARG A 18 -0.42 -7.81 -9.75
C ARG A 18 0.81 -7.30 -10.50
N ALA A 19 0.68 -6.12 -11.09
CA ALA A 19 1.79 -5.52 -11.83
C ALA A 19 2.54 -4.51 -10.97
N PRO A 20 3.86 -4.42 -11.18
CA PRO A 20 4.72 -3.50 -10.44
C PRO A 20 4.48 -2.04 -10.81
N SER A 21 4.74 -1.15 -9.88
CA SER A 21 4.55 0.28 -10.11
C SER A 21 5.77 1.08 -9.66
N VAL A 22 6.11 2.12 -10.42
CA VAL A 22 7.26 2.96 -10.10
C VAL A 22 6.95 3.87 -8.92
N ALA A 23 7.72 3.72 -7.85
CA ALA A 23 7.54 4.53 -6.65
C ALA A 23 8.51 5.70 -6.64
N THR A 24 7.98 6.89 -6.35
CA THR A 24 8.80 8.09 -6.31
C THR A 24 8.97 8.59 -4.87
N VAL A 25 10.02 9.37 -4.63
CA VAL A 25 10.30 9.90 -3.31
C VAL A 25 10.15 11.41 -3.28
N GLY A 26 9.50 11.93 -2.25
CA GLY A 26 9.30 13.37 -2.13
C GLY A 26 8.22 13.89 -3.06
N SER A 27 7.17 13.10 -3.23
CA SER A 27 6.05 13.48 -4.10
C SER A 27 4.79 12.71 -3.75
N ILE A 28 3.68 13.07 -4.38
CA ILE A 28 2.41 12.41 -4.14
C ILE A 28 2.30 11.11 -4.93
N CYS A 29 2.62 9.99 -4.28
CA CYS A 29 2.56 8.69 -4.92
C CYS A 29 1.17 8.07 -4.78
N ASP A 30 0.57 7.71 -5.91
CA ASP A 30 -0.76 7.12 -5.91
C ASP A 30 -0.68 5.60 -5.85
N LEU A 31 -1.35 5.00 -4.87
CA LEU A 31 -1.35 3.56 -4.71
C LEU A 31 -2.74 2.98 -4.96
N ASN A 32 -2.96 2.49 -6.18
CA ASN A 32 -4.24 1.91 -6.55
C ASN A 32 -4.39 0.51 -5.97
N LEU A 33 -5.54 0.26 -5.34
CA LEU A 33 -5.81 -1.05 -4.74
C LEU A 33 -7.21 -1.54 -5.11
N LYS A 34 -7.29 -2.77 -5.59
CA LYS A 34 -8.56 -3.37 -5.98
C LYS A 34 -9.36 -3.78 -4.74
N ILE A 35 -10.21 -2.89 -4.26
CA ILE A 35 -11.04 -3.16 -3.10
C ILE A 35 -12.52 -3.19 -3.46
N PRO A 36 -13.25 -4.15 -2.89
CA PRO A 36 -14.69 -4.30 -3.14
C PRO A 36 -15.52 -3.19 -2.52
N GLU A 37 -16.82 -3.41 -2.40
CA GLU A 37 -17.71 -2.41 -1.82
C GLU A 37 -17.15 -1.87 -0.51
N ILE A 38 -16.24 -2.63 0.10
CA ILE A 38 -15.63 -2.23 1.35
C ILE A 38 -15.41 -0.73 1.41
N ASN A 39 -16.24 -0.04 2.19
CA ASN A 39 -16.14 1.41 2.33
C ASN A 39 -14.80 1.79 2.97
N SER A 40 -14.39 3.04 2.73
CA SER A 40 -13.13 3.54 3.28
C SER A 40 -13.29 3.90 4.76
N SER A 41 -14.50 4.30 5.13
CA SER A 41 -14.78 4.69 6.51
C SER A 41 -14.48 3.53 7.47
N ASP A 42 -14.30 2.34 6.91
CA ASP A 42 -14.01 1.16 7.71
C ASP A 42 -12.58 0.67 7.46
N MET A 43 -11.89 1.33 6.54
CA MET A 43 -10.52 0.96 6.21
C MET A 43 -9.54 1.94 6.84
N SER A 44 -8.26 1.58 6.82
CA SER A 44 -7.21 2.42 7.39
C SER A 44 -5.88 2.22 6.66
N ALA A 45 -5.30 3.32 6.19
CA ALA A 45 -4.04 3.27 5.47
C ALA A 45 -2.97 4.11 6.18
N HIS A 46 -1.85 3.47 6.50
CA HIS A 46 -0.75 4.16 7.17
C HIS A 46 0.59 3.75 6.58
N VAL A 47 1.52 4.70 6.51
CA VAL A 47 2.85 4.43 5.95
C VAL A 47 3.89 4.33 7.07
N THR A 48 4.44 3.14 7.25
CA THR A 48 5.45 2.92 8.28
C THR A 48 6.84 3.27 7.77
N SER A 49 7.74 3.61 8.69
CA SER A 49 9.10 3.97 8.34
C SER A 49 10.08 2.86 8.71
N PRO A 50 11.20 2.78 7.98
CA PRO A 50 12.23 1.77 8.23
C PRO A 50 12.98 2.01 9.53
N SER A 51 12.59 3.04 10.25
CA SER A 51 13.23 3.39 11.52
C SER A 51 12.28 3.14 12.69
N GLY A 52 10.99 3.00 12.39
CA GLY A 52 10.01 2.76 13.43
C GLY A 52 8.87 3.77 13.39
N ARG A 53 9.17 4.97 12.90
CA ARG A 53 8.16 6.02 12.80
C ARG A 53 7.01 5.61 11.89
N VAL A 54 5.81 6.06 12.21
CA VAL A 54 4.63 5.74 11.42
C VAL A 54 3.90 7.00 10.97
N THR A 55 3.40 7.00 9.74
CA THR A 55 2.67 8.15 9.20
C THR A 55 1.23 7.79 8.89
N GLU A 56 0.45 8.78 8.47
CA GLU A 56 -0.95 8.57 8.15
C GLU A 56 -1.20 8.82 6.66
N ALA A 57 -2.23 8.15 6.12
CA ALA A 57 -2.57 8.30 4.71
C ALA A 57 -4.07 8.55 4.55
N GLU A 58 -4.44 9.08 3.38
CA GLU A 58 -5.84 9.36 3.09
C GLU A 58 -6.32 8.58 1.87
N ILE A 59 -7.59 8.22 1.86
CA ILE A 59 -8.17 7.47 0.75
C ILE A 59 -9.18 8.32 -0.01
N VAL A 60 -9.12 8.25 -1.34
CA VAL A 60 -10.03 9.02 -2.19
C VAL A 60 -10.90 8.08 -3.02
N PRO A 61 -12.22 8.37 -3.05
CA PRO A 61 -13.19 7.58 -3.82
C PRO A 61 -13.02 7.73 -5.32
N MET A 62 -12.34 6.77 -5.94
CA MET A 62 -12.11 6.80 -7.38
C MET A 62 -13.33 6.31 -8.13
N GLY A 63 -13.77 5.09 -7.83
CA GLY A 63 -14.93 4.53 -8.49
C GLY A 63 -15.39 3.22 -7.87
N LYS A 64 -16.37 2.58 -8.49
CA LYS A 64 -16.89 1.32 -7.97
C LYS A 64 -15.76 0.39 -7.57
N ASN A 65 -15.84 -0.11 -6.33
CA ASN A 65 -14.82 -1.03 -5.82
C ASN A 65 -13.42 -0.53 -6.16
N SER A 66 -13.26 0.80 -6.21
CA SER A 66 -11.97 1.41 -6.52
C SER A 66 -11.60 2.45 -5.48
N HIS A 67 -10.35 2.38 -5.00
CA HIS A 67 -9.87 3.31 -4.00
C HIS A 67 -8.42 3.71 -4.28
N CYS A 68 -8.11 4.98 -4.07
CA CYS A 68 -6.76 5.49 -4.32
C CYS A 68 -6.18 6.10 -3.05
N VAL A 69 -4.89 5.86 -2.82
CA VAL A 69 -4.21 6.37 -1.63
C VAL A 69 -3.11 7.35 -2.02
N ARG A 70 -3.29 8.62 -1.63
CA ARG A 70 -2.31 9.65 -1.94
C ARG A 70 -1.50 10.00 -0.70
N PHE A 71 -0.18 9.81 -0.79
CA PHE A 71 0.71 10.13 0.33
C PHE A 71 2.14 10.36 -0.16
N VAL A 72 2.98 10.89 0.72
CA VAL A 72 4.37 11.17 0.37
C VAL A 72 5.30 10.13 1.00
N PRO A 73 5.59 9.06 0.24
CA PRO A 73 6.48 7.99 0.70
C PRO A 73 7.93 8.43 0.81
N GLN A 74 8.29 9.04 1.93
CA GLN A 74 9.65 9.52 2.14
C GLN A 74 10.27 8.84 3.36
N GLU A 75 11.29 8.02 3.12
CA GLU A 75 11.97 7.31 4.20
C GLU A 75 13.46 7.20 3.91
N MET A 76 14.19 6.58 4.83
CA MET A 76 15.63 6.41 4.68
C MET A 76 15.98 4.95 4.38
N GLY A 77 14.96 4.14 4.13
CA GLY A 77 15.18 2.74 3.83
C GLY A 77 14.10 2.15 2.95
N VAL A 78 13.31 1.25 3.50
CA VAL A 78 12.22 0.62 2.76
C VAL A 78 10.86 1.10 3.24
N HIS A 79 9.95 1.30 2.30
CA HIS A 79 8.60 1.75 2.63
C HIS A 79 7.64 0.57 2.81
N THR A 80 6.90 0.59 3.90
CA THR A 80 5.95 -0.48 4.19
C THR A 80 4.57 0.08 4.51
N VAL A 81 3.62 -0.14 3.61
CA VAL A 81 2.26 0.34 3.79
C VAL A 81 1.41 -0.68 4.54
N SER A 82 0.85 -0.27 5.67
CA SER A 82 0.02 -1.16 6.48
C SER A 82 -1.46 -0.83 6.29
N VAL A 83 -2.15 -1.69 5.55
CA VAL A 83 -3.58 -1.49 5.30
C VAL A 83 -4.41 -2.56 5.98
N LYS A 84 -5.20 -2.16 6.97
CA LYS A 84 -6.04 -3.09 7.71
C LYS A 84 -7.52 -2.76 7.51
N TYR A 85 -8.34 -3.80 7.39
CA TYR A 85 -9.77 -3.62 7.19
C TYR A 85 -10.56 -4.04 8.43
N ARG A 86 -10.93 -3.07 9.25
CA ARG A 86 -11.69 -3.34 10.47
C ARG A 86 -10.87 -4.20 11.43
N GLY A 87 -9.55 -4.08 11.35
CA GLY A 87 -8.67 -4.86 12.21
C GLY A 87 -8.28 -6.19 11.59
N GLN A 88 -7.97 -6.18 10.30
CA GLN A 88 -7.57 -7.39 9.60
C GLN A 88 -6.83 -7.04 8.31
N HIS A 89 -5.52 -7.31 8.31
CA HIS A 89 -4.69 -7.03 7.13
C HIS A 89 -5.34 -7.58 5.86
N VAL A 90 -5.56 -6.70 4.89
CA VAL A 90 -6.17 -7.09 3.63
C VAL A 90 -5.22 -7.97 2.81
N THR A 91 -5.72 -8.48 1.69
CA THR A 91 -4.93 -9.32 0.81
C THR A 91 -3.68 -8.60 0.33
N GLY A 92 -2.53 -9.26 0.45
CA GLY A 92 -1.28 -8.66 0.03
C GLY A 92 -0.81 -7.57 0.96
N SER A 93 -1.22 -7.65 2.22
CA SER A 93 -0.85 -6.66 3.22
C SER A 93 -0.01 -7.29 4.32
N PRO A 94 0.99 -6.54 4.81
CA PRO A 94 1.28 -5.19 4.32
C PRO A 94 1.84 -5.19 2.91
N PHE A 95 2.12 -4.00 2.38
CA PHE A 95 2.67 -3.88 1.04
C PHE A 95 4.08 -3.28 1.08
N GLN A 96 5.07 -4.10 0.75
CA GLN A 96 6.46 -3.67 0.74
C GLN A 96 6.84 -3.11 -0.62
N PHE A 97 7.47 -1.93 -0.62
CA PHE A 97 7.89 -1.29 -1.86
C PHE A 97 9.09 -0.37 -1.61
N THR A 98 10.00 -0.33 -2.57
CA THR A 98 11.19 0.51 -2.46
C THR A 98 11.12 1.70 -3.41
N VAL A 99 11.56 2.86 -2.92
CA VAL A 99 11.55 4.07 -3.73
C VAL A 99 12.94 4.39 -4.26
N GLY A 100 12.99 5.01 -5.45
CA GLY A 100 14.26 5.36 -6.05
C GLY A 100 14.69 6.77 -5.71
N PRO A 101 16.01 6.98 -5.59
CA PRO A 101 16.58 8.30 -5.26
C PRO A 101 16.43 9.29 -6.41
N LEU A 102 16.89 10.51 -6.18
CA LEU A 102 16.81 11.56 -7.20
C LEU A 102 18.10 12.36 -7.27
N GLY A 103 18.66 12.49 -8.47
CA GLY A 103 19.88 13.23 -8.64
C GLY A 103 20.27 13.40 -10.10
N GLU A 104 20.14 12.32 -10.87
CA GLU A 104 20.49 12.35 -12.29
C GLU A 104 20.05 13.67 -12.92
N GLY A 105 21.05 14.53 -13.19
CA GLY A 105 20.76 15.82 -13.79
C GLY A 105 21.45 16.00 -15.12
N GLY A 106 21.44 17.23 -15.62
CA GLY A 106 22.08 17.51 -16.89
C GLY A 106 21.83 16.44 -17.93
N GLY A 1 8.54 -21.36 19.83
CA GLY A 1 7.32 -20.92 19.18
C GLY A 1 7.58 -20.10 17.93
N SER A 2 8.50 -20.58 17.11
CA SER A 2 8.85 -19.88 15.87
C SER A 2 7.86 -20.21 14.77
N SER A 3 7.57 -19.23 13.92
CA SER A 3 6.64 -19.41 12.82
C SER A 3 6.91 -20.72 12.08
N GLY A 4 8.09 -20.84 11.50
CA GLY A 4 8.46 -22.04 10.78
C GLY A 4 9.32 -21.75 9.56
N SER A 5 10.64 -21.86 9.75
CA SER A 5 11.58 -21.61 8.66
C SER A 5 12.50 -22.79 8.45
N SER A 6 12.27 -23.53 7.37
CA SER A 6 13.07 -24.70 7.06
C SER A 6 12.89 -25.13 5.60
N GLY A 7 13.85 -25.88 5.08
CA GLY A 7 13.76 -26.33 3.70
C GLY A 7 12.76 -27.44 3.52
N ARG A 8 11.49 -27.14 3.76
CA ARG A 8 10.42 -28.13 3.62
C ARG A 8 9.36 -27.63 2.65
N VAL A 9 8.63 -28.58 2.05
CA VAL A 9 7.57 -28.24 1.11
C VAL A 9 6.66 -27.14 1.65
N LYS A 10 6.74 -25.97 1.04
CA LYS A 10 5.93 -24.83 1.47
C LYS A 10 5.13 -24.26 0.29
N GLU A 11 4.28 -23.29 0.58
CA GLU A 11 3.46 -22.66 -0.46
C GLU A 11 4.30 -21.71 -1.30
N SER A 12 3.83 -21.45 -2.52
CA SER A 12 4.54 -20.56 -3.44
C SER A 12 4.94 -19.27 -2.73
N ILE A 13 6.14 -18.79 -3.04
CA ILE A 13 6.65 -17.56 -2.44
C ILE A 13 5.79 -16.36 -2.83
N THR A 14 5.21 -15.72 -1.82
CA THR A 14 4.36 -14.55 -2.06
C THR A 14 5.15 -13.42 -2.71
N ARG A 15 6.44 -13.36 -2.42
CA ARG A 15 7.31 -12.33 -2.98
C ARG A 15 6.81 -10.94 -2.60
N THR A 16 6.33 -10.80 -1.37
CA THR A 16 5.83 -9.53 -0.87
C THR A 16 4.91 -8.87 -1.90
N SER A 17 4.08 -9.68 -2.55
CA SER A 17 3.16 -9.17 -3.56
C SER A 17 3.81 -8.06 -4.38
N ARG A 18 5.04 -8.29 -4.82
CA ARG A 18 5.78 -7.32 -5.60
C ARG A 18 5.05 -7.02 -6.91
N ALA A 19 4.35 -5.89 -6.95
CA ALA A 19 3.61 -5.50 -8.15
C ALA A 19 4.47 -4.64 -9.07
N PRO A 20 4.19 -4.72 -10.37
CA PRO A 20 4.93 -3.96 -11.39
C PRO A 20 4.65 -2.46 -11.32
N SER A 21 5.46 -1.75 -10.54
CA SER A 21 5.30 -0.32 -10.38
C SER A 21 6.54 0.31 -9.77
N VAL A 22 6.86 1.53 -10.21
CA VAL A 22 8.03 2.24 -9.70
C VAL A 22 7.63 3.30 -8.68
N ALA A 23 8.20 3.21 -7.48
CA ALA A 23 7.90 4.16 -6.42
C ALA A 23 8.97 5.24 -6.35
N THR A 24 8.54 6.50 -6.32
CA THR A 24 9.46 7.63 -6.26
C THR A 24 9.57 8.16 -4.84
N VAL A 25 10.58 8.98 -4.59
CA VAL A 25 10.80 9.56 -3.27
C VAL A 25 10.56 11.07 -3.29
N GLY A 26 9.86 11.56 -2.27
CA GLY A 26 9.57 12.98 -2.18
C GLY A 26 8.63 13.45 -3.29
N SER A 27 7.50 12.77 -3.43
CA SER A 27 6.53 13.12 -4.46
C SER A 27 5.21 12.37 -4.23
N ILE A 28 4.11 13.09 -4.36
CA ILE A 28 2.78 12.50 -4.18
C ILE A 28 2.62 11.25 -5.03
N CYS A 29 2.76 10.09 -4.40
CA CYS A 29 2.63 8.82 -5.10
C CYS A 29 1.18 8.33 -5.07
N ASP A 30 0.61 8.12 -6.24
CA ASP A 30 -0.77 7.65 -6.35
C ASP A 30 -0.83 6.12 -6.34
N LEU A 31 -1.28 5.57 -5.22
CA LEU A 31 -1.39 4.12 -5.08
C LEU A 31 -2.80 3.64 -5.43
N ASN A 32 -2.97 3.19 -6.66
CA ASN A 32 -4.27 2.70 -7.13
C ASN A 32 -4.52 1.28 -6.65
N LEU A 33 -5.55 1.09 -5.83
CA LEU A 33 -5.88 -0.23 -5.32
C LEU A 33 -7.28 -0.66 -5.77
N LYS A 34 -7.41 -1.91 -6.18
CA LYS A 34 -8.69 -2.44 -6.64
C LYS A 34 -9.48 -3.02 -5.47
N ILE A 35 -9.73 -2.18 -4.47
CA ILE A 35 -10.50 -2.61 -3.29
C ILE A 35 -11.95 -2.88 -3.64
N PRO A 36 -12.50 -3.96 -3.09
CA PRO A 36 -13.90 -4.35 -3.32
C PRO A 36 -14.89 -3.40 -2.67
N GLU A 37 -16.14 -3.82 -2.57
CA GLU A 37 -17.18 -3.00 -1.97
C GLU A 37 -16.74 -2.49 -0.61
N ILE A 38 -15.82 -3.20 0.02
CA ILE A 38 -15.32 -2.81 1.33
C ILE A 38 -15.20 -1.30 1.46
N ASN A 39 -16.08 -0.71 2.26
CA ASN A 39 -16.08 0.74 2.47
C ASN A 39 -14.69 1.23 2.88
N SER A 40 -14.56 2.54 3.03
CA SER A 40 -13.28 3.14 3.42
C SER A 40 -13.30 3.56 4.88
N SER A 41 -14.37 4.26 5.28
CA SER A 41 -14.51 4.74 6.64
C SER A 41 -14.12 3.65 7.64
N ASP A 42 -14.20 2.40 7.20
CA ASP A 42 -13.86 1.26 8.04
C ASP A 42 -12.40 0.83 7.83
N MET A 43 -11.95 0.91 6.58
CA MET A 43 -10.58 0.54 6.25
C MET A 43 -9.58 1.50 6.86
N SER A 44 -8.31 1.14 6.82
CA SER A 44 -7.26 1.98 7.38
C SER A 44 -5.98 1.87 6.56
N ALA A 45 -5.36 3.02 6.29
CA ALA A 45 -4.13 3.05 5.51
C ALA A 45 -3.09 3.95 6.17
N HIS A 46 -1.91 3.38 6.45
CA HIS A 46 -0.83 4.13 7.08
C HIS A 46 0.53 3.60 6.63
N VAL A 47 1.38 4.51 6.16
CA VAL A 47 2.71 4.14 5.70
C VAL A 47 3.70 4.07 6.86
N THR A 48 4.25 2.88 7.10
CA THR A 48 5.20 2.68 8.18
C THR A 48 6.64 2.94 7.70
N SER A 49 7.49 3.40 8.63
CA SER A 49 8.87 3.68 8.29
C SER A 49 9.78 2.57 8.81
N PRO A 50 10.97 2.45 8.18
CA PRO A 50 11.96 1.44 8.56
C PRO A 50 12.60 1.72 9.92
N SER A 51 12.14 2.77 10.57
CA SER A 51 12.66 3.16 11.88
C SER A 51 11.65 2.85 12.98
N GLY A 52 10.37 3.06 12.68
CA GLY A 52 9.33 2.79 13.65
C GLY A 52 8.18 3.78 13.56
N ARG A 53 8.44 4.91 12.91
CA ARG A 53 7.41 5.94 12.75
C ARG A 53 6.39 5.53 11.70
N VAL A 54 5.16 6.01 11.86
CA VAL A 54 4.09 5.69 10.93
C VAL A 54 3.30 6.94 10.56
N THR A 55 2.92 7.05 9.29
CA THR A 55 2.15 8.19 8.81
C THR A 55 0.72 7.79 8.45
N GLU A 56 -0.17 8.77 8.42
CA GLU A 56 -1.57 8.51 8.09
C GLU A 56 -1.87 8.92 6.65
N ALA A 57 -2.47 8.01 5.90
CA ALA A 57 -2.82 8.26 4.51
C ALA A 57 -4.32 8.49 4.35
N GLU A 58 -4.68 9.36 3.41
CA GLU A 58 -6.09 9.66 3.16
C GLU A 58 -6.62 8.84 2.00
N ILE A 59 -7.86 8.39 2.13
CA ILE A 59 -8.50 7.59 1.09
C ILE A 59 -9.49 8.42 0.28
N VAL A 60 -9.07 8.87 -0.89
CA VAL A 60 -9.92 9.67 -1.75
C VAL A 60 -11.06 8.85 -2.33
N PRO A 61 -12.27 9.42 -2.31
CA PRO A 61 -13.47 8.75 -2.82
C PRO A 61 -13.45 8.60 -4.34
N MET A 62 -13.12 7.40 -4.81
CA MET A 62 -13.06 7.13 -6.25
C MET A 62 -14.46 6.84 -6.79
N GLY A 63 -14.97 5.65 -6.50
CA GLY A 63 -16.29 5.27 -6.98
C GLY A 63 -16.68 3.87 -6.54
N LYS A 64 -17.26 3.10 -7.48
CA LYS A 64 -17.68 1.74 -7.18
C LYS A 64 -16.48 0.84 -6.91
N ASN A 65 -16.41 0.31 -5.70
CA ASN A 65 -15.31 -0.57 -5.31
C ASN A 65 -13.98 -0.03 -5.82
N SER A 66 -13.80 1.29 -5.70
CA SER A 66 -12.57 1.94 -6.15
C SER A 66 -12.03 2.88 -5.07
N HIS A 67 -10.71 2.91 -4.93
CA HIS A 67 -10.07 3.78 -3.95
C HIS A 67 -8.70 4.23 -4.44
N CYS A 68 -8.32 5.44 -4.05
CA CYS A 68 -7.02 6.00 -4.45
C CYS A 68 -6.31 6.63 -3.26
N VAL A 69 -5.08 6.19 -3.00
CA VAL A 69 -4.29 6.70 -1.90
C VAL A 69 -3.16 7.60 -2.39
N ARG A 70 -3.03 8.77 -1.79
CA ARG A 70 -1.99 9.72 -2.18
C ARG A 70 -1.18 10.16 -0.96
N PHE A 71 0.13 9.92 -1.01
CA PHE A 71 1.02 10.29 0.08
C PHE A 71 2.45 10.42 -0.40
N VAL A 72 3.31 10.99 0.45
CA VAL A 72 4.71 11.18 0.11
C VAL A 72 5.59 10.15 0.82
N PRO A 73 5.87 9.03 0.13
CA PRO A 73 6.71 7.96 0.68
C PRO A 73 8.17 8.37 0.81
N GLN A 74 8.49 9.08 1.88
CA GLN A 74 9.85 9.53 2.13
C GLN A 74 10.39 8.96 3.44
N GLU A 75 11.39 8.08 3.33
CA GLU A 75 11.99 7.47 4.51
C GLU A 75 13.49 7.28 4.32
N MET A 76 14.14 6.73 5.34
CA MET A 76 15.58 6.49 5.28
C MET A 76 15.88 5.05 4.89
N GLY A 77 14.85 4.33 4.48
CA GLY A 77 15.03 2.94 4.08
C GLY A 77 13.88 2.43 3.22
N VAL A 78 13.34 1.27 3.58
CA VAL A 78 12.24 0.68 2.84
C VAL A 78 10.90 1.21 3.32
N HIS A 79 9.90 1.17 2.45
CA HIS A 79 8.56 1.65 2.79
C HIS A 79 7.55 0.50 2.81
N THR A 80 6.64 0.54 3.76
CA THR A 80 5.62 -0.50 3.88
C THR A 80 4.25 0.10 4.18
N VAL A 81 3.26 -0.30 3.39
CA VAL A 81 1.90 0.21 3.56
C VAL A 81 1.12 -0.66 4.54
N SER A 82 0.46 -0.01 5.51
CA SER A 82 -0.31 -0.73 6.52
C SER A 82 -1.80 -0.66 6.19
N VAL A 83 -2.29 -1.65 5.46
CA VAL A 83 -3.70 -1.70 5.09
C VAL A 83 -4.44 -2.78 5.88
N LYS A 84 -5.17 -2.35 6.90
CA LYS A 84 -5.93 -3.27 7.73
C LYS A 84 -7.43 -2.95 7.69
N TYR A 85 -8.24 -3.97 7.48
CA TYR A 85 -9.69 -3.79 7.42
C TYR A 85 -10.35 -4.27 8.71
N ARG A 86 -10.78 -3.31 9.54
CA ARG A 86 -11.44 -3.62 10.80
C ARG A 86 -10.51 -4.43 11.70
N GLY A 87 -9.21 -4.11 11.64
CA GLY A 87 -8.24 -4.82 12.45
C GLY A 87 -7.81 -6.13 11.84
N GLN A 88 -7.72 -6.17 10.51
CA GLN A 88 -7.32 -7.38 9.80
C GLN A 88 -6.55 -7.03 8.54
N HIS A 89 -5.24 -7.29 8.55
CA HIS A 89 -4.39 -7.00 7.40
C HIS A 89 -4.96 -7.64 6.14
N VAL A 90 -5.18 -6.84 5.11
CA VAL A 90 -5.72 -7.32 3.84
C VAL A 90 -4.71 -8.20 3.12
N THR A 91 -5.11 -8.73 1.98
CA THR A 91 -4.24 -9.59 1.18
C THR A 91 -2.87 -8.95 0.98
N GLY A 92 -1.83 -9.78 0.95
CA GLY A 92 -0.48 -9.28 0.75
C GLY A 92 -0.25 -7.98 1.49
N SER A 93 -0.67 -7.92 2.75
CA SER A 93 -0.50 -6.73 3.57
C SER A 93 0.29 -7.04 4.83
N PRO A 94 1.14 -6.10 5.24
CA PRO A 94 1.33 -4.83 4.53
C PRO A 94 2.03 -5.02 3.19
N PHE A 95 2.00 -3.99 2.36
CA PHE A 95 2.63 -4.03 1.04
C PHE A 95 3.98 -3.34 1.07
N GLN A 96 5.05 -4.13 0.93
CA GLN A 96 6.40 -3.60 0.94
C GLN A 96 6.81 -3.13 -0.45
N PHE A 97 7.48 -1.99 -0.51
CA PHE A 97 7.94 -1.43 -1.78
C PHE A 97 9.15 -0.52 -1.59
N THR A 98 10.12 -0.66 -2.47
CA THR A 98 11.34 0.14 -2.40
C THR A 98 11.22 1.41 -3.23
N VAL A 99 11.71 2.51 -2.69
CA VAL A 99 11.66 3.79 -3.39
C VAL A 99 13.03 4.19 -3.92
N GLY A 100 13.05 4.80 -5.10
CA GLY A 100 14.30 5.22 -5.70
C GLY A 100 14.42 6.73 -5.83
N PRO A 101 15.65 7.23 -5.73
CA PRO A 101 15.91 8.68 -5.83
C PRO A 101 15.70 9.22 -7.24
N LEU A 102 16.06 10.47 -7.45
CA LEU A 102 15.91 11.10 -8.76
C LEU A 102 17.12 10.86 -9.63
N GLY A 103 16.95 10.97 -10.95
CA GLY A 103 18.04 10.76 -11.87
C GLY A 103 18.76 12.05 -12.22
N GLU A 104 19.88 11.92 -12.93
CA GLU A 104 20.66 13.08 -13.34
C GLU A 104 20.89 13.09 -14.85
N GLY A 105 20.93 14.28 -15.42
CA GLY A 105 21.15 14.40 -16.86
C GLY A 105 20.23 15.43 -17.49
N GLY A 106 20.16 15.43 -18.82
CA GLY A 106 19.33 16.37 -19.53
C GLY A 106 17.94 16.49 -18.92
N GLY A 1 26.23 -17.38 32.80
CA GLY A 1 25.23 -16.51 32.20
C GLY A 1 24.02 -17.26 31.72
N SER A 2 23.47 -16.83 30.59
CA SER A 2 22.28 -17.46 30.02
C SER A 2 22.65 -18.26 28.77
N SER A 3 21.78 -19.21 28.41
CA SER A 3 22.01 -20.05 27.24
C SER A 3 20.71 -20.30 26.49
N GLY A 4 20.80 -20.46 25.17
CA GLY A 4 19.62 -20.69 24.36
C GLY A 4 19.74 -20.06 22.99
N SER A 5 19.20 -20.76 21.98
CA SER A 5 19.24 -20.25 20.61
C SER A 5 18.21 -19.15 20.40
N SER A 6 18.55 -18.20 19.54
CA SER A 6 17.65 -17.08 19.25
C SER A 6 17.78 -16.63 17.81
N GLY A 7 16.75 -16.90 17.01
CA GLY A 7 16.78 -16.51 15.61
C GLY A 7 17.71 -17.37 14.79
N ARG A 8 17.49 -17.42 13.48
CA ARG A 8 18.32 -18.21 12.58
C ARG A 8 18.23 -17.69 11.15
N VAL A 9 19.15 -18.13 10.30
CA VAL A 9 19.17 -17.71 8.91
C VAL A 9 17.75 -17.60 8.36
N LYS A 10 17.40 -16.39 7.91
CA LYS A 10 16.07 -16.15 7.36
C LYS A 10 16.18 -15.65 5.92
N GLU A 11 15.34 -16.21 5.05
CA GLU A 11 15.34 -15.84 3.64
C GLU A 11 14.03 -15.14 3.27
N SER A 12 13.92 -14.74 2.00
CA SER A 12 12.72 -14.06 1.52
C SER A 12 12.05 -14.86 0.41
N ILE A 13 10.89 -15.43 0.73
CA ILE A 13 10.15 -16.22 -0.24
C ILE A 13 8.78 -15.62 -0.51
N THR A 14 8.64 -14.33 -0.25
CA THR A 14 7.37 -13.64 -0.46
C THR A 14 7.30 -13.02 -1.85
N ARG A 15 6.10 -12.98 -2.41
CA ARG A 15 5.91 -12.42 -3.75
C ARG A 15 4.87 -11.30 -3.71
N THR A 16 4.76 -10.64 -2.57
CA THR A 16 3.80 -9.55 -2.41
C THR A 16 3.64 -8.77 -3.70
N SER A 17 4.77 -8.36 -4.29
CA SER A 17 4.75 -7.60 -5.53
C SER A 17 4.42 -8.49 -6.72
N ARG A 18 3.21 -8.35 -7.24
CA ARG A 18 2.77 -9.15 -8.38
C ARG A 18 2.37 -8.26 -9.55
N ALA A 19 2.60 -6.96 -9.40
CA ALA A 19 2.27 -6.00 -10.45
C ALA A 19 3.34 -4.92 -10.56
N PRO A 20 3.60 -4.46 -11.78
CA PRO A 20 4.60 -3.41 -12.04
C PRO A 20 4.16 -2.05 -11.53
N SER A 21 4.85 -1.55 -10.51
CA SER A 21 4.54 -0.26 -9.92
C SER A 21 5.79 0.40 -9.35
N VAL A 22 6.16 1.54 -9.93
CA VAL A 22 7.34 2.28 -9.49
C VAL A 22 6.97 3.36 -8.48
N ALA A 23 7.88 3.65 -7.56
CA ALA A 23 7.65 4.67 -6.55
C ALA A 23 8.89 5.53 -6.32
N THR A 24 8.72 6.84 -6.36
CA THR A 24 9.83 7.76 -6.17
C THR A 24 9.76 8.42 -4.80
N VAL A 25 10.80 9.18 -4.46
CA VAL A 25 10.87 9.86 -3.17
C VAL A 25 10.69 11.37 -3.34
N GLY A 26 9.86 11.96 -2.48
CA GLY A 26 9.62 13.39 -2.55
C GLY A 26 8.63 13.76 -3.64
N SER A 27 7.50 13.06 -3.67
CA SER A 27 6.47 13.32 -4.66
C SER A 27 5.17 12.60 -4.30
N ILE A 28 4.04 13.21 -4.65
CA ILE A 28 2.73 12.64 -4.37
C ILE A 28 2.48 11.39 -5.20
N CYS A 29 2.78 10.23 -4.62
CA CYS A 29 2.59 8.96 -5.30
C CYS A 29 1.18 8.44 -5.10
N ASP A 30 0.52 8.04 -6.18
CA ASP A 30 -0.84 7.52 -6.12
C ASP A 30 -0.82 6.00 -6.00
N LEU A 31 -1.34 5.49 -4.88
CA LEU A 31 -1.39 4.05 -4.64
C LEU A 31 -2.76 3.49 -5.02
N ASN A 32 -2.81 2.73 -6.10
CA ASN A 32 -4.05 2.12 -6.56
C ASN A 32 -4.18 0.69 -6.06
N LEU A 33 -5.34 0.37 -5.50
CA LEU A 33 -5.59 -0.97 -4.98
C LEU A 33 -6.93 -1.51 -5.48
N LYS A 34 -7.19 -2.78 -5.23
CA LYS A 34 -8.43 -3.42 -5.65
C LYS A 34 -9.28 -3.80 -4.44
N ILE A 35 -10.12 -2.87 -3.99
CA ILE A 35 -10.99 -3.11 -2.84
C ILE A 35 -12.45 -3.21 -3.27
N PRO A 36 -13.17 -4.17 -2.68
CA PRO A 36 -14.59 -4.38 -2.99
C PRO A 36 -15.47 -3.27 -2.46
N GLU A 37 -16.78 -3.49 -2.47
CA GLU A 37 -17.74 -2.50 -1.99
C GLU A 37 -17.30 -1.91 -0.65
N ILE A 38 -16.48 -2.68 0.08
CA ILE A 38 -15.99 -2.23 1.38
C ILE A 38 -15.72 -0.73 1.38
N ASN A 39 -16.37 -0.03 2.31
CA ASN A 39 -16.21 1.41 2.42
C ASN A 39 -14.81 1.77 2.91
N SER A 40 -14.52 3.06 2.99
CA SER A 40 -13.22 3.53 3.44
C SER A 40 -13.24 3.89 4.92
N SER A 41 -14.38 4.41 5.38
CA SER A 41 -14.52 4.80 6.78
C SER A 41 -14.10 3.66 7.70
N ASP A 42 -14.10 2.45 7.16
CA ASP A 42 -13.71 1.27 7.94
C ASP A 42 -12.26 0.89 7.67
N MET A 43 -11.77 1.27 6.50
CA MET A 43 -10.39 0.97 6.12
C MET A 43 -9.41 1.92 6.83
N SER A 44 -8.17 1.47 6.97
CA SER A 44 -7.14 2.27 7.63
C SER A 44 -5.78 2.07 6.96
N ALA A 45 -5.23 3.16 6.43
CA ALA A 45 -3.93 3.10 5.76
C ALA A 45 -2.90 3.92 6.52
N HIS A 46 -1.68 3.39 6.60
CA HIS A 46 -0.59 4.07 7.29
C HIS A 46 0.77 3.67 6.71
N VAL A 47 1.65 4.65 6.57
CA VAL A 47 2.98 4.40 6.03
C VAL A 47 3.99 4.19 7.13
N THR A 48 4.41 2.95 7.33
CA THR A 48 5.38 2.61 8.36
C THR A 48 6.79 2.97 7.92
N SER A 49 7.55 3.57 8.83
CA SER A 49 8.92 3.98 8.54
C SER A 49 9.91 2.89 8.97
N PRO A 50 11.04 2.82 8.26
CA PRO A 50 12.09 1.83 8.54
C PRO A 50 12.82 2.12 9.86
N SER A 51 12.38 3.17 10.56
CA SER A 51 12.98 3.55 11.83
C SER A 51 12.01 3.34 12.98
N GLY A 52 10.75 3.11 12.64
CA GLY A 52 9.73 2.90 13.66
C GLY A 52 8.65 3.95 13.63
N ARG A 53 8.89 5.03 12.89
CA ARG A 53 7.92 6.11 12.77
C ARG A 53 6.76 5.72 11.88
N VAL A 54 5.54 5.97 12.35
CA VAL A 54 4.34 5.64 11.59
C VAL A 54 3.66 6.90 11.07
N THR A 55 3.10 6.81 9.86
CA THR A 55 2.42 7.94 9.25
C THR A 55 1.01 7.55 8.80
N GLU A 56 0.21 8.56 8.49
CA GLU A 56 -1.17 8.33 8.05
C GLU A 56 -1.35 8.78 6.61
N ALA A 57 -2.23 8.09 5.89
CA ALA A 57 -2.51 8.42 4.50
C ALA A 57 -4.01 8.61 4.27
N GLU A 58 -4.36 9.24 3.14
CA GLU A 58 -5.75 9.49 2.81
C GLU A 58 -6.20 8.59 1.65
N ILE A 59 -7.44 8.13 1.72
CA ILE A 59 -8.00 7.26 0.68
C ILE A 59 -9.02 8.01 -0.16
N VAL A 60 -8.58 8.58 -1.27
CA VAL A 60 -9.47 9.31 -2.16
C VAL A 60 -10.51 8.39 -2.79
N PRO A 61 -11.79 8.79 -2.70
CA PRO A 61 -12.89 8.01 -3.25
C PRO A 61 -12.90 8.01 -4.78
N MET A 62 -12.36 6.95 -5.37
CA MET A 62 -12.30 6.82 -6.82
C MET A 62 -13.69 6.57 -7.40
N GLY A 63 -14.21 5.37 -7.17
CA GLY A 63 -15.52 5.02 -7.68
C GLY A 63 -16.01 3.68 -7.16
N LYS A 64 -16.44 2.82 -8.07
CA LYS A 64 -16.94 1.49 -7.70
C LYS A 64 -15.78 0.56 -7.37
N ASN A 65 -15.82 -0.03 -6.18
CA ASN A 65 -14.77 -0.96 -5.76
C ASN A 65 -13.39 -0.41 -6.10
N SER A 66 -13.27 0.92 -6.11
CA SER A 66 -12.00 1.56 -6.43
C SER A 66 -11.60 2.54 -5.34
N HIS A 67 -10.30 2.56 -5.01
CA HIS A 67 -9.80 3.45 -3.98
C HIS A 67 -8.35 3.85 -4.27
N CYS A 68 -8.04 5.13 -4.09
CA CYS A 68 -6.69 5.62 -4.34
C CYS A 68 -6.14 6.34 -3.11
N VAL A 69 -4.85 6.12 -2.83
CA VAL A 69 -4.21 6.73 -1.68
C VAL A 69 -3.01 7.57 -2.11
N ARG A 70 -3.08 8.87 -1.85
CA ARG A 70 -2.00 9.78 -2.21
C ARG A 70 -1.20 10.19 -0.97
N PHE A 71 0.11 9.95 -1.02
CA PHE A 71 0.98 10.30 0.09
C PHE A 71 2.43 10.41 -0.36
N VAL A 72 3.28 10.99 0.49
CA VAL A 72 4.69 11.15 0.17
C VAL A 72 5.55 10.14 0.93
N PRO A 73 5.83 9.00 0.29
CA PRO A 73 6.64 7.94 0.90
C PRO A 73 8.10 8.33 1.03
N GLN A 74 8.41 9.07 2.09
CA GLN A 74 9.77 9.51 2.34
C GLN A 74 10.34 8.87 3.61
N GLU A 75 11.34 8.02 3.44
CA GLU A 75 11.95 7.34 4.57
C GLU A 75 13.47 7.21 4.37
N MET A 76 14.14 6.61 5.35
CA MET A 76 15.58 6.43 5.28
C MET A 76 15.92 4.98 4.92
N GLY A 77 14.91 4.20 4.57
CA GLY A 77 15.13 2.81 4.20
C GLY A 77 14.02 2.27 3.33
N VAL A 78 13.30 1.27 3.84
CA VAL A 78 12.21 0.64 3.11
C VAL A 78 10.86 1.21 3.56
N HIS A 79 9.91 1.28 2.63
CA HIS A 79 8.58 1.78 2.93
C HIS A 79 7.56 0.64 2.99
N THR A 80 6.66 0.71 3.96
CA THR A 80 5.63 -0.31 4.13
C THR A 80 4.27 0.31 4.41
N VAL A 81 3.26 -0.14 3.68
CA VAL A 81 1.90 0.37 3.85
C VAL A 81 1.04 -0.61 4.65
N SER A 82 0.62 -0.19 5.83
CA SER A 82 -0.21 -1.03 6.68
C SER A 82 -1.69 -0.77 6.43
N VAL A 83 -2.34 -1.69 5.71
CA VAL A 83 -3.76 -1.56 5.40
C VAL A 83 -4.57 -2.70 6.00
N LYS A 84 -5.52 -2.37 6.85
CA LYS A 84 -6.36 -3.36 7.50
C LYS A 84 -7.82 -2.91 7.54
N TYR A 85 -8.73 -3.86 7.43
CA TYR A 85 -10.16 -3.55 7.46
C TYR A 85 -10.85 -4.27 8.62
N ARG A 86 -11.24 -3.50 9.63
CA ARG A 86 -11.92 -4.07 10.80
C ARG A 86 -11.00 -5.07 11.51
N GLY A 87 -9.70 -4.80 11.49
CA GLY A 87 -8.75 -5.68 12.15
C GLY A 87 -8.39 -6.87 11.29
N GLN A 88 -8.24 -6.64 9.99
CA GLN A 88 -7.88 -7.71 9.06
C GLN A 88 -6.98 -7.19 7.94
N HIS A 89 -5.86 -7.86 7.73
CA HIS A 89 -4.92 -7.46 6.70
C HIS A 89 -5.42 -7.87 5.31
N VAL A 90 -5.58 -6.89 4.44
CA VAL A 90 -6.06 -7.16 3.08
C VAL A 90 -5.07 -8.03 2.31
N THR A 91 -5.37 -8.28 1.04
CA THR A 91 -4.52 -9.10 0.20
C THR A 91 -3.14 -8.46 0.02
N GLY A 92 -2.10 -9.23 0.24
CA GLY A 92 -0.75 -8.72 0.10
C GLY A 92 -0.45 -7.60 1.07
N SER A 93 -0.95 -7.73 2.29
CA SER A 93 -0.73 -6.72 3.32
C SER A 93 -0.05 -7.31 4.54
N PRO A 94 0.86 -6.53 5.15
CA PRO A 94 1.18 -5.18 4.68
C PRO A 94 1.94 -5.18 3.36
N PHE A 95 1.94 -4.05 2.68
CA PHE A 95 2.62 -3.92 1.40
C PHE A 95 4.02 -3.35 1.59
N GLN A 96 5.00 -3.95 0.90
CA GLN A 96 6.38 -3.50 1.00
C GLN A 96 6.93 -3.15 -0.38
N PHE A 97 7.59 -2.00 -0.48
CA PHE A 97 8.16 -1.56 -1.75
C PHE A 97 9.39 -0.68 -1.50
N THR A 98 10.24 -0.56 -2.53
CA THR A 98 11.45 0.24 -2.43
C THR A 98 11.31 1.54 -3.22
N VAL A 99 11.79 2.64 -2.64
CA VAL A 99 11.72 3.94 -3.29
C VAL A 99 13.09 4.38 -3.79
N GLY A 100 13.11 5.24 -4.79
CA GLY A 100 14.35 5.73 -5.35
C GLY A 100 14.23 7.11 -5.95
N PRO A 101 15.31 7.90 -5.87
CA PRO A 101 15.34 9.26 -6.40
C PRO A 101 15.32 9.29 -7.93
N LEU A 102 14.88 10.41 -8.50
CA LEU A 102 14.81 10.56 -9.94
C LEU A 102 15.93 11.46 -10.46
N GLY A 103 16.25 11.35 -11.74
CA GLY A 103 17.29 12.16 -12.33
C GLY A 103 16.82 13.57 -12.62
N GLU A 104 16.83 14.42 -11.60
CA GLU A 104 16.41 15.81 -11.76
C GLU A 104 17.58 16.71 -12.10
N GLY A 105 17.35 17.70 -12.95
CA GLY A 105 18.40 18.62 -13.34
C GLY A 105 18.58 19.76 -12.36
N GLY A 106 18.07 20.94 -12.73
CA GLY A 106 18.19 22.09 -11.86
C GLY A 106 17.94 23.40 -12.59
N GLY A 1 -1.67 -16.12 32.88
CA GLY A 1 -2.99 -15.80 33.38
C GLY A 1 -3.94 -15.36 32.28
N SER A 2 -3.53 -14.36 31.51
CA SER A 2 -4.35 -13.84 30.42
C SER A 2 -4.08 -14.61 29.13
N SER A 3 -5.11 -14.73 28.29
CA SER A 3 -4.98 -15.44 27.02
C SER A 3 -4.69 -14.48 25.89
N GLY A 4 -3.91 -14.93 24.92
CA GLY A 4 -3.56 -14.09 23.78
C GLY A 4 -2.67 -14.81 22.78
N SER A 5 -3.30 -15.46 21.80
CA SER A 5 -2.55 -16.19 20.78
C SER A 5 -3.41 -16.40 19.54
N SER A 6 -2.75 -16.72 18.43
CA SER A 6 -3.44 -16.94 17.17
C SER A 6 -4.78 -17.65 17.40
N GLY A 7 -5.85 -17.09 16.85
CA GLY A 7 -7.16 -17.68 17.00
C GLY A 7 -7.37 -18.88 16.11
N ARG A 8 -6.52 -19.89 16.27
CA ARG A 8 -6.61 -21.10 15.45
C ARG A 8 -6.89 -20.77 14.00
N VAL A 9 -6.17 -19.77 13.48
CA VAL A 9 -6.33 -19.35 12.10
C VAL A 9 -5.00 -19.37 11.35
N LYS A 10 -4.97 -20.06 10.22
CA LYS A 10 -3.76 -20.16 9.42
C LYS A 10 -3.51 -18.87 8.64
N GLU A 11 -2.26 -18.44 8.60
CA GLU A 11 -1.88 -17.23 7.89
C GLU A 11 -0.54 -17.41 7.16
N SER A 12 -0.57 -17.21 5.86
CA SER A 12 0.64 -17.36 5.04
C SER A 12 0.52 -16.55 3.75
N ILE A 13 1.52 -15.71 3.48
CA ILE A 13 1.54 -14.90 2.28
C ILE A 13 2.79 -15.15 1.45
N THR A 14 2.89 -14.45 0.33
CA THR A 14 4.05 -14.60 -0.56
C THR A 14 5.10 -13.54 -0.27
N ARG A 15 6.34 -13.98 -0.10
CA ARG A 15 7.45 -13.07 0.19
C ARG A 15 8.18 -12.68 -1.10
N THR A 16 7.41 -12.49 -2.17
CA THR A 16 7.97 -12.11 -3.46
C THR A 16 7.06 -11.13 -4.20
N SER A 17 7.66 -10.04 -4.68
CA SER A 17 6.89 -9.02 -5.40
C SER A 17 7.44 -8.85 -6.82
N ARG A 18 6.62 -9.22 -7.80
CA ARG A 18 7.01 -9.12 -9.21
C ARG A 18 6.01 -8.25 -9.98
N ALA A 19 6.40 -7.01 -10.23
CA ALA A 19 5.54 -6.08 -10.96
C ALA A 19 6.28 -4.78 -11.28
N PRO A 20 5.97 -4.20 -12.45
CA PRO A 20 6.59 -2.95 -12.89
C PRO A 20 6.15 -1.75 -12.06
N SER A 21 7.02 -1.28 -11.17
CA SER A 21 6.71 -0.15 -10.31
C SER A 21 7.84 0.89 -10.36
N VAL A 22 7.47 2.14 -10.56
CA VAL A 22 8.44 3.22 -10.63
C VAL A 22 8.24 4.21 -9.48
N ALA A 23 7.95 3.69 -8.30
CA ALA A 23 7.73 4.52 -7.12
C ALA A 23 8.77 5.64 -7.05
N THR A 24 8.43 6.70 -6.32
CA THR A 24 9.33 7.83 -6.17
C THR A 24 9.35 8.34 -4.73
N VAL A 25 10.19 9.33 -4.45
CA VAL A 25 10.30 9.89 -3.12
C VAL A 25 10.14 11.41 -3.16
N GLY A 26 9.69 11.97 -2.04
CA GLY A 26 9.49 13.41 -1.96
C GLY A 26 8.49 13.91 -2.97
N SER A 27 7.34 13.24 -3.05
CA SER A 27 6.29 13.64 -3.99
C SER A 27 5.02 12.82 -3.74
N ILE A 28 3.87 13.45 -3.98
CA ILE A 28 2.59 12.79 -3.78
C ILE A 28 2.33 11.74 -4.87
N CYS A 29 2.57 10.48 -4.53
CA CYS A 29 2.38 9.39 -5.47
C CYS A 29 1.01 8.73 -5.26
N ASP A 30 0.42 8.26 -6.35
CA ASP A 30 -0.88 7.61 -6.28
C ASP A 30 -0.74 6.09 -6.22
N LEU A 31 -1.49 5.46 -5.33
CA LEU A 31 -1.44 4.01 -5.16
C LEU A 31 -2.77 3.38 -5.56
N ASN A 32 -2.80 2.77 -6.75
CA ASN A 32 -4.00 2.12 -7.24
C ASN A 32 -4.15 0.72 -6.65
N LEU A 33 -5.24 0.50 -5.92
CA LEU A 33 -5.51 -0.79 -5.29
C LEU A 33 -6.91 -1.29 -5.65
N LYS A 34 -7.05 -2.60 -5.77
CA LYS A 34 -8.34 -3.22 -6.09
C LYS A 34 -9.10 -3.56 -4.82
N ILE A 35 -10.03 -2.69 -4.44
CA ILE A 35 -10.83 -2.92 -3.24
C ILE A 35 -12.31 -3.07 -3.60
N PRO A 36 -12.95 -4.08 -3.00
CA PRO A 36 -14.37 -4.36 -3.23
C PRO A 36 -15.29 -3.31 -2.62
N GLU A 37 -16.56 -3.63 -2.49
CA GLU A 37 -17.54 -2.70 -1.92
C GLU A 37 -17.01 -2.09 -0.62
N ILE A 38 -16.04 -2.77 -0.01
CA ILE A 38 -15.45 -2.30 1.23
C ILE A 38 -15.37 -0.78 1.26
N ASN A 39 -15.91 -0.19 2.34
CA ASN A 39 -15.90 1.26 2.48
C ASN A 39 -14.56 1.75 3.02
N SER A 40 -14.29 3.04 2.85
CA SER A 40 -13.03 3.62 3.32
C SER A 40 -13.14 4.04 4.78
N SER A 41 -14.34 4.46 5.18
CA SER A 41 -14.58 4.89 6.56
C SER A 41 -14.31 3.77 7.54
N ASP A 42 -14.19 2.55 7.02
CA ASP A 42 -13.92 1.39 7.85
C ASP A 42 -12.50 0.87 7.64
N MET A 43 -11.86 1.34 6.56
CA MET A 43 -10.49 0.93 6.25
C MET A 43 -9.49 1.91 6.86
N SER A 44 -8.21 1.59 6.71
CA SER A 44 -7.15 2.43 7.24
C SER A 44 -5.86 2.27 6.44
N ALA A 45 -5.15 3.38 6.24
CA ALA A 45 -3.90 3.36 5.49
C ALA A 45 -2.83 4.18 6.18
N HIS A 46 -1.74 3.52 6.56
CA HIS A 46 -0.62 4.18 7.24
C HIS A 46 0.71 3.62 6.78
N VAL A 47 1.62 4.50 6.38
CA VAL A 47 2.95 4.10 5.93
C VAL A 47 3.91 3.97 7.10
N THR A 48 4.38 2.74 7.34
CA THR A 48 5.32 2.48 8.42
C THR A 48 6.76 2.61 7.95
N SER A 49 7.52 3.48 8.61
CA SER A 49 8.92 3.70 8.25
C SER A 49 9.80 2.60 8.84
N PRO A 50 10.95 2.36 8.19
CA PRO A 50 11.91 1.34 8.62
C PRO A 50 12.62 1.73 9.91
N SER A 51 12.32 2.93 10.41
CA SER A 51 12.93 3.42 11.64
C SER A 51 12.05 3.11 12.84
N GLY A 52 10.74 3.12 12.62
CA GLY A 52 9.80 2.84 13.70
C GLY A 52 8.72 3.90 13.81
N ARG A 53 8.53 4.66 12.74
CA ARG A 53 7.52 5.71 12.72
C ARG A 53 6.31 5.30 11.88
N VAL A 54 5.16 5.90 12.17
CA VAL A 54 3.93 5.59 11.45
C VAL A 54 3.23 6.87 11.01
N THR A 55 2.91 6.95 9.71
CA THR A 55 2.23 8.11 9.17
C THR A 55 0.79 7.78 8.77
N GLU A 56 0.02 8.81 8.43
CA GLU A 56 -1.36 8.62 8.03
C GLU A 56 -1.57 9.03 6.57
N ALA A 57 -2.38 8.24 5.86
CA ALA A 57 -2.66 8.52 4.45
C ALA A 57 -4.15 8.72 4.22
N GLU A 58 -4.50 9.42 3.15
CA GLU A 58 -5.89 9.67 2.81
C GLU A 58 -6.36 8.77 1.67
N ILE A 59 -7.61 8.34 1.74
CA ILE A 59 -8.17 7.47 0.70
C ILE A 59 -9.17 8.23 -0.16
N VAL A 60 -8.71 8.72 -1.30
CA VAL A 60 -9.55 9.46 -2.23
C VAL A 60 -10.66 8.58 -2.78
N PRO A 61 -11.90 9.11 -2.82
CA PRO A 61 -13.06 8.39 -3.33
C PRO A 61 -12.99 8.18 -4.85
N MET A 62 -12.53 7.00 -5.26
CA MET A 62 -12.42 6.68 -6.67
C MET A 62 -13.80 6.44 -7.29
N GLY A 63 -14.42 5.33 -6.90
CA GLY A 63 -15.74 5.01 -7.42
C GLY A 63 -16.19 3.61 -7.03
N LYS A 64 -16.81 2.91 -7.98
CA LYS A 64 -17.29 1.56 -7.74
C LYS A 64 -16.14 0.64 -7.34
N ASN A 65 -16.25 0.01 -6.17
CA ASN A 65 -15.22 -0.89 -5.69
C ASN A 65 -13.83 -0.41 -6.09
N SER A 66 -13.60 0.90 -5.97
CA SER A 66 -12.32 1.50 -6.33
C SER A 66 -11.86 2.48 -5.25
N HIS A 67 -10.57 2.46 -4.95
CA HIS A 67 -10.01 3.35 -3.95
C HIS A 67 -8.56 3.72 -4.29
N CYS A 68 -8.21 4.98 -4.11
CA CYS A 68 -6.86 5.46 -4.40
C CYS A 68 -6.25 6.15 -3.19
N VAL A 69 -5.03 5.76 -2.85
CA VAL A 69 -4.34 6.34 -1.71
C VAL A 69 -3.15 7.19 -2.16
N ARG A 70 -3.13 8.45 -1.72
CA ARG A 70 -2.05 9.36 -2.09
C ARG A 70 -1.27 9.79 -0.85
N PHE A 71 0.05 9.62 -0.91
CA PHE A 71 0.92 9.99 0.22
C PHE A 71 2.36 10.15 -0.25
N VAL A 72 3.18 10.73 0.61
CA VAL A 72 4.59 10.95 0.29
C VAL A 72 5.48 9.93 0.99
N PRO A 73 5.82 8.85 0.27
CA PRO A 73 6.67 7.77 0.80
C PRO A 73 8.12 8.21 1.00
N GLN A 74 8.38 8.86 2.13
CA GLN A 74 9.72 9.34 2.43
C GLN A 74 10.30 8.61 3.64
N GLU A 75 11.34 7.81 3.39
CA GLU A 75 11.99 7.06 4.46
C GLU A 75 13.49 6.98 4.24
N MET A 76 14.18 6.29 5.14
CA MET A 76 15.62 6.13 5.04
C MET A 76 16.00 4.72 4.61
N GLY A 77 14.99 3.88 4.44
CA GLY A 77 15.23 2.50 4.02
C GLY A 77 14.10 1.94 3.20
N VAL A 78 13.45 0.89 3.71
CA VAL A 78 12.35 0.25 3.00
C VAL A 78 11.01 0.82 3.47
N HIS A 79 10.08 0.97 2.53
CA HIS A 79 8.75 1.50 2.84
C HIS A 79 7.73 0.38 2.94
N THR A 80 6.95 0.38 4.01
CA THR A 80 5.93 -0.64 4.22
C THR A 80 4.56 -0.01 4.46
N VAL A 81 3.60 -0.35 3.61
CA VAL A 81 2.25 0.18 3.73
C VAL A 81 1.38 -0.72 4.61
N SER A 82 0.82 -0.13 5.66
CA SER A 82 -0.03 -0.88 6.58
C SER A 82 -1.51 -0.67 6.26
N VAL A 83 -2.06 -1.57 5.45
CA VAL A 83 -3.47 -1.48 5.06
C VAL A 83 -4.30 -2.54 5.78
N LYS A 84 -5.08 -2.09 6.77
CA LYS A 84 -5.93 -3.00 7.53
C LYS A 84 -7.40 -2.61 7.38
N TYR A 85 -8.27 -3.61 7.44
CA TYR A 85 -9.70 -3.38 7.31
C TYR A 85 -10.44 -3.82 8.57
N ARG A 86 -10.86 -2.85 9.38
CA ARG A 86 -11.57 -3.14 10.61
C ARG A 86 -10.74 -4.03 11.53
N GLY A 87 -9.42 -3.95 11.39
CA GLY A 87 -8.54 -4.76 12.21
C GLY A 87 -8.20 -6.09 11.56
N GLN A 88 -7.84 -6.04 10.28
CA GLN A 88 -7.49 -7.25 9.53
C GLN A 88 -6.67 -6.90 8.30
N HIS A 89 -5.39 -7.29 8.31
CA HIS A 89 -4.51 -7.03 7.18
C HIS A 89 -5.00 -7.74 5.92
N VAL A 90 -5.37 -6.96 4.91
CA VAL A 90 -5.85 -7.51 3.66
C VAL A 90 -4.80 -8.42 3.01
N THR A 91 -5.16 -9.02 1.88
CA THR A 91 -4.25 -9.91 1.17
C THR A 91 -3.01 -9.16 0.70
N GLY A 92 -1.84 -9.66 1.11
CA GLY A 92 -0.59 -9.02 0.73
C GLY A 92 -0.32 -7.75 1.50
N SER A 93 -0.73 -7.74 2.77
CA SER A 93 -0.54 -6.56 3.62
C SER A 93 0.23 -6.94 4.88
N PRO A 94 1.11 -6.03 5.32
CA PRO A 94 1.34 -4.74 4.64
C PRO A 94 2.03 -4.91 3.30
N PHE A 95 1.95 -3.88 2.47
CA PHE A 95 2.57 -3.91 1.15
C PHE A 95 3.96 -3.29 1.20
N GLN A 96 4.98 -4.11 0.94
CA GLN A 96 6.36 -3.64 0.95
C GLN A 96 6.83 -3.31 -0.46
N PHE A 97 7.52 -2.19 -0.60
CA PHE A 97 8.03 -1.76 -1.90
C PHE A 97 9.25 -0.84 -1.73
N THR A 98 10.13 -0.85 -2.72
CA THR A 98 11.33 -0.02 -2.69
C THR A 98 11.13 1.27 -3.48
N VAL A 99 11.63 2.37 -2.92
CA VAL A 99 11.51 3.66 -3.58
C VAL A 99 12.82 4.08 -4.22
N GLY A 100 12.75 5.05 -5.14
CA GLY A 100 13.94 5.52 -5.82
C GLY A 100 14.02 7.03 -5.85
N PRO A 101 15.24 7.56 -5.98
CA PRO A 101 15.49 9.01 -6.03
C PRO A 101 14.96 9.64 -7.32
N LEU A 102 14.91 10.96 -7.33
CA LEU A 102 14.42 11.69 -8.50
C LEU A 102 15.51 12.59 -9.07
N GLY A 103 15.59 12.66 -10.39
CA GLY A 103 16.60 13.48 -11.04
C GLY A 103 16.41 13.56 -12.54
N GLU A 104 17.47 13.29 -13.29
CA GLU A 104 17.41 13.34 -14.75
C GLU A 104 18.03 12.08 -15.36
N GLY A 105 17.97 11.98 -16.68
CA GLY A 105 18.53 10.83 -17.36
C GLY A 105 17.48 10.03 -18.11
N GLY A 106 16.79 9.15 -17.38
CA GLY A 106 15.77 8.32 -18.00
C GLY A 106 16.31 7.45 -19.12
N GLY A 1 -11.38 -21.64 22.53
CA GLY A 1 -12.21 -22.81 22.34
C GLY A 1 -12.01 -23.47 20.99
N SER A 2 -12.64 -24.62 20.79
CA SER A 2 -12.52 -25.34 19.52
C SER A 2 -13.82 -26.07 19.20
N SER A 3 -14.22 -26.01 17.93
CA SER A 3 -15.44 -26.66 17.49
C SER A 3 -15.28 -27.25 16.09
N GLY A 4 -15.99 -28.33 15.82
CA GLY A 4 -15.90 -28.96 14.52
C GLY A 4 -17.17 -29.71 14.14
N SER A 5 -17.52 -29.69 12.87
CA SER A 5 -18.72 -30.37 12.39
C SER A 5 -18.81 -30.30 10.87
N SER A 6 -19.79 -31.01 10.31
CA SER A 6 -19.98 -31.03 8.86
C SER A 6 -20.55 -29.70 8.37
N GLY A 7 -19.91 -29.13 7.35
CA GLY A 7 -20.36 -27.86 6.80
C GLY A 7 -19.32 -27.20 5.94
N ARG A 8 -19.59 -25.97 5.54
CA ARG A 8 -18.66 -25.22 4.69
C ARG A 8 -17.34 -24.97 5.41
N VAL A 9 -16.28 -24.74 4.64
CA VAL A 9 -14.96 -24.48 5.21
C VAL A 9 -14.08 -23.70 4.23
N LYS A 10 -13.30 -22.76 4.76
CA LYS A 10 -12.42 -21.95 3.95
C LYS A 10 -10.95 -22.27 4.24
N GLU A 11 -10.05 -21.65 3.47
CA GLU A 11 -8.62 -21.87 3.65
C GLU A 11 -7.90 -20.55 3.90
N SER A 12 -6.65 -20.64 4.34
CA SER A 12 -5.85 -19.45 4.61
C SER A 12 -5.63 -18.64 3.34
N ILE A 13 -5.41 -17.34 3.50
CA ILE A 13 -5.19 -16.45 2.36
C ILE A 13 -3.78 -15.85 2.40
N THR A 14 -3.15 -15.78 1.23
CA THR A 14 -1.80 -15.22 1.13
C THR A 14 -1.68 -13.91 1.91
N ARG A 15 -0.53 -13.70 2.53
CA ARG A 15 -0.29 -12.50 3.30
C ARG A 15 0.98 -11.79 2.83
N THR A 16 2.05 -12.56 2.66
CA THR A 16 3.32 -12.02 2.22
C THR A 16 3.48 -12.14 0.70
N SER A 17 3.42 -11.02 0.01
CA SER A 17 3.56 -11.00 -1.44
C SER A 17 3.96 -9.62 -1.94
N ARG A 18 4.51 -9.57 -3.15
CA ARG A 18 4.94 -8.31 -3.75
C ARG A 18 4.08 -7.96 -4.95
N ALA A 19 3.19 -6.98 -4.78
CA ALA A 19 2.32 -6.55 -5.85
C ALA A 19 3.05 -5.64 -6.83
N PRO A 20 2.73 -5.78 -8.13
CA PRO A 20 3.35 -4.97 -9.19
C PRO A 20 2.93 -3.52 -9.14
N SER A 21 3.86 -2.64 -8.79
CA SER A 21 3.57 -1.21 -8.70
C SER A 21 4.85 -0.42 -8.45
N VAL A 22 4.93 0.77 -9.06
CA VAL A 22 6.11 1.63 -8.90
C VAL A 22 5.93 2.58 -7.72
N ALA A 23 6.98 3.33 -7.42
CA ALA A 23 6.95 4.29 -6.32
C ALA A 23 8.16 5.21 -6.35
N THR A 24 7.94 6.49 -6.07
CA THR A 24 9.01 7.47 -6.07
C THR A 24 9.03 8.26 -4.77
N VAL A 25 10.04 9.11 -4.61
CA VAL A 25 10.17 9.94 -3.41
C VAL A 25 10.02 11.41 -3.74
N GLY A 26 9.53 12.19 -2.76
CA GLY A 26 9.34 13.61 -2.97
C GLY A 26 8.30 13.91 -4.02
N SER A 27 7.15 13.24 -3.93
CA SER A 27 6.08 13.43 -4.89
C SER A 27 4.82 12.68 -4.45
N ILE A 28 3.66 13.14 -4.91
CA ILE A 28 2.40 12.51 -4.57
C ILE A 28 2.16 11.27 -5.41
N CYS A 29 2.59 10.13 -4.91
CA CYS A 29 2.43 8.86 -5.62
C CYS A 29 1.04 8.29 -5.39
N ASP A 30 0.39 7.86 -6.46
CA ASP A 30 -0.96 7.30 -6.37
C ASP A 30 -0.89 5.77 -6.31
N LEU A 31 -1.46 5.21 -5.25
CA LEU A 31 -1.47 3.76 -5.07
C LEU A 31 -2.83 3.17 -5.47
N ASN A 32 -2.93 2.67 -6.68
CA ASN A 32 -4.16 2.08 -7.17
C ASN A 32 -4.37 0.69 -6.59
N LEU A 33 -5.50 0.49 -5.91
CA LEU A 33 -5.82 -0.80 -5.31
C LEU A 33 -7.18 -1.30 -5.77
N LYS A 34 -7.30 -2.61 -5.95
CA LYS A 34 -8.55 -3.22 -6.38
C LYS A 34 -9.38 -3.66 -5.19
N ILE A 35 -9.89 -2.70 -4.44
CA ILE A 35 -10.71 -3.00 -3.26
C ILE A 35 -12.18 -3.15 -3.64
N PRO A 36 -12.85 -4.15 -3.04
CA PRO A 36 -14.27 -4.42 -3.31
C PRO A 36 -15.17 -3.33 -2.73
N GLU A 37 -16.47 -3.64 -2.64
CA GLU A 37 -17.43 -2.70 -2.10
C GLU A 37 -16.91 -2.03 -0.84
N ILE A 38 -16.02 -2.72 -0.14
CA ILE A 38 -15.44 -2.19 1.09
C ILE A 38 -15.23 -0.68 0.99
N ASN A 39 -15.69 0.05 2.00
CA ASN A 39 -15.55 1.50 2.02
C ASN A 39 -14.21 1.90 2.62
N SER A 40 -13.93 3.20 2.62
CA SER A 40 -12.67 3.72 3.16
C SER A 40 -12.82 4.06 4.64
N SER A 41 -14.06 4.25 5.08
CA SER A 41 -14.33 4.57 6.48
C SER A 41 -14.02 3.39 7.39
N ASP A 42 -13.85 2.22 6.78
CA ASP A 42 -13.55 1.00 7.54
C ASP A 42 -12.07 0.64 7.41
N MET A 43 -11.47 1.00 6.28
CA MET A 43 -10.06 0.70 6.04
C MET A 43 -9.17 1.74 6.72
N SER A 44 -7.89 1.43 6.83
CA SER A 44 -6.93 2.33 7.46
C SER A 44 -5.54 2.18 6.83
N ALA A 45 -4.99 3.29 6.35
CA ALA A 45 -3.67 3.29 5.73
C ALA A 45 -2.66 4.03 6.60
N HIS A 46 -1.49 3.42 6.77
CA HIS A 46 -0.43 4.01 7.58
C HIS A 46 0.94 3.59 7.06
N VAL A 47 1.80 4.57 6.79
CA VAL A 47 3.14 4.30 6.30
C VAL A 47 4.14 4.24 7.44
N THR A 48 4.51 3.02 7.83
CA THR A 48 5.46 2.82 8.92
C THR A 48 6.90 2.85 8.40
N SER A 49 7.78 3.51 9.14
CA SER A 49 9.18 3.61 8.76
C SER A 49 9.96 2.41 9.25
N PRO A 50 11.11 2.12 8.59
CA PRO A 50 11.96 0.99 8.94
C PRO A 50 12.68 1.21 10.27
N SER A 51 12.37 2.31 10.94
CA SER A 51 12.99 2.63 12.21
C SER A 51 12.05 2.29 13.37
N GLY A 52 10.91 2.99 13.43
CA GLY A 52 9.95 2.74 14.48
C GLY A 52 8.90 3.83 14.56
N ARG A 53 8.53 4.38 13.42
CA ARG A 53 7.52 5.44 13.37
C ARG A 53 6.32 4.99 12.55
N VAL A 54 5.17 5.61 12.82
CA VAL A 54 3.94 5.28 12.10
C VAL A 54 3.20 6.54 11.66
N THR A 55 2.95 6.65 10.36
CA THR A 55 2.25 7.80 9.80
C THR A 55 0.89 7.41 9.24
N GLU A 56 0.09 8.41 8.88
CA GLU A 56 -1.24 8.16 8.33
C GLU A 56 -1.32 8.67 6.89
N ALA A 57 -2.10 7.97 6.07
CA ALA A 57 -2.28 8.34 4.68
C ALA A 57 -3.73 8.67 4.38
N GLU A 58 -3.97 9.35 3.26
CA GLU A 58 -5.32 9.73 2.85
C GLU A 58 -5.81 8.83 1.73
N ILE A 59 -7.12 8.54 1.74
CA ILE A 59 -7.72 7.69 0.72
C ILE A 59 -8.76 8.46 -0.08
N VAL A 60 -8.37 8.88 -1.29
CA VAL A 60 -9.28 9.63 -2.16
C VAL A 60 -10.36 8.73 -2.74
N PRO A 61 -11.63 9.16 -2.62
CA PRO A 61 -12.77 8.40 -3.13
C PRO A 61 -12.82 8.36 -4.66
N MET A 62 -12.88 7.16 -5.21
CA MET A 62 -12.92 6.99 -6.66
C MET A 62 -14.36 6.80 -7.14
N GLY A 63 -14.93 5.64 -6.84
CA GLY A 63 -16.29 5.35 -7.25
C GLY A 63 -16.73 3.95 -6.85
N LYS A 64 -17.17 3.17 -7.84
CA LYS A 64 -17.62 1.81 -7.58
C LYS A 64 -16.48 0.93 -7.10
N ASN A 65 -16.57 0.46 -5.87
CA ASN A 65 -15.53 -0.39 -5.29
C ASN A 65 -14.15 0.04 -5.76
N SER A 66 -13.91 1.35 -5.73
CA SER A 66 -12.62 1.90 -6.15
C SER A 66 -12.09 2.89 -5.13
N HIS A 67 -10.79 2.80 -4.84
CA HIS A 67 -10.17 3.69 -3.86
C HIS A 67 -8.72 3.98 -4.26
N CYS A 68 -8.30 5.22 -4.04
CA CYS A 68 -6.93 5.64 -4.38
C CYS A 68 -6.29 6.37 -3.21
N VAL A 69 -5.00 6.10 -3.00
CA VAL A 69 -4.25 6.73 -1.91
C VAL A 69 -3.15 7.62 -2.46
N ARG A 70 -3.12 8.88 -2.01
CA ARG A 70 -2.10 9.82 -2.45
C ARG A 70 -1.26 10.30 -1.27
N PHE A 71 0.04 10.04 -1.34
CA PHE A 71 0.96 10.45 -0.28
C PHE A 71 2.40 10.48 -0.79
N VAL A 72 3.29 11.06 0.00
CA VAL A 72 4.70 11.17 -0.36
C VAL A 72 5.54 10.18 0.43
N PRO A 73 5.72 8.97 -0.12
CA PRO A 73 6.50 7.91 0.52
C PRO A 73 8.00 8.23 0.53
N GLN A 74 8.42 9.08 1.48
CA GLN A 74 9.81 9.46 1.59
C GLN A 74 10.39 9.04 2.94
N GLU A 75 11.32 8.09 2.91
CA GLU A 75 11.94 7.61 4.13
C GLU A 75 13.43 7.34 3.92
N MET A 76 14.13 7.04 5.01
CA MET A 76 15.56 6.76 4.94
C MET A 76 15.82 5.27 4.76
N GLY A 77 14.77 4.52 4.42
CA GLY A 77 14.90 3.09 4.23
C GLY A 77 13.73 2.49 3.49
N VAL A 78 13.36 1.27 3.83
CA VAL A 78 12.26 0.58 3.19
C VAL A 78 10.92 1.06 3.74
N HIS A 79 9.96 1.29 2.84
CA HIS A 79 8.64 1.75 3.24
C HIS A 79 7.67 0.58 3.37
N THR A 80 6.81 0.64 4.38
CA THR A 80 5.83 -0.42 4.62
C THR A 80 4.46 0.16 4.91
N VAL A 81 3.48 -0.20 4.08
CA VAL A 81 2.11 0.28 4.25
C VAL A 81 1.23 -0.78 4.89
N SER A 82 0.75 -0.49 6.10
CA SER A 82 -0.10 -1.42 6.82
C SER A 82 -1.57 -1.13 6.55
N VAL A 83 -2.14 -1.85 5.59
CA VAL A 83 -3.54 -1.68 5.23
C VAL A 83 -4.42 -2.76 5.86
N LYS A 84 -5.14 -2.40 6.91
CA LYS A 84 -6.02 -3.33 7.60
C LYS A 84 -7.48 -2.92 7.45
N TYR A 85 -8.37 -3.91 7.46
CA TYR A 85 -9.80 -3.65 7.32
C TYR A 85 -10.55 -4.06 8.60
N ARG A 86 -10.99 -3.06 9.36
CA ARG A 86 -11.71 -3.31 10.60
C ARG A 86 -10.91 -4.21 11.53
N GLY A 87 -9.59 -4.15 11.41
CA GLY A 87 -8.73 -4.96 12.25
C GLY A 87 -8.38 -6.29 11.60
N GLN A 88 -8.09 -6.25 10.31
CA GLN A 88 -7.74 -7.46 9.57
C GLN A 88 -6.98 -7.12 8.28
N HIS A 89 -5.69 -7.44 8.25
CA HIS A 89 -4.87 -7.16 7.09
C HIS A 89 -5.44 -7.84 5.85
N VAL A 90 -5.47 -7.09 4.74
CA VAL A 90 -6.00 -7.61 3.48
C VAL A 90 -4.91 -8.35 2.71
N THR A 91 -5.27 -8.80 1.51
CA THR A 91 -4.33 -9.52 0.65
C THR A 91 -3.19 -8.62 0.20
N GLY A 92 -1.96 -9.04 0.48
CA GLY A 92 -0.80 -8.25 0.09
C GLY A 92 -0.40 -7.25 1.15
N SER A 93 -0.92 -7.42 2.36
CA SER A 93 -0.61 -6.53 3.47
C SER A 93 0.12 -7.27 4.59
N PRO A 94 1.08 -6.58 5.22
CA PRO A 94 1.43 -5.20 4.88
C PRO A 94 2.11 -5.10 3.51
N PHE A 95 1.94 -3.96 2.86
CA PHE A 95 2.55 -3.73 1.55
C PHE A 95 3.98 -3.21 1.69
N GLN A 96 4.90 -3.84 0.96
CA GLN A 96 6.30 -3.45 1.00
C GLN A 96 6.80 -3.08 -0.38
N PHE A 97 7.46 -1.93 -0.49
CA PHE A 97 8.00 -1.47 -1.78
C PHE A 97 9.19 -0.56 -1.56
N THR A 98 10.14 -0.60 -2.50
CA THR A 98 11.34 0.22 -2.42
C THR A 98 11.19 1.50 -3.23
N VAL A 99 11.42 2.65 -2.58
CA VAL A 99 11.32 3.94 -3.23
C VAL A 99 12.67 4.40 -3.78
N GLY A 100 12.64 5.11 -4.90
CA GLY A 100 13.86 5.60 -5.50
C GLY A 100 13.79 7.07 -5.87
N PRO A 101 14.95 7.74 -5.86
CA PRO A 101 15.03 9.16 -6.19
C PRO A 101 14.77 9.44 -7.66
N LEU A 102 14.60 10.72 -8.01
CA LEU A 102 14.35 11.11 -9.38
C LEU A 102 15.64 11.48 -10.09
N GLY A 103 15.63 11.37 -11.43
CA GLY A 103 16.81 11.70 -12.20
C GLY A 103 16.51 11.85 -13.68
N GLU A 104 16.49 13.09 -14.15
CA GLU A 104 16.20 13.35 -15.56
C GLU A 104 17.35 14.14 -16.21
N GLY A 105 18.12 13.46 -17.05
CA GLY A 105 19.23 14.11 -17.72
C GLY A 105 18.79 14.94 -18.90
N GLY A 106 18.66 14.30 -20.06
CA GLY A 106 18.25 15.01 -21.26
C GLY A 106 18.83 16.41 -21.34
N GLY A 1 -8.51 -39.14 5.69
CA GLY A 1 -8.02 -38.33 6.78
C GLY A 1 -8.98 -37.24 7.18
N SER A 2 -9.66 -37.43 8.31
CA SER A 2 -10.62 -36.47 8.80
C SER A 2 -10.40 -36.19 10.29
N SER A 3 -10.14 -34.93 10.61
CA SER A 3 -9.90 -34.52 12.00
C SER A 3 -10.44 -33.11 12.25
N GLY A 4 -10.56 -32.76 13.53
CA GLY A 4 -11.06 -31.44 13.89
C GLY A 4 -9.97 -30.40 13.92
N SER A 5 -10.28 -29.23 14.47
CA SER A 5 -9.32 -28.14 14.56
C SER A 5 -8.66 -27.89 13.21
N SER A 6 -9.45 -28.00 12.14
CA SER A 6 -8.93 -27.79 10.78
C SER A 6 -8.12 -26.51 10.71
N GLY A 7 -8.64 -25.45 11.33
CA GLY A 7 -7.95 -24.17 11.32
C GLY A 7 -7.10 -23.95 12.56
N ARG A 8 -6.43 -22.81 12.63
CA ARG A 8 -5.58 -22.49 13.76
C ARG A 8 -5.61 -20.99 14.07
N VAL A 9 -5.88 -20.65 15.32
CA VAL A 9 -5.93 -19.25 15.73
C VAL A 9 -4.82 -18.93 16.73
N LYS A 10 -3.84 -18.16 16.28
CA LYS A 10 -2.71 -17.78 17.13
C LYS A 10 -2.15 -16.42 16.71
N GLU A 11 -1.16 -15.94 17.45
CA GLU A 11 -0.54 -14.66 17.16
C GLU A 11 -0.29 -14.50 15.67
N SER A 12 -0.77 -13.39 15.10
CA SER A 12 -0.60 -13.13 13.68
C SER A 12 0.84 -13.40 13.24
N ILE A 13 1.00 -14.37 12.34
CA ILE A 13 2.32 -14.73 11.84
C ILE A 13 2.78 -13.75 10.76
N THR A 14 3.84 -13.02 11.06
CA THR A 14 4.39 -12.05 10.11
C THR A 14 4.62 -12.68 8.74
N ARG A 15 4.14 -12.01 7.70
CA ARG A 15 4.29 -12.50 6.34
C ARG A 15 4.00 -11.39 5.33
N THR A 16 4.96 -11.15 4.43
CA THR A 16 4.82 -10.12 3.42
C THR A 16 5.58 -10.49 2.15
N SER A 17 4.92 -10.35 1.00
CA SER A 17 5.54 -10.67 -0.27
C SER A 17 6.14 -9.43 -0.92
N ARG A 18 7.46 -9.46 -1.14
CA ARG A 18 8.16 -8.34 -1.74
C ARG A 18 7.95 -8.30 -3.25
N ALA A 19 7.23 -7.29 -3.72
CA ALA A 19 6.96 -7.15 -5.15
C ALA A 19 7.34 -5.75 -5.64
N PRO A 20 7.84 -5.68 -6.88
CA PRO A 20 8.24 -4.41 -7.50
C PRO A 20 7.05 -3.51 -7.82
N SER A 21 7.29 -2.20 -7.81
CA SER A 21 6.23 -1.25 -8.11
C SER A 21 6.80 0.17 -8.18
N VAL A 22 6.64 0.82 -9.33
CA VAL A 22 7.13 2.17 -9.52
C VAL A 22 6.75 3.07 -8.35
N ALA A 23 7.72 3.85 -7.86
CA ALA A 23 7.48 4.75 -6.76
C ALA A 23 8.52 5.86 -6.71
N THR A 24 8.12 7.04 -6.26
CA THR A 24 9.03 8.18 -6.16
C THR A 24 9.07 8.74 -4.74
N VAL A 25 10.15 9.44 -4.42
CA VAL A 25 10.31 10.03 -3.10
C VAL A 25 10.23 11.55 -3.16
N GLY A 26 9.45 12.13 -2.26
CA GLY A 26 9.30 13.58 -2.22
C GLY A 26 8.21 14.07 -3.16
N SER A 27 7.31 13.16 -3.55
CA SER A 27 6.22 13.51 -4.45
C SER A 27 4.96 12.73 -4.10
N ILE A 28 3.82 13.21 -4.59
CA ILE A 28 2.54 12.55 -4.32
C ILE A 28 2.46 11.21 -5.04
N CYS A 29 2.70 10.13 -4.30
CA CYS A 29 2.65 8.79 -4.85
C CYS A 29 1.25 8.19 -4.71
N ASP A 30 0.54 8.11 -5.83
CA ASP A 30 -0.81 7.56 -5.82
C ASP A 30 -0.78 6.03 -5.75
N LEU A 31 -1.38 5.48 -4.70
CA LEU A 31 -1.41 4.04 -4.51
C LEU A 31 -2.78 3.48 -4.87
N ASN A 32 -2.91 2.99 -6.11
CA ASN A 32 -4.17 2.41 -6.57
C ASN A 32 -4.29 0.95 -6.16
N LEU A 33 -5.33 0.63 -5.41
CA LEU A 33 -5.57 -0.73 -4.95
C LEU A 33 -6.97 -1.19 -5.32
N LYS A 34 -7.13 -2.50 -5.54
CA LYS A 34 -8.41 -3.07 -5.89
C LYS A 34 -9.17 -3.53 -4.65
N ILE A 35 -10.19 -2.77 -4.26
CA ILE A 35 -10.98 -3.10 -3.09
C ILE A 35 -12.47 -3.16 -3.44
N PRO A 36 -13.17 -4.16 -2.89
CA PRO A 36 -14.61 -4.35 -3.13
C PRO A 36 -15.45 -3.27 -2.47
N GLU A 37 -16.76 -3.50 -2.38
CA GLU A 37 -17.67 -2.55 -1.77
C GLU A 37 -17.08 -1.96 -0.48
N ILE A 38 -16.21 -2.74 0.15
CA ILE A 38 -15.58 -2.31 1.40
C ILE A 38 -15.33 -0.81 1.38
N ASN A 39 -16.07 -0.08 2.22
CA ASN A 39 -15.91 1.37 2.31
C ASN A 39 -14.56 1.74 2.91
N SER A 40 -14.27 3.03 2.94
CA SER A 40 -13.02 3.52 3.48
C SER A 40 -13.14 3.82 4.97
N SER A 41 -14.31 4.32 5.36
CA SER A 41 -14.57 4.66 6.76
C SER A 41 -14.20 3.50 7.68
N ASP A 42 -14.08 2.31 7.09
CA ASP A 42 -13.73 1.12 7.86
C ASP A 42 -12.27 0.74 7.65
N MET A 43 -11.72 1.14 6.51
CA MET A 43 -10.33 0.86 6.19
C MET A 43 -9.40 1.85 6.90
N SER A 44 -8.09 1.59 6.80
CA SER A 44 -7.10 2.45 7.43
C SER A 44 -5.77 2.38 6.69
N ALA A 45 -5.36 3.50 6.10
CA ALA A 45 -4.10 3.57 5.37
C ALA A 45 -3.02 4.28 6.18
N HIS A 46 -1.85 3.67 6.25
CA HIS A 46 -0.73 4.24 6.99
C HIS A 46 0.61 3.76 6.44
N VAL A 47 1.56 4.68 6.31
CA VAL A 47 2.88 4.35 5.79
C VAL A 47 3.85 4.04 6.93
N THR A 48 4.27 2.78 7.02
CA THR A 48 5.20 2.36 8.06
C THR A 48 6.64 2.70 7.68
N SER A 49 7.47 2.94 8.69
CA SER A 49 8.87 3.28 8.45
C SER A 49 9.78 2.15 8.91
N PRO A 50 10.98 2.07 8.31
CA PRO A 50 11.96 1.04 8.62
C PRO A 50 12.57 1.23 10.01
N SER A 51 12.20 2.32 10.67
CA SER A 51 12.70 2.62 12.00
C SER A 51 11.68 2.26 13.07
N GLY A 52 10.42 2.15 12.66
CA GLY A 52 9.36 1.81 13.59
C GLY A 52 8.26 2.84 13.62
N ARG A 53 8.49 3.98 12.99
CA ARG A 53 7.51 5.06 12.95
C ARG A 53 6.43 4.77 11.90
N VAL A 54 5.26 5.35 12.09
CA VAL A 54 4.15 5.16 11.16
C VAL A 54 3.57 6.49 10.71
N THR A 55 3.09 6.54 9.47
CA THR A 55 2.51 7.76 8.92
C THR A 55 1.02 7.57 8.64
N GLU A 56 0.35 8.66 8.27
CA GLU A 56 -1.07 8.61 7.96
C GLU A 56 -1.33 8.95 6.50
N ALA A 57 -2.19 8.16 5.87
CA ALA A 57 -2.53 8.37 4.45
C ALA A 57 -4.03 8.57 4.27
N GLU A 58 -4.40 9.22 3.18
CA GLU A 58 -5.81 9.48 2.89
C GLU A 58 -6.29 8.61 1.73
N ILE A 59 -7.56 8.22 1.78
CA ILE A 59 -8.15 7.39 0.73
C ILE A 59 -9.23 8.16 -0.03
N VAL A 60 -9.06 8.27 -1.34
CA VAL A 60 -10.02 8.97 -2.18
C VAL A 60 -10.83 7.99 -3.02
N PRO A 61 -12.15 8.20 -3.06
CA PRO A 61 -13.07 7.35 -3.82
C PRO A 61 -12.91 7.52 -5.32
N MET A 62 -12.90 6.40 -6.05
CA MET A 62 -12.76 6.43 -7.50
C MET A 62 -13.95 5.77 -8.17
N GLY A 63 -15.15 6.26 -7.86
CA GLY A 63 -16.35 5.70 -8.45
C GLY A 63 -16.40 4.19 -8.34
N LYS A 64 -15.83 3.51 -9.32
CA LYS A 64 -15.81 2.05 -9.35
C LYS A 64 -15.31 1.50 -8.02
N ASN A 65 -15.19 0.17 -7.94
CA ASN A 65 -14.72 -0.48 -6.72
C ASN A 65 -13.21 -0.32 -6.57
N SER A 66 -12.73 0.91 -6.75
CA SER A 66 -11.31 1.18 -6.63
C SER A 66 -11.06 2.39 -5.73
N HIS A 67 -9.88 2.43 -5.12
CA HIS A 67 -9.52 3.53 -4.22
C HIS A 67 -8.13 4.06 -4.56
N CYS A 68 -7.92 5.35 -4.32
CA CYS A 68 -6.63 5.98 -4.60
C CYS A 68 -6.11 6.70 -3.35
N VAL A 69 -4.88 6.40 -2.97
CA VAL A 69 -4.26 7.03 -1.80
C VAL A 69 -3.17 8.00 -2.20
N ARG A 70 -3.32 9.26 -1.79
CA ARG A 70 -2.35 10.29 -2.12
C ARG A 70 -1.48 10.62 -0.91
N PHE A 71 -0.18 10.37 -1.03
CA PHE A 71 0.76 10.64 0.05
C PHE A 71 2.19 10.73 -0.47
N VAL A 72 3.08 11.25 0.36
CA VAL A 72 4.48 11.40 -0.02
C VAL A 72 5.35 10.34 0.66
N PRO A 73 5.57 9.22 -0.04
CA PRO A 73 6.38 8.11 0.48
C PRO A 73 7.86 8.46 0.57
N GLN A 74 8.23 9.19 1.62
CA GLN A 74 9.62 9.59 1.81
C GLN A 74 10.19 8.98 3.09
N GLU A 75 11.15 8.08 2.93
CA GLU A 75 11.78 7.41 4.06
C GLU A 75 13.28 7.27 3.85
N MET A 76 13.99 6.85 4.89
CA MET A 76 15.43 6.66 4.82
C MET A 76 15.78 5.19 4.61
N GLY A 77 14.76 4.36 4.44
CA GLY A 77 14.97 2.94 4.24
C GLY A 77 13.90 2.30 3.39
N VAL A 78 13.40 1.15 3.83
CA VAL A 78 12.36 0.44 3.10
C VAL A 78 10.97 0.93 3.49
N HIS A 79 10.11 1.09 2.49
CA HIS A 79 8.74 1.56 2.74
C HIS A 79 7.77 0.39 2.85
N THR A 80 6.86 0.46 3.82
CA THR A 80 5.89 -0.59 4.03
C THR A 80 4.51 -0.01 4.32
N VAL A 81 3.57 -0.25 3.41
CA VAL A 81 2.21 0.25 3.57
C VAL A 81 1.35 -0.73 4.35
N SER A 82 0.78 -0.28 5.46
CA SER A 82 -0.06 -1.12 6.29
C SER A 82 -1.54 -0.82 6.04
N VAL A 83 -2.22 -1.76 5.38
CA VAL A 83 -3.64 -1.61 5.09
C VAL A 83 -4.47 -2.61 5.86
N LYS A 84 -5.16 -2.13 6.90
CA LYS A 84 -6.01 -2.99 7.72
C LYS A 84 -7.47 -2.59 7.61
N TYR A 85 -8.35 -3.57 7.51
CA TYR A 85 -9.78 -3.31 7.40
C TYR A 85 -10.49 -3.61 8.71
N ARG A 86 -10.68 -2.58 9.52
CA ARG A 86 -11.35 -2.74 10.81
C ARG A 86 -10.55 -3.66 11.74
N GLY A 87 -9.24 -3.70 11.52
CA GLY A 87 -8.39 -4.55 12.33
C GLY A 87 -8.06 -5.87 11.66
N GLN A 88 -7.97 -5.86 10.34
CA GLN A 88 -7.67 -7.05 9.57
C GLN A 88 -6.80 -6.73 8.37
N HIS A 89 -5.53 -7.13 8.42
CA HIS A 89 -4.60 -6.88 7.34
C HIS A 89 -5.07 -7.55 6.05
N VAL A 90 -5.36 -6.74 5.04
CA VAL A 90 -5.82 -7.25 3.76
C VAL A 90 -4.79 -8.20 3.13
N THR A 91 -5.18 -8.84 2.04
CA THR A 91 -4.29 -9.77 1.35
C THR A 91 -2.96 -9.12 1.00
N GLY A 92 -1.88 -9.88 1.09
CA GLY A 92 -0.57 -9.36 0.78
C GLY A 92 -0.25 -8.09 1.55
N SER A 93 -0.79 -7.98 2.75
CA SER A 93 -0.58 -6.80 3.59
C SER A 93 0.23 -7.17 4.84
N PRO A 94 1.12 -6.26 5.25
CA PRO A 94 1.33 -4.98 4.56
C PRO A 94 1.99 -5.16 3.20
N PHE A 95 2.12 -4.06 2.46
CA PHE A 95 2.74 -4.10 1.14
C PHE A 95 4.10 -3.41 1.16
N GLN A 96 5.15 -4.20 1.00
CA GLN A 96 6.51 -3.68 1.01
C GLN A 96 6.93 -3.24 -0.39
N PHE A 97 7.58 -2.09 -0.49
CA PHE A 97 8.04 -1.57 -1.77
C PHE A 97 9.23 -0.63 -1.58
N THR A 98 10.19 -0.72 -2.49
CA THR A 98 11.38 0.12 -2.43
C THR A 98 11.22 1.37 -3.29
N VAL A 99 11.64 2.51 -2.74
CA VAL A 99 11.54 3.78 -3.46
C VAL A 99 12.89 4.22 -4.00
N GLY A 100 12.88 5.19 -4.91
CA GLY A 100 14.12 5.68 -5.49
C GLY A 100 14.10 7.19 -5.68
N PRO A 101 15.28 7.82 -5.51
CA PRO A 101 15.42 9.27 -5.67
C PRO A 101 15.29 9.70 -7.12
N LEU A 102 15.42 11.01 -7.35
CA LEU A 102 15.31 11.56 -8.69
C LEU A 102 16.56 11.25 -9.51
N GLY A 103 16.40 10.40 -10.51
CA GLY A 103 17.53 10.04 -11.36
C GLY A 103 17.40 10.58 -12.76
N GLU A 104 16.33 10.20 -13.45
CA GLU A 104 16.10 10.66 -14.82
C GLU A 104 15.27 11.94 -14.82
N GLY A 105 14.10 11.88 -14.20
CA GLY A 105 13.23 13.04 -14.15
C GLY A 105 11.82 12.75 -14.64
N GLY A 106 11.61 12.91 -15.95
CA GLY A 106 10.30 12.65 -16.51
C GLY A 106 9.54 13.93 -16.83
N GLY A 1 -18.78 -20.42 36.86
CA GLY A 1 -18.11 -20.49 35.58
C GLY A 1 -18.79 -19.64 34.51
N SER A 2 -18.21 -18.48 34.23
CA SER A 2 -18.77 -17.57 33.24
C SER A 2 -17.80 -17.40 32.07
N SER A 3 -18.35 -17.42 30.85
CA SER A 3 -17.54 -17.27 29.65
C SER A 3 -18.42 -17.02 28.43
N GLY A 4 -17.84 -16.40 27.40
CA GLY A 4 -18.59 -16.11 26.20
C GLY A 4 -17.70 -15.98 24.98
N SER A 5 -17.13 -17.11 24.54
CA SER A 5 -16.25 -17.12 23.38
C SER A 5 -17.01 -17.52 22.12
N SER A 6 -16.37 -17.35 20.97
CA SER A 6 -16.99 -17.70 19.70
C SER A 6 -16.11 -18.68 18.91
N GLY A 7 -14.82 -18.40 18.84
CA GLY A 7 -13.91 -19.26 18.13
C GLY A 7 -13.51 -18.70 16.78
N ARG A 8 -12.73 -17.62 16.80
CA ARG A 8 -12.29 -16.98 15.57
C ARG A 8 -10.81 -17.23 15.32
N VAL A 9 -10.35 -16.98 14.09
CA VAL A 9 -8.95 -17.18 13.74
C VAL A 9 -8.39 -15.95 13.03
N LYS A 10 -7.58 -15.18 13.74
CA LYS A 10 -6.98 -13.99 13.17
C LYS A 10 -5.50 -14.23 12.83
N GLU A 11 -5.22 -15.39 12.25
CA GLU A 11 -3.86 -15.74 11.88
C GLU A 11 -3.36 -14.85 10.73
N SER A 12 -2.05 -14.66 10.67
CA SER A 12 -1.45 -13.82 9.64
C SER A 12 -1.22 -14.63 8.36
N ILE A 13 -0.93 -13.93 7.27
CA ILE A 13 -0.69 -14.57 5.99
C ILE A 13 0.65 -14.14 5.39
N THR A 14 1.20 -14.99 4.53
CA THR A 14 2.48 -14.69 3.89
C THR A 14 2.55 -15.29 2.49
N ARG A 15 3.32 -14.64 1.62
CA ARG A 15 3.46 -15.11 0.24
C ARG A 15 4.60 -14.38 -0.46
N THR A 16 4.94 -14.84 -1.66
CA THR A 16 6.02 -14.24 -2.44
C THR A 16 5.56 -12.95 -3.09
N SER A 17 5.88 -11.82 -2.46
CA SER A 17 5.50 -10.52 -2.99
C SER A 17 5.53 -10.51 -4.50
N ARG A 18 4.39 -10.18 -5.12
CA ARG A 18 4.28 -10.15 -6.57
C ARG A 18 5.30 -9.18 -7.16
N ALA A 19 5.39 -9.16 -8.49
CA ALA A 19 6.32 -8.28 -9.18
C ALA A 19 6.46 -6.94 -8.45
N PRO A 20 7.68 -6.38 -8.47
CA PRO A 20 7.96 -5.10 -7.81
C PRO A 20 7.30 -3.92 -8.53
N SER A 21 7.37 -2.75 -7.91
CA SER A 21 6.78 -1.55 -8.48
C SER A 21 7.69 -0.34 -8.28
N VAL A 22 7.92 0.39 -9.37
CA VAL A 22 8.77 1.57 -9.32
C VAL A 22 8.13 2.69 -8.51
N ALA A 23 8.89 3.27 -7.59
CA ALA A 23 8.40 4.35 -6.75
C ALA A 23 9.45 5.45 -6.59
N THR A 24 8.99 6.69 -6.52
CA THR A 24 9.89 7.83 -6.36
C THR A 24 9.80 8.41 -4.95
N VAL A 25 10.68 9.37 -4.65
CA VAL A 25 10.69 10.00 -3.35
C VAL A 25 10.46 11.51 -3.48
N GLY A 26 9.70 12.06 -2.53
CA GLY A 26 9.41 13.48 -2.56
C GLY A 26 8.34 13.85 -3.56
N SER A 27 7.25 13.08 -3.57
CA SER A 27 6.15 13.33 -4.48
C SER A 27 4.95 12.43 -4.16
N ILE A 28 3.77 12.82 -4.64
CA ILE A 28 2.56 12.05 -4.39
C ILE A 28 2.55 10.78 -5.23
N CYS A 29 2.72 9.64 -4.57
CA CYS A 29 2.72 8.36 -5.25
C CYS A 29 1.32 7.74 -5.23
N ASP A 30 0.66 7.76 -6.39
CA ASP A 30 -0.67 7.20 -6.51
C ASP A 30 -0.65 5.68 -6.37
N LEU A 31 -1.49 5.15 -5.50
CA LEU A 31 -1.56 3.72 -5.27
C LEU A 31 -2.98 3.19 -5.48
N ASN A 32 -3.25 2.67 -6.68
CA ASN A 32 -4.56 2.14 -7.00
C ASN A 32 -4.73 0.73 -6.46
N LEU A 33 -5.76 0.54 -5.64
CA LEU A 33 -6.04 -0.77 -5.05
C LEU A 33 -7.46 -1.21 -5.34
N LYS A 34 -7.65 -2.50 -5.57
CA LYS A 34 -8.97 -3.06 -5.86
C LYS A 34 -9.66 -3.51 -4.57
N ILE A 35 -10.42 -2.60 -3.96
CA ILE A 35 -11.14 -2.91 -2.73
C ILE A 35 -12.63 -3.10 -2.99
N PRO A 36 -13.21 -4.12 -2.34
CA PRO A 36 -14.64 -4.44 -2.49
C PRO A 36 -15.53 -3.38 -1.84
N GLU A 37 -16.79 -3.72 -1.64
CA GLU A 37 -17.75 -2.80 -1.04
C GLU A 37 -17.13 -2.09 0.17
N ILE A 38 -16.10 -2.70 0.75
CA ILE A 38 -15.43 -2.13 1.91
C ILE A 38 -15.27 -0.63 1.75
N ASN A 39 -15.69 0.12 2.77
CA ASN A 39 -15.58 1.58 2.74
C ASN A 39 -14.29 2.04 3.42
N SER A 40 -13.95 3.30 3.22
CA SER A 40 -12.74 3.87 3.80
C SER A 40 -12.92 4.10 5.30
N SER A 41 -14.03 4.72 5.67
CA SER A 41 -14.33 5.01 7.07
C SER A 41 -13.99 3.82 7.95
N ASP A 42 -14.15 2.61 7.40
CA ASP A 42 -13.86 1.39 8.14
C ASP A 42 -12.40 0.98 7.96
N MET A 43 -11.85 1.25 6.78
CA MET A 43 -10.47 0.91 6.48
C MET A 43 -9.52 1.95 7.06
N SER A 44 -8.23 1.62 7.09
CA SER A 44 -7.22 2.53 7.62
C SER A 44 -5.87 2.30 6.95
N ALA A 45 -5.34 3.35 6.33
CA ALA A 45 -4.06 3.27 5.65
C ALA A 45 -3.01 4.14 6.33
N HIS A 46 -1.84 3.57 6.59
CA HIS A 46 -0.76 4.30 7.24
C HIS A 46 0.60 3.70 6.87
N VAL A 47 1.47 4.53 6.32
CA VAL A 47 2.80 4.10 5.92
C VAL A 47 3.77 4.12 7.10
N THR A 48 4.58 3.06 7.22
CA THR A 48 5.55 2.97 8.29
C THR A 48 6.97 3.18 7.78
N SER A 49 7.86 3.61 8.67
CA SER A 49 9.25 3.85 8.31
C SER A 49 10.17 2.82 8.95
N PRO A 50 11.31 2.56 8.30
CA PRO A 50 12.30 1.59 8.78
C PRO A 50 13.01 2.07 10.04
N SER A 51 12.65 3.26 10.50
CA SER A 51 13.25 3.83 11.70
C SER A 51 12.31 3.72 12.90
N GLY A 52 11.03 3.53 12.61
CA GLY A 52 10.04 3.41 13.67
C GLY A 52 9.02 4.53 13.65
N ARG A 53 8.83 5.13 12.47
CA ARG A 53 7.88 6.23 12.33
C ARG A 53 6.64 5.78 11.57
N VAL A 54 5.51 6.44 11.84
CA VAL A 54 4.26 6.10 11.19
C VAL A 54 3.54 7.36 10.69
N THR A 55 3.05 7.30 9.45
CA THR A 55 2.36 8.42 8.85
C THR A 55 0.90 8.07 8.55
N GLU A 56 0.14 9.07 8.12
CA GLU A 56 -1.27 8.87 7.81
C GLU A 56 -1.56 9.25 6.36
N ALA A 57 -2.22 8.36 5.63
CA ALA A 57 -2.55 8.60 4.24
C ALA A 57 -4.06 8.76 4.05
N GLU A 58 -4.46 9.33 2.92
CA GLU A 58 -5.87 9.54 2.63
C GLU A 58 -6.35 8.60 1.53
N ILE A 59 -7.52 8.01 1.72
CA ILE A 59 -8.08 7.09 0.74
C ILE A 59 -9.08 7.79 -0.17
N VAL A 60 -8.57 8.36 -1.26
CA VAL A 60 -9.42 9.07 -2.22
C VAL A 60 -10.49 8.14 -2.79
N PRO A 61 -11.76 8.53 -2.61
CA PRO A 61 -12.91 7.75 -3.10
C PRO A 61 -13.02 7.78 -4.62
N MET A 62 -12.66 6.66 -5.25
CA MET A 62 -12.72 6.56 -6.70
C MET A 62 -14.15 6.36 -7.18
N GLY A 63 -14.79 5.29 -6.70
CA GLY A 63 -16.16 5.00 -7.09
C GLY A 63 -16.62 3.63 -6.64
N LYS A 64 -17.20 2.88 -7.55
CA LYS A 64 -17.69 1.54 -7.24
C LYS A 64 -16.54 0.61 -6.87
N ASN A 65 -16.60 0.06 -5.66
CA ASN A 65 -15.56 -0.85 -5.19
C ASN A 65 -14.18 -0.42 -5.71
N SER A 66 -13.95 0.88 -5.76
CA SER A 66 -12.68 1.42 -6.25
C SER A 66 -12.18 2.53 -5.33
N HIS A 67 -10.89 2.50 -5.03
CA HIS A 67 -10.28 3.51 -4.17
C HIS A 67 -8.86 3.84 -4.64
N CYS A 68 -8.39 5.04 -4.30
CA CYS A 68 -7.05 5.47 -4.68
C CYS A 68 -6.33 6.11 -3.50
N VAL A 69 -5.16 5.58 -3.17
CA VAL A 69 -4.38 6.11 -2.06
C VAL A 69 -3.24 7.00 -2.56
N ARG A 70 -3.21 8.23 -2.07
CA ARG A 70 -2.18 9.18 -2.46
C ARG A 70 -1.40 9.67 -1.25
N PHE A 71 -0.08 9.48 -1.28
CA PHE A 71 0.78 9.90 -0.18
C PHE A 71 2.23 10.06 -0.66
N VAL A 72 3.05 10.69 0.18
CA VAL A 72 4.46 10.90 -0.15
C VAL A 72 5.35 9.93 0.61
N PRO A 73 5.69 8.82 -0.06
CA PRO A 73 6.56 7.78 0.54
C PRO A 73 8.00 8.24 0.69
N GLN A 74 8.27 8.94 1.80
CA GLN A 74 9.61 9.45 2.07
C GLN A 74 10.16 8.85 3.36
N GLU A 75 11.20 8.02 3.23
CA GLU A 75 11.83 7.39 4.38
C GLU A 75 13.34 7.28 4.19
N MET A 76 14.01 6.70 5.19
CA MET A 76 15.45 6.53 5.13
C MET A 76 15.82 5.12 4.69
N GLY A 77 14.82 4.36 4.24
CA GLY A 77 15.05 3.00 3.79
C GLY A 77 13.87 2.42 3.04
N VAL A 78 13.45 1.22 3.42
CA VAL A 78 12.33 0.56 2.77
C VAL A 78 11.00 1.13 3.26
N HIS A 79 9.99 1.06 2.40
CA HIS A 79 8.67 1.59 2.74
C HIS A 79 7.66 0.45 2.82
N THR A 80 6.84 0.45 3.88
CA THR A 80 5.83 -0.57 4.08
C THR A 80 4.47 0.05 4.37
N VAL A 81 3.48 -0.31 3.57
CA VAL A 81 2.12 0.20 3.74
C VAL A 81 1.30 -0.68 4.67
N SER A 82 0.48 -0.06 5.50
CA SER A 82 -0.36 -0.80 6.45
C SER A 82 -1.84 -0.63 6.11
N VAL A 83 -2.43 -1.68 5.55
CA VAL A 83 -3.84 -1.65 5.18
C VAL A 83 -4.61 -2.78 5.85
N LYS A 84 -5.49 -2.42 6.78
CA LYS A 84 -6.29 -3.42 7.49
C LYS A 84 -7.76 -2.99 7.52
N TYR A 85 -8.65 -3.98 7.54
CA TYR A 85 -10.08 -3.72 7.57
C TYR A 85 -10.72 -4.33 8.82
N ARG A 86 -10.97 -3.50 9.83
CA ARG A 86 -11.57 -3.95 11.07
C ARG A 86 -10.68 -4.98 11.76
N GLY A 87 -9.37 -4.87 11.54
CA GLY A 87 -8.44 -5.80 12.15
C GLY A 87 -8.14 -6.99 11.24
N GLN A 88 -8.09 -6.75 9.94
CA GLN A 88 -7.80 -7.81 8.98
C GLN A 88 -6.99 -7.27 7.81
N HIS A 89 -5.76 -7.76 7.68
CA HIS A 89 -4.88 -7.34 6.60
C HIS A 89 -5.44 -7.73 5.25
N VAL A 90 -5.65 -6.75 4.38
CA VAL A 90 -6.20 -6.99 3.05
C VAL A 90 -5.25 -7.87 2.23
N THR A 91 -5.70 -8.25 1.03
CA THR A 91 -4.89 -9.09 0.16
C THR A 91 -3.54 -8.46 -0.13
N GLY A 92 -2.48 -9.22 0.09
CA GLY A 92 -1.14 -8.73 -0.15
C GLY A 92 -0.76 -7.60 0.79
N SER A 93 -1.21 -7.70 2.04
CA SER A 93 -0.93 -6.68 3.04
C SER A 93 -0.27 -7.29 4.28
N PRO A 94 0.68 -6.55 4.87
CA PRO A 94 1.08 -5.23 4.37
C PRO A 94 1.83 -5.31 3.05
N PHE A 95 2.02 -4.17 2.41
CA PHE A 95 2.72 -4.11 1.14
C PHE A 95 4.14 -3.58 1.32
N GLN A 96 5.03 -3.98 0.41
CA GLN A 96 6.42 -3.54 0.47
C GLN A 96 6.93 -3.13 -0.90
N PHE A 97 7.59 -1.98 -0.97
CA PHE A 97 8.12 -1.47 -2.23
C PHE A 97 9.30 -0.53 -1.99
N THR A 98 10.33 -0.66 -2.81
CA THR A 98 11.53 0.17 -2.68
C THR A 98 11.34 1.52 -3.39
N VAL A 99 11.94 2.57 -2.84
CA VAL A 99 11.83 3.89 -3.42
C VAL A 99 13.18 4.36 -3.95
N GLY A 100 13.14 5.35 -4.85
CA GLY A 100 14.37 5.87 -5.43
C GLY A 100 14.81 7.17 -4.79
N PRO A 101 16.13 7.36 -4.70
CA PRO A 101 16.71 8.56 -4.08
C PRO A 101 16.49 9.80 -4.95
N LEU A 102 16.89 10.96 -4.42
CA LEU A 102 16.74 12.23 -5.14
C LEU A 102 17.14 12.07 -6.61
N GLY A 103 16.63 12.96 -7.44
CA GLY A 103 16.94 12.91 -8.86
C GLY A 103 18.43 12.97 -9.13
N GLU A 104 18.95 11.95 -9.81
CA GLU A 104 20.37 11.89 -10.13
C GLU A 104 20.65 12.50 -11.50
N GLY A 105 21.31 13.66 -11.50
CA GLY A 105 21.62 14.33 -12.74
C GLY A 105 23.02 14.03 -13.22
N GLY A 106 24.00 14.35 -12.40
CA GLY A 106 25.40 14.10 -12.77
C GLY A 106 26.30 15.28 -12.44
N GLY A 1 -17.75 -22.73 1.95
CA GLY A 1 -18.84 -22.52 1.01
C GLY A 1 -18.62 -23.26 -0.30
N SER A 2 -19.23 -24.44 -0.42
CA SER A 2 -19.10 -25.25 -1.63
C SER A 2 -20.47 -25.59 -2.20
N SER A 3 -20.63 -25.32 -3.50
CA SER A 3 -21.90 -25.60 -4.17
C SER A 3 -22.00 -27.07 -4.56
N GLY A 4 -20.93 -27.60 -5.15
CA GLY A 4 -20.92 -28.99 -5.55
C GLY A 4 -19.56 -29.63 -5.36
N SER A 5 -18.63 -29.35 -6.28
CA SER A 5 -17.30 -29.92 -6.20
C SER A 5 -16.26 -28.83 -5.93
N SER A 6 -16.28 -27.78 -6.76
CA SER A 6 -15.34 -26.68 -6.60
C SER A 6 -13.90 -27.16 -6.78
N GLY A 7 -13.71 -28.10 -7.70
CA GLY A 7 -12.38 -28.62 -7.96
C GLY A 7 -12.01 -28.58 -9.43
N ARG A 8 -11.94 -27.38 -9.98
CA ARG A 8 -11.60 -27.21 -11.39
C ARG A 8 -10.18 -27.71 -11.67
N VAL A 9 -10.07 -28.60 -12.65
CA VAL A 9 -8.78 -29.16 -13.02
C VAL A 9 -8.12 -28.36 -14.14
N LYS A 10 -6.83 -28.10 -14.00
CA LYS A 10 -6.09 -27.34 -15.00
C LYS A 10 -4.70 -27.92 -15.22
N GLU A 11 -3.90 -27.26 -16.05
CA GLU A 11 -2.55 -27.72 -16.33
C GLU A 11 -1.54 -26.59 -16.14
N SER A 12 -1.75 -25.50 -16.87
CA SER A 12 -0.86 -24.34 -16.79
C SER A 12 -0.42 -24.10 -15.35
N ILE A 13 0.89 -23.99 -15.15
CA ILE A 13 1.45 -23.76 -13.82
C ILE A 13 1.53 -22.27 -13.51
N THR A 14 1.23 -21.91 -12.27
CA THR A 14 1.26 -20.51 -11.85
C THR A 14 2.41 -20.26 -10.88
N ARG A 15 3.05 -19.11 -11.00
CA ARG A 15 4.17 -18.75 -10.14
C ARG A 15 3.99 -17.35 -9.58
N THR A 16 4.46 -17.15 -8.34
CA THR A 16 4.35 -15.85 -7.68
C THR A 16 5.52 -14.94 -8.06
N SER A 17 5.20 -13.74 -8.54
CA SER A 17 6.22 -12.79 -8.93
C SER A 17 5.82 -11.37 -8.52
N ARG A 18 6.76 -10.66 -7.89
CA ARG A 18 6.50 -9.30 -7.44
C ARG A 18 5.89 -8.46 -8.56
N ALA A 19 4.82 -7.75 -8.24
CA ALA A 19 4.14 -6.91 -9.23
C ALA A 19 4.90 -5.61 -9.45
N PRO A 20 4.88 -5.13 -10.70
CA PRO A 20 5.58 -3.88 -11.07
C PRO A 20 4.89 -2.65 -10.49
N SER A 21 5.42 -2.16 -9.37
CA SER A 21 4.87 -0.99 -8.72
C SER A 21 5.92 0.10 -8.55
N VAL A 22 5.94 1.05 -9.49
CA VAL A 22 6.90 2.15 -9.45
C VAL A 22 6.56 3.13 -8.34
N ALA A 23 7.60 3.70 -7.72
CA ALA A 23 7.41 4.65 -6.64
C ALA A 23 8.65 5.53 -6.48
N THR A 24 8.45 6.73 -5.93
CA THR A 24 9.55 7.67 -5.72
C THR A 24 9.40 8.40 -4.39
N VAL A 25 10.46 9.07 -3.97
CA VAL A 25 10.45 9.81 -2.71
C VAL A 25 10.26 11.30 -2.96
N GLY A 26 9.63 11.97 -2.00
CA GLY A 26 9.39 13.40 -2.12
C GLY A 26 8.46 13.73 -3.27
N SER A 27 7.30 13.08 -3.30
CA SER A 27 6.33 13.31 -4.36
C SER A 27 5.04 12.53 -4.10
N ILE A 28 3.90 13.19 -4.30
CA ILE A 28 2.60 12.56 -4.07
C ILE A 28 2.50 11.25 -4.84
N CYS A 29 2.74 10.14 -4.13
CA CYS A 29 2.67 8.82 -4.74
C CYS A 29 1.25 8.25 -4.63
N ASP A 30 0.64 8.00 -5.78
CA ASP A 30 -0.72 7.45 -5.83
C ASP A 30 -0.69 5.93 -5.80
N LEU A 31 -1.17 5.35 -4.70
CA LEU A 31 -1.19 3.89 -4.55
C LEU A 31 -2.55 3.33 -4.96
N ASN A 32 -2.64 2.86 -6.21
CA ASN A 32 -3.88 2.30 -6.72
C ASN A 32 -4.10 0.89 -6.19
N LEU A 33 -5.27 0.65 -5.59
CA LEU A 33 -5.60 -0.66 -5.05
C LEU A 33 -7.00 -1.09 -5.47
N LYS A 34 -7.13 -2.34 -5.87
CA LYS A 34 -8.42 -2.88 -6.30
C LYS A 34 -9.22 -3.38 -5.11
N ILE A 35 -9.80 -2.45 -4.35
CA ILE A 35 -10.60 -2.79 -3.18
C ILE A 35 -12.06 -2.98 -3.56
N PRO A 36 -12.69 -4.01 -2.97
CA PRO A 36 -14.09 -4.33 -3.23
C PRO A 36 -15.04 -3.29 -2.62
N GLU A 37 -16.33 -3.59 -2.63
CA GLU A 37 -17.33 -2.69 -2.09
C GLU A 37 -16.86 -2.07 -0.76
N ILE A 38 -15.97 -2.79 -0.07
CA ILE A 38 -15.44 -2.32 1.20
C ILE A 38 -15.25 -0.81 1.19
N ASN A 39 -15.89 -0.13 2.14
CA ASN A 39 -15.80 1.31 2.25
C ASN A 39 -14.45 1.72 2.86
N SER A 40 -14.19 3.03 2.86
CA SER A 40 -12.95 3.55 3.40
C SER A 40 -13.13 4.01 4.85
N SER A 41 -14.35 4.40 5.20
CA SER A 41 -14.65 4.86 6.54
C SER A 41 -14.37 3.76 7.56
N ASP A 42 -14.13 2.55 7.07
CA ASP A 42 -13.84 1.42 7.94
C ASP A 42 -12.39 0.96 7.78
N MET A 43 -11.83 1.19 6.60
CA MET A 43 -10.45 0.81 6.32
C MET A 43 -9.47 1.78 6.98
N SER A 44 -8.18 1.52 6.79
CA SER A 44 -7.15 2.37 7.37
C SER A 44 -5.82 2.19 6.64
N ALA A 45 -5.38 3.25 5.97
CA ALA A 45 -4.12 3.21 5.23
C ALA A 45 -3.05 4.05 5.91
N HIS A 46 -1.94 3.42 6.26
CA HIS A 46 -0.83 4.11 6.92
C HIS A 46 0.51 3.64 6.37
N VAL A 47 1.43 4.58 6.19
CA VAL A 47 2.76 4.26 5.68
C VAL A 47 3.77 4.11 6.82
N THR A 48 4.21 2.88 7.04
CA THR A 48 5.18 2.59 8.10
C THR A 48 6.60 2.87 7.63
N SER A 49 7.48 3.15 8.57
CA SER A 49 8.88 3.44 8.26
C SER A 49 9.78 2.27 8.66
N PRO A 50 10.91 2.13 7.96
CA PRO A 50 11.88 1.06 8.22
C PRO A 50 12.60 1.25 9.54
N SER A 51 12.26 2.32 10.25
CA SER A 51 12.89 2.61 11.54
C SER A 51 11.89 2.42 12.68
N GLY A 52 10.61 2.62 12.39
CA GLY A 52 9.58 2.46 13.39
C GLY A 52 8.48 3.49 13.25
N ARG A 53 8.83 4.67 12.75
CA ARG A 53 7.86 5.75 12.56
C ARG A 53 6.73 5.31 11.64
N VAL A 54 5.52 5.80 11.90
CA VAL A 54 4.36 5.46 11.10
C VAL A 54 3.58 6.71 10.72
N THR A 55 3.12 6.77 9.46
CA THR A 55 2.36 7.91 8.98
C THR A 55 0.97 7.48 8.52
N GLU A 56 0.05 8.44 8.47
CA GLU A 56 -1.33 8.16 8.06
C GLU A 56 -1.57 8.67 6.64
N ALA A 57 -2.13 7.81 5.80
CA ALA A 57 -2.44 8.17 4.42
C ALA A 57 -3.92 8.41 4.22
N GLU A 58 -4.27 9.08 3.13
CA GLU A 58 -5.68 9.37 2.82
C GLU A 58 -6.18 8.49 1.68
N ILE A 59 -7.47 8.16 1.72
CA ILE A 59 -8.07 7.33 0.69
C ILE A 59 -9.13 8.09 -0.09
N VAL A 60 -9.00 8.13 -1.41
CA VAL A 60 -9.96 8.82 -2.25
C VAL A 60 -10.90 7.84 -2.95
N PRO A 61 -12.21 8.13 -2.89
CA PRO A 61 -13.23 7.28 -3.50
C PRO A 61 -13.19 7.32 -5.03
N MET A 62 -12.28 6.56 -5.61
CA MET A 62 -12.13 6.51 -7.06
C MET A 62 -13.47 6.23 -7.73
N GLY A 63 -13.91 4.97 -7.66
CA GLY A 63 -15.18 4.60 -8.26
C GLY A 63 -15.60 3.19 -7.89
N LYS A 64 -16.06 2.43 -8.89
CA LYS A 64 -16.50 1.06 -8.66
C LYS A 64 -15.37 0.23 -8.05
N ASN A 65 -15.56 -0.18 -6.80
CA ASN A 65 -14.56 -0.99 -6.10
C ASN A 65 -13.15 -0.47 -6.39
N SER A 66 -13.02 0.84 -6.54
CA SER A 66 -11.73 1.45 -6.82
C SER A 66 -11.36 2.48 -5.75
N HIS A 67 -10.08 2.52 -5.39
CA HIS A 67 -9.61 3.46 -4.38
C HIS A 67 -8.20 3.95 -4.71
N CYS A 68 -7.93 5.21 -4.39
CA CYS A 68 -6.63 5.81 -4.66
C CYS A 68 -6.08 6.51 -3.42
N VAL A 69 -4.90 6.08 -2.98
CA VAL A 69 -4.27 6.66 -1.80
C VAL A 69 -3.15 7.62 -2.20
N ARG A 70 -3.23 8.86 -1.73
CA ARG A 70 -2.22 9.87 -2.03
C ARG A 70 -1.44 10.25 -0.77
N PHE A 71 -0.13 10.06 -0.81
CA PHE A 71 0.73 10.40 0.32
C PHE A 71 2.17 10.59 -0.12
N VAL A 72 2.99 11.13 0.78
CA VAL A 72 4.39 11.38 0.48
C VAL A 72 5.29 10.34 1.16
N PRO A 73 5.60 9.26 0.42
CA PRO A 73 6.46 8.18 0.93
C PRO A 73 7.91 8.62 1.12
N GLN A 74 8.20 9.22 2.26
CA GLN A 74 9.55 9.68 2.54
C GLN A 74 10.12 8.96 3.76
N GLU A 75 11.15 8.15 3.53
CA GLU A 75 11.78 7.40 4.61
C GLU A 75 13.29 7.29 4.39
N MET A 76 13.98 6.63 5.31
CA MET A 76 15.42 6.45 5.21
C MET A 76 15.77 5.06 4.68
N GLY A 77 14.75 4.32 4.26
CA GLY A 77 14.97 2.98 3.74
C GLY A 77 13.77 2.46 2.98
N VAL A 78 13.46 1.18 3.18
CA VAL A 78 12.33 0.54 2.51
C VAL A 78 11.01 1.02 3.09
N HIS A 79 10.05 1.30 2.21
CA HIS A 79 8.73 1.77 2.64
C HIS A 79 7.74 0.60 2.73
N THR A 80 6.82 0.69 3.68
CA THR A 80 5.82 -0.34 3.87
C THR A 80 4.44 0.25 4.12
N VAL A 81 3.50 -0.05 3.22
CA VAL A 81 2.14 0.45 3.34
C VAL A 81 1.25 -0.52 4.11
N SER A 82 0.92 -0.16 5.34
CA SER A 82 0.08 -1.01 6.19
C SER A 82 -1.40 -0.69 5.96
N VAL A 83 -2.13 -1.69 5.45
CA VAL A 83 -3.55 -1.52 5.18
C VAL A 83 -4.37 -2.58 5.91
N LYS A 84 -5.19 -2.15 6.86
CA LYS A 84 -6.03 -3.06 7.63
C LYS A 84 -7.51 -2.73 7.44
N TYR A 85 -8.37 -3.66 7.81
CA TYR A 85 -9.82 -3.47 7.68
C TYR A 85 -10.52 -3.79 9.00
N ARG A 86 -10.76 -2.77 9.80
CA ARG A 86 -11.43 -2.94 11.09
C ARG A 86 -10.59 -3.80 12.03
N GLY A 87 -9.27 -3.78 11.81
CA GLY A 87 -8.38 -4.56 12.65
C GLY A 87 -8.00 -5.88 12.01
N GLN A 88 -7.69 -5.85 10.72
CA GLN A 88 -7.30 -7.06 10.01
C GLN A 88 -6.55 -6.71 8.73
N HIS A 89 -5.28 -7.13 8.65
CA HIS A 89 -4.46 -6.85 7.48
C HIS A 89 -5.07 -7.47 6.24
N VAL A 90 -5.44 -6.62 5.28
CA VAL A 90 -6.05 -7.08 4.04
C VAL A 90 -5.11 -8.04 3.30
N THR A 91 -5.62 -8.64 2.23
CA THR A 91 -4.83 -9.57 1.43
C THR A 91 -3.57 -8.91 0.89
N GLY A 92 -2.43 -9.55 1.12
CA GLY A 92 -1.16 -9.01 0.64
C GLY A 92 -0.69 -7.83 1.48
N SER A 93 -1.21 -7.72 2.70
CA SER A 93 -0.84 -6.64 3.60
C SER A 93 0.03 -7.15 4.74
N PRO A 94 1.03 -6.34 5.13
CA PRO A 94 1.28 -5.04 4.51
C PRO A 94 1.81 -5.17 3.09
N PHE A 95 2.19 -4.04 2.50
CA PHE A 95 2.72 -4.03 1.14
C PHE A 95 4.10 -3.38 1.09
N GLN A 96 5.12 -4.20 0.82
CA GLN A 96 6.49 -3.70 0.75
C GLN A 96 6.83 -3.24 -0.66
N PHE A 97 7.49 -2.08 -0.75
CA PHE A 97 7.87 -1.53 -2.04
C PHE A 97 9.10 -0.64 -1.90
N THR A 98 10.05 -0.80 -2.82
CA THR A 98 11.27 -0.01 -2.81
C THR A 98 11.10 1.30 -3.57
N VAL A 99 11.40 2.41 -2.91
CA VAL A 99 11.28 3.73 -3.53
C VAL A 99 12.65 4.29 -3.88
N GLY A 100 12.71 5.00 -5.01
CA GLY A 100 13.96 5.59 -5.44
C GLY A 100 13.87 7.09 -5.64
N PRO A 101 14.96 7.80 -5.34
CA PRO A 101 15.02 9.26 -5.48
C PRO A 101 15.00 9.71 -6.93
N LEU A 102 15.16 11.01 -7.16
CA LEU A 102 15.17 11.57 -8.51
C LEU A 102 16.56 11.49 -9.12
N GLY A 103 16.61 11.38 -10.45
CA GLY A 103 17.88 11.30 -11.14
C GLY A 103 18.39 12.66 -11.57
N GLU A 104 19.70 12.87 -11.43
CA GLU A 104 20.31 14.14 -11.81
C GLU A 104 19.91 15.24 -10.83
N GLY A 105 20.01 14.94 -9.54
CA GLY A 105 19.66 15.92 -8.53
C GLY A 105 18.16 15.96 -8.25
N GLY A 106 17.79 16.36 -7.04
CA GLY A 106 16.39 16.43 -6.68
C GLY A 106 16.02 17.77 -6.07
N GLY A 1 9.42 -12.43 -8.34
CA GLY A 1 9.55 -12.40 -9.79
C GLY A 1 9.51 -13.78 -10.40
N SER A 2 9.18 -13.85 -11.69
CA SER A 2 9.10 -15.12 -12.39
C SER A 2 8.45 -16.19 -11.52
N SER A 3 7.38 -15.80 -10.82
CA SER A 3 6.67 -16.72 -9.94
C SER A 3 5.53 -17.42 -10.70
N GLY A 4 4.64 -16.62 -11.27
CA GLY A 4 3.52 -17.17 -12.01
C GLY A 4 2.35 -17.53 -11.11
N SER A 5 1.51 -18.45 -11.57
CA SER A 5 0.34 -18.88 -10.81
C SER A 5 -0.12 -20.26 -11.24
N SER A 6 -0.34 -21.14 -10.26
CA SER A 6 -0.78 -22.50 -10.55
C SER A 6 -1.61 -23.05 -9.38
N GLY A 7 -2.91 -23.21 -9.62
CA GLY A 7 -3.78 -23.74 -8.58
C GLY A 7 -4.13 -22.70 -7.53
N ARG A 8 -3.75 -22.96 -6.29
CA ARG A 8 -4.03 -22.03 -5.19
C ARG A 8 -3.03 -22.23 -4.05
N VAL A 9 -2.18 -21.24 -3.85
CA VAL A 9 -1.18 -21.30 -2.79
C VAL A 9 -1.52 -20.35 -1.65
N LYS A 10 -1.46 -20.84 -0.42
CA LYS A 10 -1.76 -20.03 0.75
C LYS A 10 -0.61 -20.07 1.75
N GLU A 11 0.29 -19.10 1.64
CA GLU A 11 1.45 -19.02 2.53
C GLU A 11 1.23 -17.97 3.61
N SER A 12 1.80 -18.20 4.78
CA SER A 12 1.66 -17.27 5.90
C SER A 12 2.04 -15.85 5.47
N ILE A 13 1.73 -14.88 6.33
CA ILE A 13 2.03 -13.49 6.04
C ILE A 13 3.45 -13.33 5.46
N THR A 14 3.61 -12.35 4.59
CA THR A 14 4.90 -12.10 3.97
C THR A 14 5.57 -10.86 4.55
N ARG A 15 6.76 -11.03 5.12
CA ARG A 15 7.50 -9.92 5.71
C ARG A 15 8.84 -9.74 5.03
N THR A 16 9.04 -10.43 3.91
CA THR A 16 10.29 -10.34 3.16
C THR A 16 10.09 -10.80 1.72
N SER A 17 10.15 -9.86 0.79
CA SER A 17 9.98 -10.17 -0.63
C SER A 17 10.23 -8.93 -1.49
N ARG A 18 10.92 -9.12 -2.60
CA ARG A 18 11.23 -8.03 -3.52
C ARG A 18 10.25 -8.00 -4.68
N ALA A 19 9.32 -7.05 -4.64
CA ALA A 19 8.31 -6.90 -5.69
C ALA A 19 8.42 -5.54 -6.37
N PRO A 20 8.25 -5.52 -7.70
CA PRO A 20 8.32 -4.29 -8.48
C PRO A 20 7.14 -3.36 -8.22
N SER A 21 7.43 -2.11 -7.91
CA SER A 21 6.40 -1.13 -7.63
C SER A 21 6.93 0.30 -7.80
N VAL A 22 6.29 1.06 -8.69
CA VAL A 22 6.70 2.44 -8.95
C VAL A 22 6.41 3.33 -7.75
N ALA A 23 7.44 4.03 -7.28
CA ALA A 23 7.29 4.92 -6.14
C ALA A 23 8.37 6.00 -6.14
N THR A 24 7.96 7.26 -6.15
CA THR A 24 8.89 8.38 -6.15
C THR A 24 9.04 8.98 -4.76
N VAL A 25 10.24 9.42 -4.43
CA VAL A 25 10.52 10.02 -3.13
C VAL A 25 10.39 11.55 -3.19
N GLY A 26 9.57 12.09 -2.29
CA GLY A 26 9.38 13.54 -2.26
C GLY A 26 8.29 14.00 -3.22
N SER A 27 7.22 13.22 -3.31
CA SER A 27 6.11 13.54 -4.20
C SER A 27 4.91 12.65 -3.92
N ILE A 28 3.74 13.10 -4.36
CA ILE A 28 2.51 12.33 -4.16
C ILE A 28 2.40 11.19 -5.15
N CYS A 29 2.28 9.97 -4.65
CA CYS A 29 2.16 8.79 -5.49
C CYS A 29 0.77 8.18 -5.39
N ASP A 30 0.12 8.00 -6.54
CA ASP A 30 -1.22 7.42 -6.58
C ASP A 30 -1.17 5.91 -6.45
N LEU A 31 -1.67 5.40 -5.32
CA LEU A 31 -1.67 3.96 -5.06
C LEU A 31 -3.07 3.39 -5.23
N ASN A 32 -3.32 2.79 -6.40
CA ASN A 32 -4.61 2.19 -6.69
C ASN A 32 -4.66 0.74 -6.22
N LEU A 33 -5.55 0.46 -5.27
CA LEU A 33 -5.71 -0.89 -4.74
C LEU A 33 -7.06 -1.47 -5.11
N LYS A 34 -7.07 -2.73 -5.55
CA LYS A 34 -8.31 -3.39 -5.93
C LYS A 34 -9.09 -3.82 -4.69
N ILE A 35 -9.73 -2.85 -4.05
CA ILE A 35 -10.53 -3.11 -2.86
C ILE A 35 -11.99 -3.34 -3.21
N PRO A 36 -12.62 -4.34 -2.56
CA PRO A 36 -14.02 -4.67 -2.79
C PRO A 36 -14.97 -3.59 -2.25
N GLU A 37 -16.26 -3.90 -2.27
CA GLU A 37 -17.26 -2.95 -1.79
C GLU A 37 -16.77 -2.22 -0.55
N ILE A 38 -15.88 -2.86 0.20
CA ILE A 38 -15.32 -2.25 1.40
C ILE A 38 -15.10 -0.76 1.22
N ASN A 39 -15.56 0.03 2.18
CA ASN A 39 -15.41 1.48 2.13
C ASN A 39 -14.18 1.92 2.93
N SER A 40 -13.60 3.05 2.52
CA SER A 40 -12.43 3.58 3.19
C SER A 40 -12.71 3.84 4.66
N SER A 41 -13.80 4.55 4.93
CA SER A 41 -14.19 4.87 6.30
C SER A 41 -13.84 3.72 7.25
N ASP A 42 -13.96 2.50 6.75
CA ASP A 42 -13.67 1.31 7.55
C ASP A 42 -12.18 0.96 7.46
N MET A 43 -11.63 1.06 6.26
CA MET A 43 -10.22 0.75 6.04
C MET A 43 -9.32 1.86 6.60
N SER A 44 -8.03 1.58 6.67
CA SER A 44 -7.07 2.55 7.18
C SER A 44 -5.69 2.34 6.55
N ALA A 45 -5.19 3.38 5.90
CA ALA A 45 -3.87 3.32 5.25
C ALA A 45 -2.84 4.12 6.02
N HIS A 46 -1.67 3.54 6.23
CA HIS A 46 -0.60 4.21 6.95
C HIS A 46 0.77 3.69 6.50
N VAL A 47 1.65 4.62 6.14
CA VAL A 47 2.99 4.26 5.69
C VAL A 47 3.93 4.03 6.87
N THR A 48 4.26 2.76 7.10
CA THR A 48 5.16 2.40 8.19
C THR A 48 6.62 2.54 7.79
N SER A 49 7.32 3.47 8.44
CA SER A 49 8.73 3.71 8.14
C SER A 49 9.58 2.54 8.62
N PRO A 50 10.73 2.35 7.94
CA PRO A 50 11.67 1.27 8.28
C PRO A 50 12.38 1.51 9.61
N SER A 51 12.06 2.63 10.25
CA SER A 51 12.68 2.99 11.53
C SER A 51 11.75 2.61 12.69
N GLY A 52 10.45 2.68 12.44
CA GLY A 52 9.49 2.35 13.49
C GLY A 52 8.34 3.33 13.54
N ARG A 53 8.51 4.49 12.90
CA ARG A 53 7.48 5.52 12.88
C ARG A 53 6.40 5.19 11.86
N VAL A 54 5.17 5.59 12.17
CA VAL A 54 4.04 5.33 11.28
C VAL A 54 3.41 6.64 10.81
N THR A 55 3.23 6.78 9.50
CA THR A 55 2.65 7.97 8.92
C THR A 55 1.20 7.73 8.51
N GLU A 56 0.42 8.81 8.41
CA GLU A 56 -0.98 8.70 8.02
C GLU A 56 -1.15 8.95 6.53
N ALA A 57 -2.16 8.31 5.94
CA ALA A 57 -2.42 8.46 4.52
C ALA A 57 -3.89 8.80 4.27
N GLU A 58 -4.19 9.30 3.07
CA GLU A 58 -5.55 9.66 2.71
C GLU A 58 -6.08 8.74 1.62
N ILE A 59 -7.38 8.45 1.68
CA ILE A 59 -8.02 7.59 0.69
C ILE A 59 -8.99 8.38 -0.18
N VAL A 60 -8.54 8.76 -1.38
CA VAL A 60 -9.36 9.51 -2.31
C VAL A 60 -10.55 8.67 -2.79
N PRO A 61 -11.77 9.21 -2.61
CA PRO A 61 -12.99 8.53 -3.02
C PRO A 61 -13.15 8.46 -4.54
N MET A 62 -12.46 7.51 -5.14
CA MET A 62 -12.51 7.32 -6.59
C MET A 62 -13.96 7.40 -7.09
N GLY A 63 -14.83 6.65 -6.45
CA GLY A 63 -16.23 6.64 -6.84
C GLY A 63 -16.85 5.26 -6.77
N LYS A 64 -16.02 4.23 -6.92
CA LYS A 64 -16.49 2.85 -6.88
C LYS A 64 -15.69 2.03 -5.87
N ASN A 65 -15.98 0.74 -5.79
CA ASN A 65 -15.29 -0.14 -4.86
C ASN A 65 -13.79 0.13 -4.86
N SER A 66 -13.30 0.72 -5.96
CA SER A 66 -11.88 1.02 -6.09
C SER A 66 -11.53 2.27 -5.29
N HIS A 67 -10.39 2.24 -4.61
CA HIS A 67 -9.93 3.36 -3.80
C HIS A 67 -8.57 3.85 -4.27
N CYS A 68 -8.33 5.15 -4.14
CA CYS A 68 -7.06 5.74 -4.55
C CYS A 68 -6.35 6.38 -3.37
N VAL A 69 -5.27 5.74 -2.93
CA VAL A 69 -4.48 6.25 -1.80
C VAL A 69 -3.30 7.08 -2.29
N ARG A 70 -3.29 8.35 -1.90
CA ARG A 70 -2.21 9.25 -2.29
C ARG A 70 -1.40 9.69 -1.07
N PHE A 71 -0.08 9.53 -1.14
CA PHE A 71 0.80 9.91 -0.05
C PHE A 71 2.23 10.09 -0.54
N VAL A 72 3.07 10.67 0.31
CA VAL A 72 4.47 10.90 -0.04
C VAL A 72 5.38 9.88 0.65
N PRO A 73 5.68 8.78 -0.04
CA PRO A 73 6.55 7.72 0.48
C PRO A 73 8.00 8.17 0.62
N GLN A 74 8.31 8.85 1.72
CA GLN A 74 9.66 9.33 1.96
C GLN A 74 10.22 8.73 3.25
N GLU A 75 11.25 7.89 3.10
CA GLU A 75 11.87 7.24 4.25
C GLU A 75 13.38 7.12 4.04
N MET A 76 14.06 6.55 5.03
CA MET A 76 15.51 6.37 4.96
C MET A 76 15.85 4.94 4.58
N GLY A 77 14.83 4.16 4.22
CA GLY A 77 15.05 2.78 3.84
C GLY A 77 13.94 2.23 2.95
N VAL A 78 13.27 1.20 3.43
CA VAL A 78 12.17 0.59 2.68
C VAL A 78 10.83 1.13 3.13
N HIS A 79 9.92 1.32 2.18
CA HIS A 79 8.59 1.83 2.48
C HIS A 79 7.56 0.71 2.47
N THR A 80 6.70 0.68 3.49
CA THR A 80 5.67 -0.34 3.59
C THR A 80 4.33 0.26 3.99
N VAL A 81 3.28 -0.09 3.25
CA VAL A 81 1.94 0.42 3.53
C VAL A 81 1.15 -0.57 4.37
N SER A 82 0.60 -0.08 5.48
CA SER A 82 -0.18 -0.91 6.38
C SER A 82 -1.68 -0.67 6.18
N VAL A 83 -2.31 -1.55 5.41
CA VAL A 83 -3.74 -1.43 5.14
C VAL A 83 -4.53 -2.48 5.91
N LYS A 84 -5.25 -2.05 6.94
CA LYS A 84 -6.04 -2.96 7.76
C LYS A 84 -7.54 -2.67 7.57
N TYR A 85 -8.36 -3.68 7.85
CA TYR A 85 -9.80 -3.54 7.71
C TYR A 85 -10.52 -4.03 8.98
N ARG A 86 -10.85 -3.08 9.85
CA ARG A 86 -11.54 -3.40 11.09
C ARG A 86 -10.64 -4.23 12.01
N GLY A 87 -9.33 -4.07 11.85
CA GLY A 87 -8.39 -4.82 12.66
C GLY A 87 -7.93 -6.10 12.01
N GLN A 88 -7.59 -6.02 10.72
CA GLN A 88 -7.13 -7.18 9.98
C GLN A 88 -6.43 -6.76 8.69
N HIS A 89 -5.16 -7.16 8.57
CA HIS A 89 -4.37 -6.82 7.39
C HIS A 89 -4.99 -7.42 6.13
N VAL A 90 -5.42 -6.56 5.22
CA VAL A 90 -6.03 -7.02 3.98
C VAL A 90 -5.12 -7.98 3.23
N THR A 91 -5.55 -8.42 2.06
CA THR A 91 -4.77 -9.34 1.24
C THR A 91 -3.40 -8.77 0.93
N GLY A 92 -2.41 -9.65 0.81
CA GLY A 92 -1.05 -9.23 0.52
C GLY A 92 -0.66 -7.99 1.30
N SER A 93 -1.20 -7.85 2.50
CA SER A 93 -0.91 -6.70 3.36
C SER A 93 -0.09 -7.12 4.56
N PRO A 94 0.86 -6.25 4.96
CA PRO A 94 1.10 -4.98 4.29
C PRO A 94 1.71 -5.15 2.90
N PHE A 95 2.02 -4.03 2.25
CA PHE A 95 2.61 -4.08 0.91
C PHE A 95 3.98 -3.41 0.91
N GLN A 96 5.02 -4.22 0.70
CA GLN A 96 6.39 -3.72 0.67
C GLN A 96 6.75 -3.17 -0.71
N PHE A 97 7.40 -2.02 -0.74
CA PHE A 97 7.80 -1.39 -1.99
C PHE A 97 9.01 -0.48 -1.79
N THR A 98 9.88 -0.44 -2.79
CA THR A 98 11.08 0.40 -2.71
C THR A 98 10.88 1.70 -3.48
N VAL A 99 11.38 2.79 -2.91
CA VAL A 99 11.26 4.10 -3.53
C VAL A 99 12.62 4.60 -4.02
N GLY A 100 12.63 5.25 -5.17
CA GLY A 100 13.86 5.78 -5.73
C GLY A 100 14.27 7.09 -5.11
N PRO A 101 15.58 7.31 -4.96
CA PRO A 101 16.12 8.54 -4.37
C PRO A 101 15.93 9.74 -5.28
N LEU A 102 16.53 10.87 -4.90
CA LEU A 102 16.43 12.10 -5.69
C LEU A 102 17.19 11.97 -7.00
N GLY A 103 16.73 12.70 -8.01
CA GLY A 103 17.38 12.65 -9.31
C GLY A 103 16.71 11.69 -10.27
N GLU A 104 17.50 10.81 -10.88
CA GLU A 104 16.96 9.83 -11.82
C GLU A 104 16.12 8.79 -11.10
N GLY A 105 15.04 8.37 -11.75
CA GLY A 105 14.16 7.37 -11.15
C GLY A 105 13.85 6.22 -12.10
N GLY A 106 12.65 6.23 -12.67
CA GLY A 106 12.26 5.18 -13.58
C GLY A 106 10.77 5.10 -13.79
N GLY A 1 17.59 -28.58 -35.22
CA GLY A 1 17.35 -27.26 -34.68
C GLY A 1 16.48 -26.41 -35.59
N SER A 2 16.95 -25.19 -35.87
CA SER A 2 16.21 -24.27 -36.72
C SER A 2 14.82 -24.00 -36.16
N SER A 3 14.73 -23.85 -34.85
CA SER A 3 13.46 -23.58 -34.19
C SER A 3 13.53 -22.32 -33.35
N GLY A 4 12.41 -21.61 -33.27
CA GLY A 4 12.36 -20.37 -32.50
C GLY A 4 11.50 -20.49 -31.27
N SER A 5 12.07 -21.00 -30.18
CA SER A 5 11.33 -21.16 -28.94
C SER A 5 10.63 -19.87 -28.54
N SER A 6 9.35 -19.76 -28.89
CA SER A 6 8.57 -18.57 -28.58
C SER A 6 7.73 -18.80 -27.32
N GLY A 7 7.12 -17.73 -26.83
CA GLY A 7 6.30 -17.82 -25.64
C GLY A 7 5.14 -18.79 -25.81
N ARG A 8 5.16 -19.86 -25.02
CA ARG A 8 4.10 -20.86 -25.09
C ARG A 8 2.72 -20.21 -25.04
N VAL A 9 1.78 -20.77 -25.80
CA VAL A 9 0.42 -20.24 -25.84
C VAL A 9 -0.18 -20.16 -24.45
N LYS A 10 0.09 -19.05 -23.76
CA LYS A 10 -0.43 -18.84 -22.41
C LYS A 10 -0.34 -17.36 -22.02
N GLU A 11 -1.50 -16.74 -21.81
CA GLU A 11 -1.56 -15.34 -21.43
C GLU A 11 -1.33 -15.16 -19.94
N SER A 12 -0.33 -15.86 -19.41
CA SER A 12 -0.01 -15.79 -17.99
C SER A 12 0.87 -14.58 -17.69
N ILE A 13 0.43 -13.76 -16.74
CA ILE A 13 1.18 -12.56 -16.36
C ILE A 13 1.48 -12.56 -14.86
N THR A 14 1.12 -13.65 -14.19
CA THR A 14 1.36 -13.77 -12.76
C THR A 14 2.67 -14.50 -12.47
N ARG A 15 3.57 -14.47 -13.45
CA ARG A 15 4.86 -15.13 -13.31
C ARG A 15 5.91 -14.15 -12.79
N THR A 16 5.52 -13.33 -11.80
CA THR A 16 6.42 -12.35 -11.22
C THR A 16 6.67 -12.63 -9.74
N SER A 17 7.81 -12.18 -9.24
CA SER A 17 8.16 -12.39 -7.84
C SER A 17 8.17 -11.07 -7.08
N ARG A 18 8.98 -10.12 -7.55
CA ARG A 18 9.08 -8.82 -6.91
C ARG A 18 8.40 -7.75 -7.76
N ALA A 19 8.12 -6.60 -7.14
CA ALA A 19 7.48 -5.50 -7.84
C ALA A 19 8.31 -5.04 -9.03
N PRO A 20 7.67 -4.28 -9.94
CA PRO A 20 8.33 -3.76 -11.14
C PRO A 20 9.34 -2.67 -10.81
N SER A 21 9.47 -2.36 -9.52
CA SER A 21 10.41 -1.32 -9.08
C SER A 21 9.91 0.06 -9.47
N VAL A 22 8.60 0.24 -9.48
CA VAL A 22 7.99 1.52 -9.84
C VAL A 22 7.61 2.31 -8.59
N ALA A 23 8.18 3.50 -8.44
CA ALA A 23 7.90 4.35 -7.30
C ALA A 23 8.59 5.70 -7.43
N THR A 24 8.23 6.64 -6.57
CA THR A 24 8.83 7.97 -6.59
C THR A 24 9.10 8.48 -5.17
N VAL A 25 9.92 9.51 -5.07
CA VAL A 25 10.26 10.10 -3.78
C VAL A 25 10.14 11.62 -3.81
N GLY A 26 9.66 12.19 -2.71
CA GLY A 26 9.51 13.64 -2.63
C GLY A 26 8.40 14.14 -3.52
N SER A 27 7.34 13.35 -3.67
CA SER A 27 6.21 13.73 -4.50
C SER A 27 4.95 12.98 -4.08
N ILE A 28 3.80 13.47 -4.53
CA ILE A 28 2.53 12.84 -4.20
C ILE A 28 2.30 11.57 -5.00
N CYS A 29 2.55 10.42 -4.37
CA CYS A 29 2.38 9.14 -5.03
C CYS A 29 0.97 8.59 -4.80
N ASP A 30 0.31 8.20 -5.88
CA ASP A 30 -1.04 7.66 -5.79
C ASP A 30 -1.02 6.14 -5.84
N LEU A 31 -1.29 5.51 -4.70
CA LEU A 31 -1.30 4.06 -4.61
C LEU A 31 -2.67 3.50 -4.95
N ASN A 32 -2.83 3.04 -6.20
CA ASN A 32 -4.09 2.49 -6.65
C ASN A 32 -4.18 1.00 -6.32
N LEU A 33 -5.18 0.64 -5.51
CA LEU A 33 -5.38 -0.75 -5.11
C LEU A 33 -6.72 -1.27 -5.61
N LYS A 34 -6.77 -2.56 -5.93
CA LYS A 34 -7.99 -3.18 -6.41
C LYS A 34 -8.86 -3.65 -5.24
N ILE A 35 -9.32 -2.70 -4.44
CA ILE A 35 -10.15 -3.03 -3.29
C ILE A 35 -11.61 -3.18 -3.70
N PRO A 36 -12.28 -4.19 -3.13
CA PRO A 36 -13.70 -4.47 -3.42
C PRO A 36 -14.63 -3.40 -2.84
N GLU A 37 -15.91 -3.73 -2.76
CA GLU A 37 -16.90 -2.80 -2.23
C GLU A 37 -16.40 -2.16 -0.93
N ILE A 38 -15.45 -2.81 -0.29
CA ILE A 38 -14.89 -2.30 0.96
C ILE A 38 -14.70 -0.79 0.91
N ASN A 39 -15.43 -0.09 1.76
CA ASN A 39 -15.35 1.37 1.81
C ASN A 39 -14.03 1.82 2.40
N SER A 40 -13.87 3.13 2.56
CA SER A 40 -12.63 3.70 3.11
C SER A 40 -12.83 4.10 4.56
N SER A 41 -14.03 4.56 4.89
CA SER A 41 -14.34 4.98 6.25
C SER A 41 -14.12 3.85 7.24
N ASP A 42 -14.02 2.63 6.71
CA ASP A 42 -13.81 1.45 7.55
C ASP A 42 -12.35 1.01 7.51
N MET A 43 -11.73 1.14 6.35
CA MET A 43 -10.34 0.76 6.18
C MET A 43 -9.41 1.74 6.89
N SER A 44 -8.11 1.51 6.80
CA SER A 44 -7.12 2.37 7.44
C SER A 44 -5.76 2.23 6.77
N ALA A 45 -5.26 3.32 6.21
CA ALA A 45 -3.97 3.32 5.53
C ALA A 45 -2.92 4.07 6.35
N HIS A 46 -1.73 3.50 6.47
CA HIS A 46 -0.66 4.12 7.22
C HIS A 46 0.71 3.62 6.73
N VAL A 47 1.58 4.55 6.37
CA VAL A 47 2.91 4.21 5.90
C VAL A 47 3.90 4.13 7.04
N THR A 48 4.26 2.91 7.43
CA THR A 48 5.20 2.68 8.52
C THR A 48 6.64 2.97 8.07
N SER A 49 7.51 3.23 9.04
CA SER A 49 8.91 3.53 8.75
C SER A 49 9.81 2.38 9.20
N PRO A 50 10.97 2.24 8.53
CA PRO A 50 11.94 1.20 8.84
C PRO A 50 12.62 1.41 10.19
N SER A 51 12.31 2.54 10.84
CA SER A 51 12.89 2.87 12.13
C SER A 51 11.90 2.59 13.26
N GLY A 52 10.62 2.68 12.94
CA GLY A 52 9.59 2.44 13.94
C GLY A 52 8.45 3.44 13.85
N ARG A 53 8.73 4.61 13.30
CA ARG A 53 7.72 5.65 13.16
C ARG A 53 6.63 5.23 12.18
N VAL A 54 5.42 5.75 12.37
CA VAL A 54 4.30 5.43 11.50
C VAL A 54 3.62 6.70 10.99
N THR A 55 3.28 6.70 9.71
CA THR A 55 2.63 7.84 9.09
C THR A 55 1.18 7.52 8.72
N GLU A 56 0.40 8.56 8.45
CA GLU A 56 -1.00 8.39 8.08
C GLU A 56 -1.26 8.89 6.67
N ALA A 57 -2.11 8.19 5.94
CA ALA A 57 -2.46 8.56 4.58
C ALA A 57 -3.96 8.78 4.42
N GLU A 58 -4.34 9.50 3.37
CA GLU A 58 -5.75 9.78 3.12
C GLU A 58 -6.27 8.94 1.96
N ILE A 59 -7.54 8.55 2.05
CA ILE A 59 -8.15 7.74 1.01
C ILE A 59 -9.20 8.55 0.23
N VAL A 60 -8.87 8.86 -1.02
CA VAL A 60 -9.78 9.62 -1.88
C VAL A 60 -10.83 8.72 -2.51
N PRO A 61 -12.10 9.11 -2.37
CA PRO A 61 -13.23 8.34 -2.92
C PRO A 61 -13.27 8.40 -4.44
N MET A 62 -13.05 7.25 -5.08
CA MET A 62 -13.06 7.17 -6.54
C MET A 62 -14.45 6.84 -7.05
N GLY A 63 -14.89 5.61 -6.81
CA GLY A 63 -16.21 5.18 -7.25
C GLY A 63 -16.59 3.81 -6.72
N LYS A 64 -16.73 2.85 -7.63
CA LYS A 64 -17.09 1.48 -7.25
C LYS A 64 -15.83 0.64 -7.04
N ASN A 65 -15.78 -0.04 -5.90
CA ASN A 65 -14.64 -0.89 -5.57
C ASN A 65 -13.34 -0.24 -6.02
N SER A 66 -13.20 1.05 -5.78
CA SER A 66 -12.00 1.79 -6.17
C SER A 66 -11.57 2.74 -5.05
N HIS A 67 -10.27 2.76 -4.78
CA HIS A 67 -9.72 3.63 -3.75
C HIS A 67 -8.31 4.08 -4.11
N CYS A 68 -8.03 5.36 -3.88
CA CYS A 68 -6.73 5.93 -4.18
C CYS A 68 -6.14 6.62 -2.95
N VAL A 69 -4.86 6.35 -2.70
CA VAL A 69 -4.17 6.93 -1.55
C VAL A 69 -3.07 7.90 -2.00
N ARG A 70 -3.27 9.18 -1.75
CA ARG A 70 -2.31 10.20 -2.12
C ARG A 70 -1.44 10.59 -0.94
N PHE A 71 -0.14 10.35 -1.06
CA PHE A 71 0.80 10.67 0.01
C PHE A 71 2.22 10.74 -0.52
N VAL A 72 3.13 11.27 0.30
CA VAL A 72 4.53 11.40 -0.09
C VAL A 72 5.39 10.35 0.61
N PRO A 73 5.58 9.20 -0.06
CA PRO A 73 6.38 8.10 0.48
C PRO A 73 7.87 8.43 0.53
N GLN A 74 8.27 9.16 1.56
CA GLN A 74 9.67 9.55 1.72
C GLN A 74 10.24 8.98 3.02
N GLU A 75 11.19 8.05 2.88
CA GLU A 75 11.81 7.43 4.05
C GLU A 75 13.31 7.24 3.82
N MET A 76 14.02 6.86 4.88
CA MET A 76 15.46 6.64 4.79
C MET A 76 15.77 5.16 4.60
N GLY A 77 14.73 4.35 4.42
CA GLY A 77 14.91 2.93 4.24
C GLY A 77 13.81 2.31 3.41
N VAL A 78 13.24 1.20 3.90
CA VAL A 78 12.17 0.51 3.20
C VAL A 78 10.81 1.01 3.65
N HIS A 79 9.88 1.10 2.69
CA HIS A 79 8.53 1.56 2.99
C HIS A 79 7.57 0.38 3.17
N THR A 80 6.65 0.52 4.12
CA THR A 80 5.67 -0.54 4.39
C THR A 80 4.28 0.05 4.58
N VAL A 81 3.36 -0.33 3.69
CA VAL A 81 1.98 0.15 3.76
C VAL A 81 1.10 -0.81 4.55
N SER A 82 0.50 -0.32 5.62
CA SER A 82 -0.37 -1.13 6.46
C SER A 82 -1.84 -0.90 6.13
N VAL A 83 -2.44 -1.84 5.40
CA VAL A 83 -3.84 -1.73 5.02
C VAL A 83 -4.68 -2.79 5.71
N LYS A 84 -5.45 -2.38 6.71
CA LYS A 84 -6.30 -3.30 7.45
C LYS A 84 -7.77 -2.93 7.29
N TYR A 85 -8.64 -3.92 7.36
CA TYR A 85 -10.08 -3.69 7.23
C TYR A 85 -10.83 -4.16 8.48
N ARG A 86 -11.13 -3.23 9.37
CA ARG A 86 -11.84 -3.56 10.60
C ARG A 86 -10.97 -4.39 11.52
N GLY A 87 -9.66 -4.14 11.49
CA GLY A 87 -8.75 -4.88 12.33
C GLY A 87 -8.33 -6.19 11.72
N GLN A 88 -7.87 -6.16 10.48
CA GLN A 88 -7.44 -7.36 9.77
C GLN A 88 -6.65 -7.01 8.52
N HIS A 89 -5.46 -7.60 8.40
CA HIS A 89 -4.61 -7.35 7.24
C HIS A 89 -5.13 -8.09 6.01
N VAL A 90 -5.52 -7.33 5.00
CA VAL A 90 -6.04 -7.91 3.76
C VAL A 90 -4.97 -8.72 3.05
N THR A 91 -5.31 -9.25 1.88
CA THR A 91 -4.38 -10.05 1.09
C THR A 91 -3.13 -9.25 0.74
N GLY A 92 -1.98 -9.90 0.82
CA GLY A 92 -0.72 -9.24 0.51
C GLY A 92 -0.47 -8.03 1.39
N SER A 93 -0.94 -8.10 2.63
CA SER A 93 -0.77 -7.00 3.57
C SER A 93 -0.07 -7.49 4.85
N PRO A 94 0.80 -6.63 5.40
CA PRO A 94 1.09 -5.30 4.84
C PRO A 94 1.86 -5.39 3.52
N PHE A 95 2.03 -4.26 2.87
CA PHE A 95 2.75 -4.19 1.60
C PHE A 95 4.15 -3.62 1.78
N GLN A 96 5.12 -4.18 1.05
CA GLN A 96 6.50 -3.73 1.15
C GLN A 96 7.05 -3.38 -0.23
N PHE A 97 7.56 -2.16 -0.37
CA PHE A 97 8.13 -1.71 -1.63
C PHE A 97 9.23 -0.68 -1.41
N THR A 98 10.25 -0.72 -2.25
CA THR A 98 11.37 0.21 -2.14
C THR A 98 11.21 1.39 -3.09
N VAL A 99 11.28 2.60 -2.54
CA VAL A 99 11.14 3.81 -3.34
C VAL A 99 12.41 4.09 -4.14
N GLY A 100 12.29 4.98 -5.13
CA GLY A 100 13.44 5.32 -5.94
C GLY A 100 13.57 6.82 -6.16
N PRO A 101 14.82 7.31 -6.18
CA PRO A 101 15.11 8.73 -6.38
C PRO A 101 14.80 9.19 -7.80
N LEU A 102 15.16 10.44 -8.10
CA LEU A 102 14.91 11.00 -9.43
C LEU A 102 16.12 10.82 -10.32
N GLY A 103 15.89 10.81 -11.63
CA GLY A 103 16.98 10.65 -12.58
C GLY A 103 16.90 9.35 -13.35
N GLU A 104 17.52 9.30 -14.51
CA GLU A 104 17.52 8.10 -15.34
C GLU A 104 18.69 7.18 -14.99
N GLY A 105 18.43 5.89 -14.95
CA GLY A 105 19.47 4.93 -14.62
C GLY A 105 19.84 4.95 -13.16
N GLY A 106 20.63 3.97 -12.73
CA GLY A 106 21.04 3.89 -11.35
C GLY A 106 22.41 3.28 -11.17
N GLY A 1 -22.67 -17.74 40.09
CA GLY A 1 -22.00 -17.11 38.98
C GLY A 1 -20.49 -17.20 39.09
N SER A 2 -19.82 -17.39 37.95
CA SER A 2 -18.37 -17.50 37.93
C SER A 2 -17.85 -17.50 36.49
N SER A 3 -16.90 -16.62 36.20
CA SER A 3 -16.33 -16.53 34.87
C SER A 3 -14.83 -16.86 34.90
N GLY A 4 -14.28 -17.15 33.72
CA GLY A 4 -12.88 -17.49 33.63
C GLY A 4 -12.56 -18.35 32.42
N SER A 5 -11.60 -17.90 31.61
CA SER A 5 -11.20 -18.64 30.42
C SER A 5 -9.78 -18.26 30.00
N SER A 6 -9.25 -19.00 29.03
CA SER A 6 -7.90 -18.75 28.54
C SER A 6 -7.67 -19.45 27.21
N GLY A 7 -6.54 -19.16 26.57
CA GLY A 7 -6.22 -19.76 25.29
C GLY A 7 -6.30 -18.77 24.15
N ARG A 8 -5.17 -18.52 23.50
CA ARG A 8 -5.11 -17.60 22.39
C ARG A 8 -3.94 -17.92 21.45
N VAL A 9 -4.05 -17.49 20.20
CA VAL A 9 -3.01 -17.75 19.22
C VAL A 9 -2.96 -16.64 18.18
N LYS A 10 -1.76 -16.18 17.85
CA LYS A 10 -1.58 -15.13 16.86
C LYS A 10 -1.47 -15.71 15.45
N GLU A 11 -1.46 -14.84 14.45
CA GLU A 11 -1.36 -15.27 13.06
C GLU A 11 -0.47 -14.33 12.26
N SER A 12 0.69 -14.82 11.85
CA SER A 12 1.64 -14.02 11.08
C SER A 12 1.68 -14.48 9.62
N ILE A 13 1.84 -13.52 8.71
CA ILE A 13 1.89 -13.82 7.29
C ILE A 13 3.25 -13.46 6.70
N THR A 14 3.96 -14.47 6.20
CA THR A 14 5.27 -14.25 5.61
C THR A 14 5.24 -14.46 4.10
N ARG A 15 5.42 -13.37 3.36
CA ARG A 15 5.41 -13.43 1.90
C ARG A 15 5.91 -12.12 1.30
N THR A 16 6.69 -12.23 0.23
CA THR A 16 7.23 -11.04 -0.44
C THR A 16 6.54 -10.81 -1.77
N SER A 17 6.25 -9.54 -2.07
CA SER A 17 5.59 -9.18 -3.32
C SER A 17 5.93 -7.76 -3.72
N ARG A 18 5.61 -7.39 -4.96
CA ARG A 18 5.87 -6.06 -5.46
C ARG A 18 4.69 -5.53 -6.26
N ALA A 19 4.77 -4.26 -6.65
CA ALA A 19 3.70 -3.63 -7.42
C ALA A 19 4.26 -2.80 -8.57
N PRO A 20 3.58 -2.85 -9.73
CA PRO A 20 4.01 -2.10 -10.92
C PRO A 20 3.81 -0.60 -10.76
N SER A 21 3.36 -0.19 -9.58
CA SER A 21 3.13 1.23 -9.30
C SER A 21 4.44 1.92 -8.94
N VAL A 22 5.03 2.60 -9.90
CA VAL A 22 6.29 3.33 -9.68
C VAL A 22 6.27 4.06 -8.35
N ALA A 23 7.32 3.87 -7.56
CA ALA A 23 7.43 4.53 -6.26
C ALA A 23 8.41 5.69 -6.31
N THR A 24 7.90 6.90 -6.15
CA THR A 24 8.74 8.10 -6.18
C THR A 24 8.90 8.69 -4.78
N VAL A 25 10.11 9.12 -4.46
CA VAL A 25 10.39 9.71 -3.16
C VAL A 25 10.20 11.22 -3.19
N GLY A 26 9.35 11.72 -2.29
CA GLY A 26 9.09 13.14 -2.22
C GLY A 26 8.04 13.59 -3.21
N SER A 27 7.21 12.64 -3.66
CA SER A 27 6.16 12.95 -4.63
C SER A 27 4.89 12.15 -4.30
N ILE A 28 3.75 12.83 -4.40
CA ILE A 28 2.47 12.19 -4.13
C ILE A 28 2.16 11.11 -5.16
N CYS A 29 2.41 9.86 -4.78
CA CYS A 29 2.16 8.73 -5.68
C CYS A 29 0.80 8.11 -5.38
N ASP A 30 -0.07 8.11 -6.39
CA ASP A 30 -1.41 7.54 -6.25
C ASP A 30 -1.35 6.02 -6.19
N LEU A 31 -1.89 5.46 -5.12
CA LEU A 31 -1.90 4.01 -4.94
C LEU A 31 -3.28 3.43 -5.27
N ASN A 32 -3.41 2.86 -6.46
CA ASN A 32 -4.67 2.27 -6.89
C ASN A 32 -4.84 0.88 -6.29
N LEU A 33 -6.00 0.66 -5.67
CA LEU A 33 -6.30 -0.64 -5.05
C LEU A 33 -7.70 -1.11 -5.42
N LYS A 34 -7.79 -2.32 -5.95
CA LYS A 34 -9.08 -2.89 -6.34
C LYS A 34 -9.85 -3.40 -5.13
N ILE A 35 -10.39 -2.47 -4.35
CA ILE A 35 -11.16 -2.83 -3.16
C ILE A 35 -12.64 -2.97 -3.47
N PRO A 36 -13.27 -3.99 -2.90
CA PRO A 36 -14.69 -4.26 -3.10
C PRO A 36 -15.58 -3.22 -2.43
N GLU A 37 -16.86 -3.55 -2.28
CA GLU A 37 -17.81 -2.63 -1.66
C GLU A 37 -17.22 -1.99 -0.41
N ILE A 38 -16.30 -2.71 0.23
CA ILE A 38 -15.64 -2.21 1.44
C ILE A 38 -15.46 -0.69 1.37
N ASN A 39 -15.82 -0.02 2.46
CA ASN A 39 -15.68 1.44 2.52
C ASN A 39 -14.40 1.83 3.25
N SER A 40 -13.89 3.02 2.96
CA SER A 40 -12.68 3.52 3.58
C SER A 40 -12.91 3.83 5.05
N SER A 41 -14.06 4.42 5.34
CA SER A 41 -14.41 4.79 6.72
C SER A 41 -14.10 3.64 7.67
N ASP A 42 -14.11 2.42 7.15
CA ASP A 42 -13.83 1.24 7.95
C ASP A 42 -12.37 0.81 7.82
N MET A 43 -11.83 0.94 6.61
CA MET A 43 -10.45 0.57 6.34
C MET A 43 -9.49 1.61 6.91
N SER A 44 -8.20 1.30 6.87
CA SER A 44 -7.17 2.21 7.40
C SER A 44 -5.86 2.01 6.66
N ALA A 45 -5.35 3.09 6.07
CA ALA A 45 -4.10 3.04 5.33
C ALA A 45 -3.04 3.91 6.00
N HIS A 46 -1.84 3.36 6.17
CA HIS A 46 -0.74 4.08 6.80
C HIS A 46 0.60 3.54 6.34
N VAL A 47 1.58 4.43 6.20
CA VAL A 47 2.91 4.03 5.75
C VAL A 47 3.90 4.04 6.92
N THR A 48 4.48 2.88 7.20
CA THR A 48 5.44 2.75 8.29
C THR A 48 6.86 2.96 7.79
N SER A 49 7.66 3.67 8.58
CA SER A 49 9.05 3.93 8.23
C SER A 49 9.97 2.81 8.71
N PRO A 50 11.10 2.64 8.02
CA PRO A 50 12.09 1.61 8.36
C PRO A 50 12.81 1.92 9.66
N SER A 51 12.45 3.03 10.30
CA SER A 51 13.08 3.43 11.55
C SER A 51 12.14 3.18 12.73
N GLY A 52 10.87 3.55 12.55
CA GLY A 52 9.88 3.36 13.61
C GLY A 52 8.73 4.32 13.50
N ARG A 53 8.95 5.46 12.86
CA ARG A 53 7.92 6.47 12.69
C ARG A 53 6.88 6.02 11.65
N VAL A 54 5.61 6.31 11.93
CA VAL A 54 4.54 5.93 11.02
C VAL A 54 3.77 7.16 10.55
N THR A 55 3.40 7.16 9.27
CA THR A 55 2.66 8.27 8.70
C THR A 55 1.23 7.88 8.37
N GLU A 56 0.39 8.88 8.09
CA GLU A 56 -1.01 8.63 7.77
C GLU A 56 -1.29 8.91 6.30
N ALA A 57 -2.21 8.15 5.71
CA ALA A 57 -2.57 8.32 4.31
C ALA A 57 -4.05 8.68 4.16
N GLU A 58 -4.41 9.19 2.99
CA GLU A 58 -5.78 9.58 2.72
C GLU A 58 -6.38 8.74 1.60
N ILE A 59 -7.61 8.27 1.81
CA ILE A 59 -8.29 7.45 0.81
C ILE A 59 -9.27 8.28 0.00
N VAL A 60 -8.97 8.46 -1.29
CA VAL A 60 -9.82 9.23 -2.17
C VAL A 60 -10.77 8.31 -2.95
N PRO A 61 -12.08 8.55 -2.79
CA PRO A 61 -13.11 7.77 -3.48
C PRO A 61 -13.15 8.03 -4.97
N MET A 62 -12.81 7.01 -5.76
CA MET A 62 -12.80 7.13 -7.21
C MET A 62 -13.96 6.34 -7.83
N GLY A 63 -15.13 6.44 -7.21
CA GLY A 63 -16.29 5.73 -7.71
C GLY A 63 -16.64 4.51 -6.87
N LYS A 64 -17.36 3.58 -7.47
CA LYS A 64 -17.75 2.35 -6.78
C LYS A 64 -16.59 1.37 -6.69
N ASN A 65 -16.49 0.67 -5.57
CA ASN A 65 -15.43 -0.30 -5.37
C ASN A 65 -14.10 0.22 -5.92
N SER A 66 -13.90 1.53 -5.82
CA SER A 66 -12.68 2.15 -6.31
C SER A 66 -12.09 3.10 -5.27
N HIS A 67 -10.86 2.82 -4.86
CA HIS A 67 -10.18 3.65 -3.86
C HIS A 67 -8.78 4.02 -4.33
N CYS A 68 -8.37 5.25 -4.04
CA CYS A 68 -7.05 5.72 -4.44
C CYS A 68 -6.36 6.42 -3.27
N VAL A 69 -5.30 5.79 -2.75
CA VAL A 69 -4.56 6.34 -1.63
C VAL A 69 -3.33 7.09 -2.12
N ARG A 70 -3.36 8.42 -2.01
CA ARG A 70 -2.24 9.25 -2.44
C ARG A 70 -1.45 9.75 -1.24
N PHE A 71 -0.14 9.51 -1.26
CA PHE A 71 0.74 9.94 -0.18
C PHE A 71 2.18 10.08 -0.66
N VAL A 72 3.02 10.70 0.16
CA VAL A 72 4.42 10.90 -0.18
C VAL A 72 5.32 9.96 0.59
N PRO A 73 5.59 8.78 0.00
CA PRO A 73 6.45 7.76 0.63
C PRO A 73 7.91 8.18 0.69
N GLN A 74 8.27 8.88 1.76
CA GLN A 74 9.64 9.34 1.95
C GLN A 74 10.25 8.76 3.21
N GLU A 75 11.26 7.90 3.03
CA GLU A 75 11.93 7.27 4.17
C GLU A 75 13.43 7.18 3.93
N MET A 76 14.15 6.60 4.89
CA MET A 76 15.59 6.46 4.79
C MET A 76 15.97 5.04 4.38
N GLY A 77 14.96 4.18 4.23
CA GLY A 77 15.21 2.80 3.84
C GLY A 77 14.05 2.19 3.10
N VAL A 78 13.53 1.09 3.61
CA VAL A 78 12.40 0.40 2.99
C VAL A 78 11.08 1.02 3.42
N HIS A 79 10.09 0.97 2.52
CA HIS A 79 8.77 1.53 2.80
C HIS A 79 7.74 0.42 2.98
N THR A 80 6.79 0.64 3.89
CA THR A 80 5.75 -0.33 4.16
C THR A 80 4.39 0.34 4.33
N VAL A 81 3.35 -0.30 3.81
CA VAL A 81 1.99 0.24 3.90
C VAL A 81 1.10 -0.68 4.73
N SER A 82 0.83 -0.28 5.96
CA SER A 82 -0.02 -1.06 6.85
C SER A 82 -1.50 -0.82 6.55
N VAL A 83 -2.06 -1.68 5.69
CA VAL A 83 -3.46 -1.57 5.32
C VAL A 83 -4.29 -2.71 5.92
N LYS A 84 -5.02 -2.40 6.99
CA LYS A 84 -5.85 -3.39 7.65
C LYS A 84 -7.33 -3.04 7.52
N TYR A 85 -8.17 -4.07 7.46
CA TYR A 85 -9.62 -3.88 7.32
C TYR A 85 -10.34 -4.33 8.59
N ARG A 86 -10.72 -3.37 9.42
CA ARG A 86 -11.44 -3.67 10.66
C ARG A 86 -10.58 -4.55 11.57
N GLY A 87 -9.27 -4.43 11.44
CA GLY A 87 -8.37 -5.22 12.25
C GLY A 87 -7.95 -6.51 11.57
N GLN A 88 -7.93 -6.50 10.24
CA GLN A 88 -7.55 -7.67 9.48
C GLN A 88 -6.75 -7.28 8.24
N HIS A 89 -5.44 -7.54 8.27
CA HIS A 89 -4.58 -7.22 7.14
C HIS A 89 -5.21 -7.63 5.82
N VAL A 90 -5.17 -6.73 4.84
CA VAL A 90 -5.74 -7.01 3.52
C VAL A 90 -4.79 -7.85 2.68
N THR A 91 -5.18 -8.09 1.44
CA THR A 91 -4.37 -8.88 0.52
C THR A 91 -2.92 -8.42 0.53
N GLY A 92 -1.99 -9.37 0.50
CA GLY A 92 -0.58 -9.03 0.50
C GLY A 92 -0.27 -7.84 1.39
N SER A 93 -0.88 -7.81 2.57
CA SER A 93 -0.66 -6.71 3.50
C SER A 93 0.05 -7.20 4.77
N PRO A 94 0.95 -6.36 5.30
CA PRO A 94 1.24 -5.04 4.73
C PRO A 94 1.98 -5.15 3.40
N PHE A 95 2.01 -4.05 2.65
CA PHE A 95 2.68 -4.02 1.36
C PHE A 95 4.05 -3.34 1.48
N GLN A 96 5.00 -3.81 0.66
CA GLN A 96 6.35 -3.25 0.68
C GLN A 96 6.79 -2.85 -0.73
N PHE A 97 7.50 -1.74 -0.82
CA PHE A 97 7.99 -1.25 -2.11
C PHE A 97 9.24 -0.39 -1.93
N THR A 98 10.25 -0.64 -2.75
CA THR A 98 11.50 0.10 -2.69
C THR A 98 11.43 1.36 -3.54
N VAL A 99 11.70 2.51 -2.93
CA VAL A 99 11.68 3.79 -3.63
C VAL A 99 13.07 4.19 -4.09
N GLY A 100 13.13 5.13 -5.02
CA GLY A 100 14.42 5.59 -5.53
C GLY A 100 14.85 6.91 -4.90
N PRO A 101 16.16 7.06 -4.70
CA PRO A 101 16.73 8.26 -4.10
C PRO A 101 16.63 9.47 -5.03
N LEU A 102 17.28 10.56 -4.64
CA LEU A 102 17.27 11.79 -5.43
C LEU A 102 18.57 11.95 -6.22
N GLY A 103 18.47 12.47 -7.44
CA GLY A 103 19.64 12.65 -8.26
C GLY A 103 20.12 14.10 -8.27
N GLU A 104 21.10 14.40 -7.42
CA GLU A 104 21.64 15.75 -7.33
C GLU A 104 21.98 16.29 -8.71
N GLY A 105 21.38 17.43 -9.06
CA GLY A 105 21.63 18.03 -10.35
C GLY A 105 22.94 18.80 -10.40
N GLY A 106 22.94 20.00 -9.83
CA GLY A 106 24.14 20.82 -9.81
C GLY A 106 24.59 21.21 -11.21
N GLY A 1 21.51 -21.83 -35.14
CA GLY A 1 21.23 -21.56 -33.74
C GLY A 1 20.26 -20.41 -33.57
N SER A 2 19.27 -20.59 -32.69
CA SER A 2 18.28 -19.56 -32.43
C SER A 2 18.78 -18.55 -31.41
N SER A 3 18.05 -17.45 -31.26
CA SER A 3 18.43 -16.41 -30.30
C SER A 3 17.43 -16.33 -29.16
N GLY A 4 16.15 -16.20 -29.51
CA GLY A 4 15.11 -16.12 -28.49
C GLY A 4 13.76 -16.56 -29.01
N SER A 5 12.82 -16.79 -28.10
CA SER A 5 11.48 -17.22 -28.47
C SER A 5 10.43 -16.62 -27.54
N SER A 6 9.16 -16.74 -27.92
CA SER A 6 8.07 -16.20 -27.12
C SER A 6 7.31 -17.33 -26.42
N GLY A 7 6.90 -17.07 -25.18
CA GLY A 7 6.17 -18.07 -24.42
C GLY A 7 5.13 -17.46 -23.51
N ARG A 8 3.93 -18.04 -23.49
CA ARG A 8 2.85 -17.55 -22.65
C ARG A 8 2.66 -18.44 -21.43
N VAL A 9 3.38 -18.14 -20.35
CA VAL A 9 3.28 -18.92 -19.13
C VAL A 9 2.55 -18.13 -18.03
N LYS A 10 1.96 -18.85 -17.09
CA LYS A 10 1.24 -18.22 -15.99
C LYS A 10 1.49 -18.97 -14.69
N GLU A 11 1.87 -18.22 -13.65
CA GLU A 11 2.13 -18.83 -12.34
C GLU A 11 0.95 -18.62 -11.40
N SER A 12 0.85 -19.47 -10.39
CA SER A 12 -0.24 -19.39 -9.42
C SER A 12 0.25 -18.78 -8.11
N ILE A 13 0.08 -17.47 -7.96
CA ILE A 13 0.50 -16.76 -6.76
C ILE A 13 -0.61 -15.87 -6.23
N THR A 14 -0.71 -15.77 -4.91
CA THR A 14 -1.73 -14.95 -4.28
C THR A 14 -1.42 -13.46 -4.47
N ARG A 15 -2.21 -12.81 -5.31
CA ARG A 15 -2.04 -11.39 -5.58
C ARG A 15 -3.28 -10.79 -6.25
N THR A 16 -3.93 -9.86 -5.55
CA THR A 16 -5.13 -9.23 -6.08
C THR A 16 -5.01 -8.99 -7.59
N SER A 17 -3.82 -8.59 -8.02
CA SER A 17 -3.58 -8.32 -9.44
C SER A 17 -2.08 -8.30 -9.74
N ARG A 18 -1.73 -8.52 -11.00
CA ARG A 18 -0.34 -8.54 -11.41
C ARG A 18 -0.05 -7.36 -12.35
N ALA A 19 0.80 -6.44 -11.88
CA ALA A 19 1.16 -5.27 -12.67
C ALA A 19 2.29 -4.49 -12.01
N PRO A 20 3.18 -3.92 -12.82
CA PRO A 20 4.32 -3.13 -12.33
C PRO A 20 3.88 -1.80 -11.72
N SER A 21 4.81 -1.13 -11.06
CA SER A 21 4.52 0.16 -10.43
C SER A 21 5.77 1.04 -10.41
N VAL A 22 5.61 2.27 -9.90
CA VAL A 22 6.72 3.20 -9.82
C VAL A 22 6.70 3.96 -8.49
N ALA A 23 7.73 3.75 -7.68
CA ALA A 23 7.84 4.40 -6.39
C ALA A 23 8.94 5.45 -6.39
N THR A 24 8.65 6.64 -5.87
CA THR A 24 9.62 7.72 -5.82
C THR A 24 9.62 8.39 -4.45
N VAL A 25 10.62 9.24 -4.21
CA VAL A 25 10.72 9.95 -2.94
C VAL A 25 10.49 11.45 -3.13
N GLY A 26 9.90 12.08 -2.12
CA GLY A 26 9.63 13.50 -2.19
C GLY A 26 8.62 13.85 -3.28
N SER A 27 7.72 12.92 -3.55
CA SER A 27 6.70 13.13 -4.58
C SER A 27 5.42 12.38 -4.23
N ILE A 28 4.28 13.00 -4.55
CA ILE A 28 2.99 12.41 -4.28
C ILE A 28 2.80 11.10 -5.05
N CYS A 29 3.00 9.98 -4.38
CA CYS A 29 2.85 8.67 -5.00
C CYS A 29 1.40 8.19 -4.93
N ASP A 30 0.81 7.95 -6.10
CA ASP A 30 -0.57 7.49 -6.16
C ASP A 30 -0.64 5.97 -6.17
N LEU A 31 -1.29 5.42 -5.15
CA LEU A 31 -1.42 3.97 -5.03
C LEU A 31 -2.85 3.52 -5.38
N ASN A 32 -3.00 2.88 -6.53
CA ASN A 32 -4.30 2.40 -6.97
C ASN A 32 -4.56 0.99 -6.46
N LEU A 33 -5.62 0.84 -5.67
CA LEU A 33 -5.99 -0.45 -5.11
C LEU A 33 -7.45 -0.78 -5.39
N LYS A 34 -7.69 -1.96 -5.97
CA LYS A 34 -9.04 -2.39 -6.29
C LYS A 34 -9.74 -2.95 -5.06
N ILE A 35 -10.53 -2.11 -4.40
CA ILE A 35 -11.26 -2.53 -3.20
C ILE A 35 -12.75 -2.70 -3.51
N PRO A 36 -13.33 -3.77 -2.95
CA PRO A 36 -14.75 -4.08 -3.14
C PRO A 36 -15.66 -3.09 -2.43
N GLU A 37 -16.95 -3.43 -2.34
CA GLU A 37 -17.92 -2.56 -1.68
C GLU A 37 -17.36 -2.01 -0.37
N ILE A 38 -16.44 -2.76 0.24
CA ILE A 38 -15.83 -2.35 1.49
C ILE A 38 -15.62 -0.84 1.53
N ASN A 39 -16.23 -0.18 2.52
CA ASN A 39 -16.11 1.26 2.66
C ASN A 39 -14.66 1.66 2.95
N SER A 40 -14.37 2.95 2.81
CA SER A 40 -13.03 3.45 3.04
C SER A 40 -12.79 3.70 4.52
N SER A 41 -13.85 4.05 5.24
CA SER A 41 -13.76 4.33 6.67
C SER A 41 -13.50 3.04 7.45
N ASP A 42 -14.02 1.94 6.94
CA ASP A 42 -13.84 0.63 7.58
C ASP A 42 -12.38 0.21 7.54
N MET A 43 -11.66 0.65 6.51
CA MET A 43 -10.25 0.31 6.35
C MET A 43 -9.37 1.40 6.94
N SER A 44 -8.06 1.14 6.95
CA SER A 44 -7.10 2.11 7.50
C SER A 44 -5.73 1.92 6.86
N ALA A 45 -5.26 2.96 6.18
CA ALA A 45 -3.95 2.91 5.53
C ALA A 45 -2.94 3.81 6.24
N HIS A 46 -1.76 3.27 6.50
CA HIS A 46 -0.70 4.03 7.17
C HIS A 46 0.67 3.58 6.71
N VAL A 47 1.54 4.55 6.41
CA VAL A 47 2.89 4.25 5.95
C VAL A 47 3.88 4.29 7.11
N THR A 48 4.30 3.12 7.58
CA THR A 48 5.24 3.02 8.68
C THR A 48 6.68 3.05 8.17
N SER A 49 7.50 3.88 8.79
CA SER A 49 8.90 4.01 8.41
C SER A 49 9.70 2.80 8.86
N PRO A 50 10.79 2.50 8.14
CA PRO A 50 11.67 1.37 8.45
C PRO A 50 12.45 1.58 9.74
N SER A 51 12.17 2.68 10.43
CA SER A 51 12.84 2.99 11.68
C SER A 51 11.97 2.64 12.88
N GLY A 52 10.85 3.34 13.02
CA GLY A 52 9.94 3.09 14.12
C GLY A 52 8.85 4.13 14.23
N ARG A 53 8.47 4.70 13.09
CA ARG A 53 7.42 5.72 13.05
C ARG A 53 6.25 5.26 12.19
N VAL A 54 5.08 5.82 12.47
CA VAL A 54 3.88 5.48 11.72
C VAL A 54 3.17 6.72 11.19
N THR A 55 2.92 6.76 9.89
CA THR A 55 2.26 7.90 9.26
C THR A 55 0.88 7.51 8.75
N GLU A 56 0.03 8.50 8.53
CA GLU A 56 -1.31 8.26 8.03
C GLU A 56 -1.45 8.72 6.58
N ALA A 57 -2.31 8.04 5.83
CA ALA A 57 -2.53 8.37 4.43
C ALA A 57 -4.01 8.65 4.16
N GLU A 58 -4.28 9.28 3.02
CA GLU A 58 -5.65 9.61 2.65
C GLU A 58 -6.17 8.67 1.57
N ILE A 59 -7.39 8.18 1.74
CA ILE A 59 -7.99 7.27 0.77
C ILE A 59 -9.01 8.00 -0.10
N VAL A 60 -8.55 8.53 -1.22
CA VAL A 60 -9.43 9.25 -2.15
C VAL A 60 -10.40 8.30 -2.83
N PRO A 61 -11.70 8.58 -2.69
CA PRO A 61 -12.76 7.76 -3.29
C PRO A 61 -12.79 7.88 -4.80
N MET A 62 -12.43 6.79 -5.50
CA MET A 62 -12.43 6.79 -6.96
C MET A 62 -13.83 6.60 -7.50
N GLY A 63 -14.41 5.43 -7.25
CA GLY A 63 -15.76 5.15 -7.73
C GLY A 63 -16.20 3.73 -7.42
N LYS A 64 -16.69 3.02 -8.43
CA LYS A 64 -17.15 1.65 -8.26
C LYS A 64 -16.01 0.74 -7.80
N ASN A 65 -16.10 0.26 -6.56
CA ASN A 65 -15.09 -0.62 -6.01
C ASN A 65 -13.68 -0.12 -6.36
N SER A 66 -13.53 1.21 -6.40
CA SER A 66 -12.24 1.81 -6.73
C SER A 66 -11.81 2.79 -5.64
N HIS A 67 -10.51 2.81 -5.36
CA HIS A 67 -9.96 3.70 -4.34
C HIS A 67 -8.50 4.06 -4.66
N CYS A 68 -8.12 5.28 -4.32
CA CYS A 68 -6.76 5.74 -4.56
C CYS A 68 -6.17 6.40 -3.32
N VAL A 69 -4.90 6.13 -3.05
CA VAL A 69 -4.23 6.70 -1.89
C VAL A 69 -3.01 7.53 -2.31
N ARG A 70 -3.06 8.83 -2.02
CA ARG A 70 -1.98 9.73 -2.37
C ARG A 70 -1.17 10.11 -1.13
N PHE A 71 0.15 9.90 -1.20
CA PHE A 71 1.03 10.22 -0.08
C PHE A 71 2.47 10.35 -0.55
N VAL A 72 3.32 10.89 0.31
CA VAL A 72 4.73 11.07 -0.01
C VAL A 72 5.61 10.07 0.74
N PRO A 73 5.87 8.92 0.09
CA PRO A 73 6.69 7.85 0.68
C PRO A 73 8.15 8.25 0.78
N GLN A 74 8.48 9.01 1.81
CA GLN A 74 9.85 9.46 2.03
C GLN A 74 10.39 8.95 3.37
N GLU A 75 11.37 8.05 3.30
CA GLU A 75 11.97 7.48 4.50
C GLU A 75 13.47 7.26 4.30
N MET A 76 14.12 6.72 5.33
CA MET A 76 15.56 6.46 5.28
C MET A 76 15.82 5.03 4.78
N GLY A 77 14.77 4.34 4.39
CA GLY A 77 14.92 2.98 3.90
C GLY A 77 13.68 2.48 3.18
N VAL A 78 13.32 1.22 3.41
CA VAL A 78 12.15 0.63 2.78
C VAL A 78 10.87 1.14 3.41
N HIS A 79 9.85 1.35 2.58
CA HIS A 79 8.56 1.84 3.06
C HIS A 79 7.55 0.70 3.12
N THR A 80 6.80 0.64 4.21
CA THR A 80 5.79 -0.40 4.40
C THR A 80 4.42 0.20 4.62
N VAL A 81 3.44 -0.26 3.85
CA VAL A 81 2.08 0.24 3.96
C VAL A 81 1.17 -0.78 4.66
N SER A 82 0.65 -0.41 5.82
CA SER A 82 -0.23 -1.30 6.58
C SER A 82 -1.69 -0.98 6.30
N VAL A 83 -2.34 -1.86 5.55
CA VAL A 83 -3.75 -1.68 5.20
C VAL A 83 -4.62 -2.72 5.90
N LYS A 84 -5.24 -2.32 7.00
CA LYS A 84 -6.11 -3.21 7.77
C LYS A 84 -7.58 -2.91 7.49
N TYR A 85 -8.40 -3.95 7.47
CA TYR A 85 -9.82 -3.80 7.21
C TYR A 85 -10.64 -4.15 8.46
N ARG A 86 -10.91 -3.13 9.28
CA ARG A 86 -11.68 -3.33 10.50
C ARG A 86 -10.96 -4.25 11.46
N GLY A 87 -9.64 -4.29 11.36
CA GLY A 87 -8.84 -5.14 12.22
C GLY A 87 -8.41 -6.42 11.53
N GLN A 88 -7.91 -6.30 10.32
CA GLN A 88 -7.46 -7.46 9.55
C GLN A 88 -6.60 -7.03 8.37
N HIS A 89 -5.33 -7.43 8.40
CA HIS A 89 -4.39 -7.09 7.33
C HIS A 89 -4.86 -7.66 6.00
N VAL A 90 -5.40 -6.80 5.15
CA VAL A 90 -5.89 -7.22 3.84
C VAL A 90 -4.87 -8.11 3.14
N THR A 91 -5.26 -8.65 1.98
CA THR A 91 -4.38 -9.51 1.20
C THR A 91 -3.10 -8.79 0.81
N GLY A 92 -1.98 -9.49 0.89
CA GLY A 92 -0.71 -8.89 0.53
C GLY A 92 -0.31 -7.76 1.47
N SER A 93 -0.95 -7.71 2.62
CA SER A 93 -0.67 -6.68 3.62
C SER A 93 0.09 -7.25 4.81
N PRO A 94 1.03 -6.46 5.34
CA PRO A 94 1.35 -5.13 4.82
C PRO A 94 2.02 -5.17 3.46
N PHE A 95 2.18 -4.01 2.84
CA PHE A 95 2.82 -3.92 1.54
C PHE A 95 4.22 -3.34 1.65
N GLN A 96 5.13 -3.84 0.81
CA GLN A 96 6.52 -3.38 0.82
C GLN A 96 6.96 -2.97 -0.58
N PHE A 97 7.57 -1.80 -0.68
CA PHE A 97 8.04 -1.29 -1.96
C PHE A 97 9.24 -0.36 -1.78
N THR A 98 10.25 -0.54 -2.62
CA THR A 98 11.45 0.28 -2.56
C THR A 98 11.29 1.58 -3.33
N VAL A 99 11.78 2.67 -2.75
CA VAL A 99 11.69 3.98 -3.39
C VAL A 99 13.00 4.37 -4.05
N GLY A 100 12.91 5.20 -5.08
CA GLY A 100 14.11 5.64 -5.79
C GLY A 100 14.11 7.13 -6.07
N PRO A 101 15.31 7.73 -6.11
CA PRO A 101 15.46 9.16 -6.37
C PRO A 101 15.13 9.53 -7.81
N LEU A 102 14.77 10.78 -8.03
CA LEU A 102 14.42 11.26 -9.37
C LEU A 102 15.67 11.47 -10.22
N GLY A 103 15.83 10.65 -11.25
CA GLY A 103 16.98 10.77 -12.12
C GLY A 103 16.97 9.74 -13.24
N GLU A 104 16.85 10.22 -14.48
CA GLU A 104 16.82 9.33 -15.63
C GLU A 104 18.23 8.94 -16.05
N GLY A 105 18.49 7.64 -16.11
CA GLY A 105 19.81 7.16 -16.50
C GLY A 105 20.92 7.79 -15.68
N GLY A 106 22.15 7.66 -16.16
CA GLY A 106 23.29 8.21 -15.45
C GLY A 106 23.40 9.71 -15.64
N GLY A 1 -19.63 -15.04 3.94
CA GLY A 1 -18.39 -15.42 3.29
C GLY A 1 -18.24 -16.92 3.15
N SER A 2 -18.42 -17.43 1.94
CA SER A 2 -18.30 -18.86 1.68
C SER A 2 -17.34 -19.13 0.52
N SER A 3 -16.20 -19.73 0.85
CA SER A 3 -15.19 -20.04 -0.15
C SER A 3 -14.68 -21.47 0.02
N GLY A 4 -14.28 -22.09 -1.09
CA GLY A 4 -13.77 -23.44 -1.03
C GLY A 4 -12.61 -23.59 -0.08
N SER A 5 -11.93 -24.73 -0.15
CA SER A 5 -10.79 -25.00 0.72
C SER A 5 -9.50 -24.44 0.12
N SER A 6 -8.48 -24.30 0.95
CA SER A 6 -7.19 -23.77 0.51
C SER A 6 -6.17 -24.89 0.34
N GLY A 7 -5.06 -24.57 -0.31
CA GLY A 7 -4.01 -25.56 -0.52
C GLY A 7 -3.42 -25.50 -1.91
N ARG A 8 -2.19 -25.98 -2.06
CA ARG A 8 -1.52 -25.97 -3.35
C ARG A 8 -1.57 -27.35 -4.00
N VAL A 9 -2.31 -27.44 -5.10
CA VAL A 9 -2.44 -28.70 -5.83
C VAL A 9 -1.81 -28.61 -7.21
N LYS A 10 -0.94 -29.57 -7.52
CA LYS A 10 -0.26 -29.61 -8.80
C LYS A 10 0.26 -28.23 -9.18
N GLU A 11 0.91 -27.57 -8.23
CA GLU A 11 1.46 -26.23 -8.46
C GLU A 11 2.80 -26.07 -7.75
N SER A 12 3.68 -25.27 -8.34
CA SER A 12 5.00 -25.02 -7.76
C SER A 12 5.00 -23.76 -6.91
N ILE A 13 6.02 -23.61 -6.08
CA ILE A 13 6.14 -22.43 -5.22
C ILE A 13 7.21 -21.47 -5.73
N THR A 14 6.79 -20.25 -6.06
CA THR A 14 7.71 -19.24 -6.56
C THR A 14 8.96 -19.16 -5.69
N ARG A 15 10.10 -18.94 -6.33
CA ARG A 15 11.37 -18.84 -5.62
C ARG A 15 11.62 -17.41 -5.15
N THR A 16 10.62 -16.82 -4.50
CA THR A 16 10.73 -15.45 -4.02
C THR A 16 9.73 -15.19 -2.89
N SER A 17 10.05 -14.22 -2.03
CA SER A 17 9.19 -13.88 -0.92
C SER A 17 8.43 -12.58 -1.20
N ARG A 18 9.16 -11.53 -1.54
CA ARG A 18 8.56 -10.24 -1.83
C ARG A 18 9.08 -9.68 -3.15
N ALA A 19 8.16 -9.28 -4.03
CA ALA A 19 8.53 -8.73 -5.33
C ALA A 19 8.91 -7.26 -5.21
N PRO A 20 9.79 -6.80 -6.11
CA PRO A 20 10.26 -5.41 -6.14
C PRO A 20 9.16 -4.44 -6.57
N SER A 21 9.32 -3.18 -6.19
CA SER A 21 8.34 -2.15 -6.54
C SER A 21 9.03 -0.81 -6.78
N VAL A 22 8.49 -0.04 -7.73
CA VAL A 22 9.06 1.27 -8.05
C VAL A 22 8.24 2.39 -7.43
N ALA A 23 8.93 3.41 -6.94
CA ALA A 23 8.26 4.55 -6.32
C ALA A 23 9.18 5.77 -6.31
N THR A 24 8.56 6.96 -6.22
CA THR A 24 9.32 8.20 -6.21
C THR A 24 9.37 8.79 -4.80
N VAL A 25 10.34 9.68 -4.58
CA VAL A 25 10.51 10.32 -3.27
C VAL A 25 10.27 11.83 -3.37
N GLY A 26 9.62 12.39 -2.35
CA GLY A 26 9.35 13.81 -2.34
C GLY A 26 8.31 14.21 -3.36
N SER A 27 7.26 13.39 -3.50
CA SER A 27 6.19 13.66 -4.45
C SER A 27 4.98 12.80 -4.17
N ILE A 28 3.80 13.42 -4.17
CA ILE A 28 2.56 12.70 -3.91
C ILE A 28 2.44 11.47 -4.82
N CYS A 29 2.75 10.31 -4.26
CA CYS A 29 2.67 9.06 -5.02
C CYS A 29 1.27 8.45 -4.93
N ASP A 30 0.65 8.24 -6.09
CA ASP A 30 -0.69 7.67 -6.14
C ASP A 30 -0.64 6.15 -6.13
N LEU A 31 -1.20 5.55 -5.08
CA LEU A 31 -1.22 4.10 -4.95
C LEU A 31 -2.55 3.52 -5.41
N ASN A 32 -2.59 3.02 -6.64
CA ASN A 32 -3.82 2.45 -7.18
C ASN A 32 -3.99 1.01 -6.70
N LEU A 33 -5.08 0.78 -5.98
CA LEU A 33 -5.38 -0.56 -5.45
C LEU A 33 -6.73 -1.05 -5.95
N LYS A 34 -6.89 -2.37 -6.00
CA LYS A 34 -8.14 -2.97 -6.45
C LYS A 34 -8.97 -3.47 -5.27
N ILE A 35 -9.18 -2.60 -4.30
CA ILE A 35 -9.96 -2.95 -3.11
C ILE A 35 -11.41 -3.22 -3.48
N PRO A 36 -11.98 -4.27 -2.88
CA PRO A 36 -13.38 -4.66 -3.12
C PRO A 36 -14.37 -3.67 -2.52
N GLU A 37 -15.63 -4.08 -2.43
CA GLU A 37 -16.67 -3.22 -1.87
C GLU A 37 -16.21 -2.57 -0.57
N ILE A 38 -15.26 -3.21 0.10
CA ILE A 38 -14.74 -2.70 1.36
C ILE A 38 -14.59 -1.19 1.32
N ASN A 39 -15.48 -0.50 2.03
CA ASN A 39 -15.45 0.97 2.07
C ASN A 39 -14.11 1.47 2.63
N SER A 40 -14.01 2.78 2.79
CA SER A 40 -12.79 3.39 3.30
C SER A 40 -13.01 3.93 4.71
N SER A 41 -14.22 4.40 4.98
CA SER A 41 -14.56 4.96 6.28
C SER A 41 -14.28 3.95 7.39
N ASP A 42 -14.13 2.69 7.02
CA ASP A 42 -13.85 1.63 7.97
C ASP A 42 -12.39 1.18 7.89
N MET A 43 -11.81 1.34 6.70
CA MET A 43 -10.41 0.96 6.48
C MET A 43 -9.47 2.02 7.03
N SER A 44 -8.17 1.74 6.95
CA SER A 44 -7.15 2.67 7.44
C SER A 44 -5.85 2.49 6.69
N ALA A 45 -5.26 3.60 6.25
CA ALA A 45 -3.99 3.56 5.52
C ALA A 45 -2.91 4.33 6.27
N HIS A 46 -1.77 3.67 6.50
CA HIS A 46 -0.66 4.29 7.21
C HIS A 46 0.67 3.73 6.70
N VAL A 47 1.60 4.62 6.38
CA VAL A 47 2.91 4.21 5.90
C VAL A 47 3.87 3.97 7.05
N THR A 48 4.23 2.69 7.26
CA THR A 48 5.13 2.32 8.33
C THR A 48 6.58 2.54 7.92
N SER A 49 7.41 2.95 8.88
CA SER A 49 8.82 3.20 8.62
C SER A 49 9.67 1.99 9.03
N PRO A 50 10.84 1.86 8.39
CA PRO A 50 11.77 0.76 8.66
C PRO A 50 12.42 0.87 10.04
N SER A 51 12.16 1.98 10.72
CA SER A 51 12.71 2.22 12.04
C SER A 51 11.67 1.96 13.13
N GLY A 52 10.40 2.17 12.78
CA GLY A 52 9.33 1.96 13.74
C GLY A 52 8.24 3.01 13.63
N ARG A 53 8.63 4.21 13.21
CA ARG A 53 7.68 5.31 13.07
C ARG A 53 6.56 4.94 12.11
N VAL A 54 5.42 5.60 12.26
CA VAL A 54 4.26 5.34 11.41
C VAL A 54 3.63 6.64 10.93
N THR A 55 3.19 6.65 9.67
CA THR A 55 2.57 7.84 9.09
C THR A 55 1.12 7.56 8.71
N GLU A 56 0.33 8.63 8.60
CA GLU A 56 -1.08 8.50 8.24
C GLU A 56 -1.31 8.88 6.78
N ALA A 57 -2.20 8.15 6.12
CA ALA A 57 -2.50 8.42 4.72
C ALA A 57 -4.01 8.63 4.52
N GLU A 58 -4.36 9.32 3.44
CA GLU A 58 -5.76 9.60 3.14
C GLU A 58 -6.24 8.75 1.98
N ILE A 59 -7.53 8.41 1.99
CA ILE A 59 -8.11 7.60 0.93
C ILE A 59 -9.13 8.41 0.12
N VAL A 60 -8.89 8.51 -1.18
CA VAL A 60 -9.79 9.24 -2.07
C VAL A 60 -10.81 8.31 -2.72
N PRO A 61 -12.09 8.71 -2.68
CA PRO A 61 -13.18 7.94 -3.26
C PRO A 61 -13.14 7.91 -4.79
N MET A 62 -12.86 6.75 -5.35
CA MET A 62 -12.78 6.59 -6.79
C MET A 62 -14.16 6.28 -7.38
N GLY A 63 -14.62 5.06 -7.17
CA GLY A 63 -15.92 4.66 -7.69
C GLY A 63 -16.42 3.37 -7.05
N LYS A 64 -16.98 2.49 -7.86
CA LYS A 64 -17.51 1.22 -7.37
C LYS A 64 -16.38 0.24 -7.08
N ASN A 65 -16.19 -0.07 -5.80
CA ASN A 65 -15.14 -1.00 -5.39
C ASN A 65 -13.77 -0.49 -5.82
N SER A 66 -13.60 0.83 -5.81
CA SER A 66 -12.34 1.44 -6.20
C SER A 66 -11.88 2.46 -5.18
N HIS A 67 -10.57 2.54 -4.97
CA HIS A 67 -10.00 3.48 -4.00
C HIS A 67 -8.60 3.90 -4.42
N CYS A 68 -8.32 5.20 -4.31
CA CYS A 68 -7.02 5.73 -4.68
C CYS A 68 -6.39 6.48 -3.51
N VAL A 69 -5.23 6.00 -3.05
CA VAL A 69 -4.53 6.62 -1.94
C VAL A 69 -3.42 7.54 -2.43
N ARG A 70 -3.34 8.74 -1.86
CA ARG A 70 -2.33 9.70 -2.25
C ARG A 70 -1.50 10.14 -1.04
N PHE A 71 -0.19 9.94 -1.13
CA PHE A 71 0.71 10.31 -0.02
C PHE A 71 2.14 10.43 -0.53
N VAL A 72 3.01 10.99 0.31
CA VAL A 72 4.41 11.17 -0.04
C VAL A 72 5.29 10.12 0.64
N PRO A 73 5.59 9.04 -0.09
CA PRO A 73 6.41 7.95 0.42
C PRO A 73 7.88 8.36 0.59
N GLN A 74 8.17 9.03 1.69
CA GLN A 74 9.53 9.48 1.98
C GLN A 74 10.06 8.86 3.27
N GLU A 75 11.06 8.00 3.12
CA GLU A 75 11.65 7.33 4.29
C GLU A 75 13.16 7.18 4.11
N MET A 76 13.83 6.77 5.18
CA MET A 76 15.28 6.58 5.14
C MET A 76 15.64 5.13 4.86
N GLY A 77 14.62 4.30 4.61
CA GLY A 77 14.85 2.90 4.33
C GLY A 77 13.74 2.30 3.48
N VAL A 78 13.29 1.11 3.86
CA VAL A 78 12.23 0.43 3.13
C VAL A 78 10.86 1.01 3.46
N HIS A 79 9.95 0.97 2.49
CA HIS A 79 8.60 1.49 2.68
C HIS A 79 7.58 0.36 2.73
N THR A 80 6.65 0.45 3.67
CA THR A 80 5.62 -0.57 3.82
C THR A 80 4.26 0.06 4.10
N VAL A 81 3.28 -0.24 3.26
CA VAL A 81 1.93 0.30 3.43
C VAL A 81 1.06 -0.64 4.25
N SER A 82 0.72 -0.21 5.46
CA SER A 82 -0.12 -1.01 6.35
C SER A 82 -1.60 -0.76 6.09
N VAL A 83 -2.24 -1.68 5.38
CA VAL A 83 -3.66 -1.56 5.06
C VAL A 83 -4.49 -2.54 5.87
N LYS A 84 -5.21 -2.04 6.86
CA LYS A 84 -6.05 -2.87 7.71
C LYS A 84 -7.53 -2.56 7.49
N TYR A 85 -8.36 -3.60 7.58
CA TYR A 85 -9.80 -3.43 7.38
C TYR A 85 -10.57 -3.84 8.63
N ARG A 86 -10.87 -2.87 9.48
CA ARG A 86 -11.60 -3.13 10.71
C ARG A 86 -10.79 -4.00 11.66
N GLY A 87 -9.48 -3.79 11.66
CA GLY A 87 -8.60 -4.56 12.53
C GLY A 87 -8.21 -5.89 11.92
N GLN A 88 -7.84 -5.87 10.64
CA GLN A 88 -7.45 -7.09 9.93
C GLN A 88 -6.68 -6.76 8.67
N HIS A 89 -5.42 -7.19 8.62
CA HIS A 89 -4.57 -6.93 7.47
C HIS A 89 -5.20 -7.50 6.20
N VAL A 90 -5.42 -6.63 5.21
CA VAL A 90 -6.01 -7.04 3.95
C VAL A 90 -5.09 -7.97 3.17
N THR A 91 -5.51 -8.37 1.98
CA THR A 91 -4.72 -9.26 1.14
C THR A 91 -3.32 -8.69 0.92
N GLY A 92 -2.33 -9.57 0.92
CA GLY A 92 -0.96 -9.15 0.72
C GLY A 92 -0.62 -7.89 1.48
N SER A 93 -1.07 -7.82 2.73
CA SER A 93 -0.82 -6.65 3.57
C SER A 93 -0.02 -7.05 4.81
N PRO A 94 0.90 -6.15 5.23
CA PRO A 94 1.13 -4.89 4.54
C PRO A 94 1.79 -5.07 3.18
N PHE A 95 1.99 -3.97 2.46
CA PHE A 95 2.60 -4.01 1.15
C PHE A 95 3.99 -3.36 1.17
N GLN A 96 5.02 -4.18 0.93
CA GLN A 96 6.39 -3.69 0.93
C GLN A 96 6.80 -3.23 -0.46
N PHE A 97 7.49 -2.09 -0.54
CA PHE A 97 7.94 -1.55 -1.81
C PHE A 97 9.16 -0.65 -1.61
N THR A 98 10.09 -0.72 -2.57
CA THR A 98 11.30 0.09 -2.49
C THR A 98 11.14 1.39 -3.28
N VAL A 99 11.56 2.49 -2.67
CA VAL A 99 11.47 3.80 -3.30
C VAL A 99 12.84 4.33 -3.67
N GLY A 100 12.88 5.29 -4.59
CA GLY A 100 14.14 5.87 -5.02
C GLY A 100 13.96 7.16 -5.78
N PRO A 101 14.91 8.10 -5.62
CA PRO A 101 14.88 9.40 -6.29
C PRO A 101 15.10 9.28 -7.80
N LEU A 102 14.87 10.38 -8.51
CA LEU A 102 15.05 10.39 -9.96
C LEU A 102 16.28 11.20 -10.34
N GLY A 103 17.03 10.70 -11.31
CA GLY A 103 18.22 11.40 -11.76
C GLY A 103 18.83 10.76 -13.00
N GLU A 104 18.60 11.37 -14.15
CA GLU A 104 19.13 10.86 -15.41
C GLU A 104 19.81 11.97 -16.21
N GLY A 105 19.13 13.11 -16.32
CA GLY A 105 19.68 14.22 -17.06
C GLY A 105 19.19 14.27 -18.50
N GLY A 106 19.97 13.67 -19.40
CA GLY A 106 19.60 13.65 -20.80
C GLY A 106 18.80 12.42 -21.17
N GLY A 1 10.67 13.03 -20.04
CA GLY A 1 9.38 12.37 -20.15
C GLY A 1 9.36 11.03 -19.43
N SER A 2 8.20 10.68 -18.88
CA SER A 2 8.06 9.42 -18.16
C SER A 2 7.05 8.51 -18.86
N SER A 3 7.24 7.21 -18.71
CA SER A 3 6.35 6.22 -19.32
C SER A 3 6.50 4.86 -18.66
N GLY A 4 5.44 4.05 -18.74
CA GLY A 4 5.48 2.73 -18.14
C GLY A 4 4.49 2.59 -16.99
N SER A 5 4.56 1.48 -16.28
CA SER A 5 3.66 1.22 -15.16
C SER A 5 2.21 1.40 -15.58
N SER A 6 1.87 0.90 -16.76
CA SER A 6 0.51 1.01 -17.28
C SER A 6 0.13 -0.25 -18.05
N GLY A 7 -1.13 -0.65 -17.91
CA GLY A 7 -1.62 -1.84 -18.59
C GLY A 7 -1.02 -3.11 -18.02
N ARG A 8 -0.98 -3.20 -16.70
CA ARG A 8 -0.43 -4.37 -16.03
C ARG A 8 -1.55 -5.20 -15.38
N VAL A 9 -2.55 -5.55 -16.18
CA VAL A 9 -3.67 -6.33 -15.67
C VAL A 9 -3.46 -7.82 -15.94
N LYS A 10 -3.18 -8.57 -14.87
CA LYS A 10 -2.95 -10.01 -14.98
C LYS A 10 -3.96 -10.79 -14.14
N GLU A 11 -4.97 -11.34 -14.80
CA GLU A 11 -6.00 -12.11 -14.11
C GLU A 11 -5.37 -13.08 -13.09
N SER A 12 -5.71 -12.90 -11.82
CA SER A 12 -5.18 -13.74 -10.77
C SER A 12 -5.95 -13.54 -9.46
N ILE A 13 -6.05 -14.59 -8.66
CA ILE A 13 -6.77 -14.52 -7.39
C ILE A 13 -5.82 -14.12 -6.26
N THR A 14 -4.53 -14.38 -6.46
CA THR A 14 -3.53 -14.05 -5.46
C THR A 14 -2.12 -14.27 -5.98
N ARG A 15 -1.18 -13.43 -5.54
CA ARG A 15 0.20 -13.53 -5.98
C ARG A 15 1.16 -13.23 -4.83
N THR A 16 2.00 -14.20 -4.50
CA THR A 16 2.97 -14.04 -3.42
C THR A 16 3.77 -12.76 -3.58
N SER A 17 4.41 -12.61 -4.74
CA SER A 17 5.21 -11.43 -5.03
C SER A 17 4.59 -10.60 -6.15
N ARG A 18 3.72 -9.66 -5.77
CA ARG A 18 3.06 -8.80 -6.73
C ARG A 18 4.07 -8.07 -7.61
N ALA A 19 3.66 -7.72 -8.82
CA ALA A 19 4.53 -7.01 -9.74
C ALA A 19 5.00 -5.68 -9.14
N PRO A 20 6.23 -5.27 -9.50
CA PRO A 20 6.82 -4.02 -9.01
C PRO A 20 6.13 -2.79 -9.60
N SER A 21 6.35 -1.64 -8.96
CA SER A 21 5.74 -0.40 -9.41
C SER A 21 6.63 0.79 -9.08
N VAL A 22 6.97 1.58 -10.10
CA VAL A 22 7.82 2.75 -9.90
C VAL A 22 7.28 3.66 -8.82
N ALA A 23 8.02 3.79 -7.72
CA ALA A 23 7.61 4.63 -6.61
C ALA A 23 8.57 5.79 -6.41
N THR A 24 8.04 7.00 -6.37
CA THR A 24 8.85 8.20 -6.17
C THR A 24 9.06 8.50 -4.69
N VAL A 25 10.01 9.39 -4.41
CA VAL A 25 10.30 9.77 -3.03
C VAL A 25 10.05 11.25 -2.80
N GLY A 26 9.40 11.58 -1.69
CA GLY A 26 9.11 12.95 -1.37
C GLY A 26 8.15 13.59 -2.36
N SER A 27 7.18 12.80 -2.82
CA SER A 27 6.19 13.29 -3.78
C SER A 27 4.90 12.50 -3.67
N ILE A 28 3.77 13.21 -3.67
CA ILE A 28 2.47 12.57 -3.57
C ILE A 28 2.31 11.45 -4.60
N CYS A 29 2.74 10.26 -4.22
CA CYS A 29 2.65 9.10 -5.12
C CYS A 29 1.31 8.39 -4.96
N ASP A 30 0.54 8.34 -6.04
CA ASP A 30 -0.77 7.70 -6.03
C ASP A 30 -0.62 6.18 -5.97
N LEU A 31 -1.30 5.56 -5.01
CA LEU A 31 -1.25 4.11 -4.84
C LEU A 31 -2.60 3.48 -5.15
N ASN A 32 -2.70 2.86 -6.33
CA ASN A 32 -3.93 2.22 -6.76
C ASN A 32 -4.15 0.91 -6.00
N LEU A 33 -5.04 0.94 -5.01
CA LEU A 33 -5.34 -0.23 -4.21
C LEU A 33 -6.67 -0.86 -4.64
N LYS A 34 -6.62 -2.12 -5.05
CA LYS A 34 -7.81 -2.84 -5.48
C LYS A 34 -8.63 -3.30 -4.28
N ILE A 35 -9.70 -2.57 -3.98
CA ILE A 35 -10.56 -2.91 -2.86
C ILE A 35 -12.03 -2.92 -3.27
N PRO A 36 -12.77 -3.93 -2.79
CA PRO A 36 -14.20 -4.06 -3.09
C PRO A 36 -15.05 -2.98 -2.44
N GLU A 37 -16.36 -3.21 -2.39
CA GLU A 37 -17.28 -2.25 -1.79
C GLU A 37 -16.77 -1.79 -0.42
N ILE A 38 -15.92 -2.61 0.19
CA ILE A 38 -15.37 -2.30 1.50
C ILE A 38 -15.14 -0.80 1.65
N ASN A 39 -15.98 -0.14 2.44
CA ASN A 39 -15.87 1.29 2.67
C ASN A 39 -14.45 1.65 3.12
N SER A 40 -14.15 2.95 3.12
CA SER A 40 -12.84 3.42 3.52
C SER A 40 -12.84 3.83 5.00
N SER A 41 -13.91 4.47 5.43
CA SER A 41 -14.04 4.91 6.81
C SER A 41 -13.67 3.79 7.78
N ASP A 42 -13.86 2.55 7.34
CA ASP A 42 -13.54 1.40 8.17
C ASP A 42 -12.08 0.99 7.98
N MET A 43 -11.55 1.25 6.80
CA MET A 43 -10.17 0.91 6.48
C MET A 43 -9.20 1.93 7.07
N SER A 44 -7.92 1.58 7.09
CA SER A 44 -6.89 2.47 7.64
C SER A 44 -5.58 2.31 6.88
N ALA A 45 -5.09 3.42 6.33
CA ALA A 45 -3.84 3.41 5.58
C ALA A 45 -2.76 4.20 6.30
N HIS A 46 -1.68 3.52 6.65
CA HIS A 46 -0.57 4.16 7.35
C HIS A 46 0.77 3.57 6.92
N VAL A 47 1.71 4.43 6.57
CA VAL A 47 3.04 3.99 6.13
C VAL A 47 4.01 3.96 7.29
N THR A 48 4.59 2.79 7.54
CA THR A 48 5.55 2.61 8.63
C THR A 48 6.99 2.72 8.12
N SER A 49 7.71 3.71 8.63
CA SER A 49 9.10 3.93 8.23
C SER A 49 10.00 2.82 8.77
N PRO A 50 11.13 2.60 8.08
CA PRO A 50 12.10 1.57 8.47
C PRO A 50 12.84 1.92 9.76
N SER A 51 12.49 3.07 10.33
CA SER A 51 13.12 3.52 11.57
C SER A 51 12.24 3.24 12.78
N GLY A 52 10.93 3.21 12.54
CA GLY A 52 9.99 2.95 13.61
C GLY A 52 8.93 4.03 13.74
N ARG A 53 8.69 4.74 12.64
CA ARG A 53 7.69 5.81 12.64
C ARG A 53 6.43 5.36 11.90
N VAL A 54 5.31 6.00 12.23
CA VAL A 54 4.03 5.67 11.61
C VAL A 54 3.35 6.91 11.05
N THR A 55 2.97 6.86 9.78
CA THR A 55 2.31 7.98 9.12
C THR A 55 0.90 7.61 8.68
N GLU A 56 0.10 8.63 8.35
CA GLU A 56 -1.27 8.40 7.91
C GLU A 56 -1.45 8.83 6.46
N ALA A 57 -2.19 8.02 5.70
CA ALA A 57 -2.45 8.32 4.29
C ALA A 57 -3.93 8.50 4.03
N GLU A 58 -4.26 9.19 2.95
CA GLU A 58 -5.65 9.44 2.58
C GLU A 58 -6.14 8.41 1.56
N ILE A 59 -7.45 8.24 1.49
CA ILE A 59 -8.04 7.29 0.54
C ILE A 59 -9.04 7.97 -0.38
N VAL A 60 -8.60 8.28 -1.60
CA VAL A 60 -9.46 8.93 -2.58
C VAL A 60 -10.28 7.92 -3.36
N PRO A 61 -11.61 8.07 -3.31
CA PRO A 61 -12.54 7.17 -4.01
C PRO A 61 -12.46 7.34 -5.53
N MET A 62 -12.11 6.27 -6.22
CA MET A 62 -12.01 6.30 -7.67
C MET A 62 -13.11 5.45 -8.31
N GLY A 63 -14.33 5.59 -7.79
CA GLY A 63 -15.45 4.85 -8.33
C GLY A 63 -15.77 3.61 -7.49
N LYS A 64 -16.38 2.62 -8.13
CA LYS A 64 -16.74 1.39 -7.44
C LYS A 64 -15.56 0.42 -7.39
N ASN A 65 -15.47 -0.34 -6.30
CA ASN A 65 -14.38 -1.30 -6.14
C ASN A 65 -13.04 -0.69 -6.53
N SER A 66 -12.95 0.63 -6.42
CA SER A 66 -11.73 1.35 -6.76
C SER A 66 -11.31 2.30 -5.64
N HIS A 67 -10.03 2.34 -5.35
CA HIS A 67 -9.50 3.20 -4.30
C HIS A 67 -8.05 3.60 -4.58
N CYS A 68 -7.72 4.85 -4.26
CA CYS A 68 -6.38 5.35 -4.50
C CYS A 68 -5.86 6.12 -3.28
N VAL A 69 -4.70 5.71 -2.77
CA VAL A 69 -4.11 6.37 -1.62
C VAL A 69 -2.98 7.31 -2.03
N ARG A 70 -3.24 8.61 -1.93
CA ARG A 70 -2.25 9.61 -2.29
C ARG A 70 -1.45 10.06 -1.06
N PHE A 71 -0.14 9.85 -1.11
CA PHE A 71 0.74 10.23 -0.01
C PHE A 71 2.17 10.37 -0.48
N VAL A 72 3.02 10.96 0.37
CA VAL A 72 4.42 11.16 0.03
C VAL A 72 5.31 10.18 0.79
N PRO A 73 5.58 9.02 0.17
CA PRO A 73 6.42 7.98 0.77
C PRO A 73 7.88 8.38 0.85
N GLN A 74 8.23 9.13 1.90
CA GLN A 74 9.61 9.58 2.09
C GLN A 74 10.20 8.99 3.36
N GLU A 75 11.20 8.13 3.18
CA GLU A 75 11.86 7.49 4.31
C GLU A 75 13.35 7.31 4.05
N MET A 76 14.06 6.73 5.02
CA MET A 76 15.49 6.51 4.89
C MET A 76 15.78 5.07 4.47
N GLY A 77 14.73 4.33 4.16
CA GLY A 77 14.90 2.95 3.74
C GLY A 77 13.69 2.42 2.99
N VAL A 78 13.26 1.22 3.35
CA VAL A 78 12.10 0.60 2.70
C VAL A 78 10.80 1.07 3.32
N HIS A 79 9.79 1.28 2.48
CA HIS A 79 8.48 1.73 2.96
C HIS A 79 7.48 0.59 2.95
N THR A 80 6.62 0.55 3.96
CA THR A 80 5.61 -0.50 4.08
C THR A 80 4.24 0.10 4.40
N VAL A 81 3.28 -0.12 3.50
CA VAL A 81 1.93 0.39 3.69
C VAL A 81 1.07 -0.61 4.46
N SER A 82 0.70 -0.24 5.67
CA SER A 82 -0.13 -1.11 6.52
C SER A 82 -1.60 -0.82 6.31
N VAL A 83 -2.26 -1.63 5.49
CA VAL A 83 -3.68 -1.46 5.21
C VAL A 83 -4.50 -2.58 5.84
N LYS A 84 -5.36 -2.22 6.78
CA LYS A 84 -6.21 -3.19 7.46
C LYS A 84 -7.68 -2.80 7.34
N TYR A 85 -8.56 -3.80 7.34
CA TYR A 85 -9.99 -3.56 7.24
C TYR A 85 -10.73 -4.17 8.42
N ARG A 86 -11.31 -3.30 9.24
CA ARG A 86 -12.06 -3.75 10.42
C ARG A 86 -11.19 -4.65 11.30
N GLY A 87 -9.88 -4.41 11.28
CA GLY A 87 -8.97 -5.20 12.08
C GLY A 87 -8.55 -6.48 11.38
N GLN A 88 -7.97 -6.35 10.19
CA GLN A 88 -7.52 -7.51 9.42
C GLN A 88 -6.76 -7.06 8.18
N HIS A 89 -5.55 -7.58 8.02
CA HIS A 89 -4.72 -7.23 6.87
C HIS A 89 -5.37 -7.72 5.58
N VAL A 90 -5.58 -6.80 4.64
CA VAL A 90 -6.19 -7.13 3.36
C VAL A 90 -5.28 -8.02 2.54
N THR A 91 -5.73 -8.38 1.34
CA THR A 91 -4.96 -9.23 0.45
C THR A 91 -3.62 -8.58 0.09
N GLY A 92 -2.52 -9.26 0.44
CA GLY A 92 -1.21 -8.74 0.15
C GLY A 92 -0.83 -7.57 1.05
N SER A 93 -1.24 -7.65 2.31
CA SER A 93 -0.95 -6.59 3.27
C SER A 93 -0.19 -7.14 4.47
N PRO A 94 0.76 -6.33 4.98
CA PRO A 94 1.05 -5.00 4.42
C PRO A 94 1.71 -5.07 3.05
N PHE A 95 1.83 -3.92 2.40
CA PHE A 95 2.44 -3.84 1.08
C PHE A 95 3.86 -3.30 1.17
N GLN A 96 4.84 -4.16 0.90
CA GLN A 96 6.25 -3.76 0.95
C GLN A 96 6.71 -3.29 -0.42
N PHE A 97 7.31 -2.10 -0.45
CA PHE A 97 7.81 -1.52 -1.70
C PHE A 97 9.02 -0.64 -1.44
N THR A 98 9.97 -0.67 -2.37
CA THR A 98 11.19 0.13 -2.25
C THR A 98 11.12 1.37 -3.13
N VAL A 99 11.29 2.53 -2.51
CA VAL A 99 11.25 3.79 -3.24
C VAL A 99 12.63 4.17 -3.76
N GLY A 100 12.66 5.00 -4.80
CA GLY A 100 13.92 5.42 -5.38
C GLY A 100 13.94 6.89 -5.73
N PRO A 101 15.14 7.49 -5.73
CA PRO A 101 15.31 8.92 -6.05
C PRO A 101 15.04 9.22 -7.53
N LEU A 102 15.10 10.50 -7.89
CA LEU A 102 14.86 10.91 -9.26
C LEU A 102 16.15 10.87 -10.07
N GLY A 103 16.18 10.02 -11.09
CA GLY A 103 17.35 9.90 -11.93
C GLY A 103 18.19 8.68 -11.58
N GLU A 104 19.46 8.91 -11.26
CA GLU A 104 20.37 7.82 -10.91
C GLU A 104 20.90 7.99 -9.49
N GLY A 105 21.76 7.07 -9.07
CA GLY A 105 22.33 7.14 -7.74
C GLY A 105 23.42 8.19 -7.63
N GLY A 106 24.05 8.27 -6.46
CA GLY A 106 25.11 9.23 -6.24
C GLY A 106 24.62 10.48 -5.55
N GLY A 1 -9.57 -36.63 4.12
CA GLY A 1 -9.24 -35.74 5.21
C GLY A 1 -10.11 -35.97 6.43
N SER A 2 -10.08 -35.02 7.36
CA SER A 2 -10.87 -35.13 8.59
C SER A 2 -11.80 -33.94 8.74
N SER A 3 -11.60 -32.92 7.91
CA SER A 3 -12.42 -31.71 7.95
C SER A 3 -12.82 -31.39 9.39
N GLY A 4 -11.82 -31.32 10.27
CA GLY A 4 -12.10 -31.01 11.66
C GLY A 4 -11.16 -29.95 12.21
N SER A 5 -11.61 -29.24 13.24
CA SER A 5 -10.80 -28.20 13.86
C SER A 5 -11.40 -27.76 15.19
N SER A 6 -10.74 -26.82 15.86
CA SER A 6 -11.21 -26.32 17.15
C SER A 6 -11.08 -24.79 17.21
N GLY A 7 -11.56 -24.22 18.31
CA GLY A 7 -11.49 -22.77 18.47
C GLY A 7 -10.31 -22.35 19.33
N ARG A 8 -9.49 -21.45 18.79
CA ARG A 8 -8.33 -20.95 19.52
C ARG A 8 -7.64 -19.83 18.75
N VAL A 9 -6.90 -18.99 19.46
CA VAL A 9 -6.19 -17.87 18.85
C VAL A 9 -4.70 -18.16 18.74
N LYS A 10 -4.21 -18.27 17.51
CA LYS A 10 -2.80 -18.55 17.27
C LYS A 10 -2.35 -17.93 15.95
N GLU A 11 -1.26 -17.15 16.00
CA GLU A 11 -0.73 -16.51 14.81
C GLU A 11 -0.24 -17.55 13.80
N SER A 12 -0.21 -17.18 12.53
CA SER A 12 0.23 -18.07 11.48
C SER A 12 0.87 -17.29 10.33
N ILE A 13 1.72 -17.97 9.55
CA ILE A 13 2.39 -17.34 8.43
C ILE A 13 1.39 -16.71 7.47
N THR A 14 1.90 -15.94 6.50
CA THR A 14 1.04 -15.29 5.52
C THR A 14 1.77 -15.12 4.20
N ARG A 15 1.15 -15.59 3.12
CA ARG A 15 1.74 -15.48 1.78
C ARG A 15 1.57 -14.08 1.23
N THR A 16 2.34 -13.75 0.19
CA THR A 16 2.28 -12.43 -0.42
C THR A 16 3.08 -12.40 -1.73
N SER A 17 2.72 -11.48 -2.61
CA SER A 17 3.40 -11.34 -3.89
C SER A 17 3.52 -9.88 -4.30
N ARG A 18 4.75 -9.41 -4.44
CA ARG A 18 5.00 -8.02 -4.82
C ARG A 18 4.57 -7.77 -6.26
N ALA A 19 4.29 -6.50 -6.57
CA ALA A 19 3.87 -6.13 -7.92
C ALA A 19 4.94 -5.30 -8.62
N PRO A 20 5.11 -5.54 -9.93
CA PRO A 20 6.10 -4.82 -10.74
C PRO A 20 5.72 -3.36 -10.96
N SER A 21 6.28 -2.49 -10.13
CA SER A 21 5.99 -1.06 -10.23
C SER A 21 7.11 -0.24 -9.60
N VAL A 22 7.23 1.02 -10.01
CA VAL A 22 8.25 1.91 -9.50
C VAL A 22 7.70 2.80 -8.38
N ALA A 23 8.59 3.38 -7.60
CA ALA A 23 8.19 4.26 -6.51
C ALA A 23 9.09 5.49 -6.43
N THR A 24 8.50 6.64 -6.13
CA THR A 24 9.25 7.89 -6.02
C THR A 24 9.26 8.40 -4.59
N VAL A 25 10.34 9.09 -4.22
CA VAL A 25 10.48 9.63 -2.88
C VAL A 25 10.34 11.15 -2.88
N GLY A 26 9.54 11.67 -1.96
CA GLY A 26 9.34 13.11 -1.87
C GLY A 26 8.31 13.61 -2.86
N SER A 27 7.25 12.83 -3.06
CA SER A 27 6.19 13.19 -3.99
C SER A 27 4.92 12.41 -3.71
N ILE A 28 3.78 12.99 -4.06
CA ILE A 28 2.49 12.35 -3.84
C ILE A 28 2.27 11.20 -4.82
N CYS A 29 2.49 9.98 -4.35
CA CYS A 29 2.33 8.79 -5.19
C CYS A 29 0.91 8.24 -5.07
N ASP A 30 0.35 7.83 -6.20
CA ASP A 30 -1.00 7.28 -6.23
C ASP A 30 -0.98 5.75 -6.16
N LEU A 31 -1.72 5.20 -5.20
CA LEU A 31 -1.78 3.75 -5.03
C LEU A 31 -3.16 3.22 -5.39
N ASN A 32 -3.28 2.66 -6.60
CA ASN A 32 -4.55 2.12 -7.07
C ASN A 32 -4.74 0.70 -6.55
N LEU A 33 -5.69 0.54 -5.63
CA LEU A 33 -5.99 -0.77 -5.05
C LEU A 33 -7.40 -1.21 -5.38
N LYS A 34 -7.54 -2.43 -5.88
CA LYS A 34 -8.85 -2.97 -6.23
C LYS A 34 -9.59 -3.46 -5.00
N ILE A 35 -10.35 -2.57 -4.37
CA ILE A 35 -11.11 -2.91 -3.18
C ILE A 35 -12.61 -2.95 -3.47
N PRO A 36 -13.30 -3.96 -2.92
CA PRO A 36 -14.74 -4.13 -3.10
C PRO A 36 -15.55 -3.05 -2.39
N GLU A 37 -16.85 -3.28 -2.26
CA GLU A 37 -17.74 -2.32 -1.60
C GLU A 37 -17.11 -1.81 -0.31
N ILE A 38 -16.23 -2.62 0.29
CA ILE A 38 -15.56 -2.24 1.52
C ILE A 38 -15.29 -0.73 1.56
N ASN A 39 -15.99 -0.03 2.45
CA ASN A 39 -15.82 1.40 2.59
C ASN A 39 -14.47 1.74 3.19
N SER A 40 -14.05 3.00 3.05
CA SER A 40 -12.77 3.44 3.58
C SER A 40 -12.84 3.64 5.09
N SER A 41 -13.93 4.24 5.55
CA SER A 41 -14.13 4.48 6.98
C SER A 41 -13.61 3.31 7.81
N ASP A 42 -13.83 2.10 7.30
CA ASP A 42 -13.39 0.89 8.00
C ASP A 42 -11.91 0.64 7.76
N MET A 43 -11.46 0.86 6.53
CA MET A 43 -10.07 0.65 6.16
C MET A 43 -9.19 1.73 6.78
N SER A 44 -7.88 1.49 6.79
CA SER A 44 -6.92 2.43 7.36
C SER A 44 -5.58 2.34 6.64
N ALA A 45 -5.15 3.45 6.06
CA ALA A 45 -3.87 3.50 5.35
C ALA A 45 -2.83 4.27 6.14
N HIS A 46 -1.65 3.67 6.30
CA HIS A 46 -0.56 4.30 7.04
C HIS A 46 0.79 3.77 6.57
N VAL A 47 1.67 4.68 6.18
CA VAL A 47 3.01 4.30 5.71
C VAL A 47 3.98 4.14 6.88
N THR A 48 4.36 2.90 7.16
CA THR A 48 5.28 2.61 8.25
C THR A 48 6.72 2.89 7.84
N SER A 49 7.52 3.36 8.79
CA SER A 49 8.92 3.66 8.52
C SER A 49 9.83 2.53 8.99
N PRO A 50 10.98 2.39 8.34
CA PRO A 50 11.96 1.34 8.66
C PRO A 50 12.64 1.59 10.00
N SER A 51 12.23 2.65 10.69
CA SER A 51 12.81 3.01 11.98
C SER A 51 11.78 2.82 13.09
N GLY A 52 10.51 3.04 12.77
CA GLY A 52 9.46 2.90 13.75
C GLY A 52 8.37 3.93 13.59
N ARG A 53 8.70 5.03 12.92
CA ARG A 53 7.73 6.12 12.71
C ARG A 53 6.65 5.69 11.73
N VAL A 54 5.44 6.21 11.93
CA VAL A 54 4.31 5.88 11.07
C VAL A 54 3.62 7.14 10.57
N THR A 55 3.24 7.13 9.30
CA THR A 55 2.56 8.27 8.70
C THR A 55 1.12 7.93 8.34
N GLU A 56 0.29 8.96 8.21
CA GLU A 56 -1.12 8.78 7.88
C GLU A 56 -1.37 9.07 6.40
N ALA A 57 -2.24 8.28 5.79
CA ALA A 57 -2.57 8.44 4.38
C ALA A 57 -4.06 8.65 4.18
N GLU A 58 -4.44 9.34 3.11
CA GLU A 58 -5.84 9.60 2.81
C GLU A 58 -6.33 8.69 1.68
N ILE A 59 -7.60 8.32 1.74
CA ILE A 59 -8.20 7.46 0.73
C ILE A 59 -9.25 8.21 -0.09
N VAL A 60 -8.92 8.50 -1.34
CA VAL A 60 -9.83 9.21 -2.23
C VAL A 60 -10.78 8.26 -2.94
N PRO A 61 -12.08 8.52 -2.80
CA PRO A 61 -13.12 7.68 -3.42
C PRO A 61 -13.15 7.81 -4.94
N MET A 62 -12.87 6.71 -5.63
CA MET A 62 -12.87 6.71 -7.09
C MET A 62 -14.27 6.47 -7.63
N GLY A 63 -14.89 5.37 -7.20
CA GLY A 63 -16.23 5.05 -7.66
C GLY A 63 -16.54 3.57 -7.55
N LYS A 64 -16.93 2.97 -8.67
CA LYS A 64 -17.25 1.55 -8.70
C LYS A 64 -16.22 0.73 -7.92
N ASN A 65 -16.50 0.48 -6.65
CA ASN A 65 -15.60 -0.28 -5.80
C ASN A 65 -14.14 0.05 -6.12
N SER A 66 -13.85 1.33 -6.24
CA SER A 66 -12.50 1.79 -6.55
C SER A 66 -12.01 2.81 -5.53
N HIS A 67 -10.76 2.69 -5.12
CA HIS A 67 -10.18 3.61 -4.14
C HIS A 67 -8.75 3.99 -4.54
N CYS A 68 -8.40 5.25 -4.31
CA CYS A 68 -7.06 5.73 -4.64
C CYS A 68 -6.41 6.40 -3.44
N VAL A 69 -5.30 5.82 -2.97
CA VAL A 69 -4.58 6.36 -1.83
C VAL A 69 -3.39 7.21 -2.27
N ARG A 70 -3.31 8.41 -1.73
CA ARG A 70 -2.22 9.33 -2.07
C ARG A 70 -1.45 9.75 -0.82
N PHE A 71 -0.14 9.52 -0.83
CA PHE A 71 0.71 9.87 0.30
C PHE A 71 2.14 10.08 -0.14
N VAL A 72 2.96 10.65 0.74
CA VAL A 72 4.36 10.91 0.45
C VAL A 72 5.28 9.89 1.13
N PRO A 73 5.61 8.82 0.40
CA PRO A 73 6.48 7.75 0.92
C PRO A 73 7.92 8.22 1.10
N GLN A 74 8.19 8.88 2.22
CA GLN A 74 9.53 9.37 2.52
C GLN A 74 10.09 8.71 3.77
N GLU A 75 11.13 7.91 3.60
CA GLU A 75 11.75 7.21 4.72
C GLU A 75 13.26 7.14 4.54
N MET A 76 13.94 6.52 5.50
CA MET A 76 15.40 6.38 5.45
C MET A 76 15.80 4.97 5.01
N GLY A 77 14.80 4.18 4.62
CA GLY A 77 15.07 2.82 4.19
C GLY A 77 13.93 2.24 3.37
N VAL A 78 13.46 1.07 3.77
CA VAL A 78 12.37 0.40 3.07
C VAL A 78 11.03 1.04 3.40
N HIS A 79 10.16 1.15 2.40
CA HIS A 79 8.85 1.75 2.59
C HIS A 79 7.76 0.68 2.60
N THR A 80 6.87 0.74 3.58
CA THR A 80 5.79 -0.23 3.70
C THR A 80 4.46 0.47 3.98
N VAL A 81 3.41 0.02 3.31
CA VAL A 81 2.08 0.59 3.49
C VAL A 81 1.18 -0.34 4.28
N SER A 82 0.85 0.06 5.51
CA SER A 82 0.00 -0.75 6.37
C SER A 82 -1.47 -0.54 6.02
N VAL A 83 -2.06 -1.56 5.41
CA VAL A 83 -3.47 -1.50 5.01
C VAL A 83 -4.29 -2.60 5.69
N LYS A 84 -5.13 -2.20 6.65
CA LYS A 84 -5.96 -3.15 7.38
C LYS A 84 -7.44 -2.84 7.16
N TYR A 85 -8.28 -3.87 7.30
CA TYR A 85 -9.71 -3.71 7.12
C TYR A 85 -10.46 -4.12 8.38
N ARG A 86 -10.79 -3.14 9.21
CA ARG A 86 -11.51 -3.40 10.47
C ARG A 86 -10.67 -4.24 11.42
N GLY A 87 -9.34 -4.12 11.28
CA GLY A 87 -8.45 -4.88 12.14
C GLY A 87 -7.97 -6.16 11.49
N GLN A 88 -7.90 -6.17 10.17
CA GLN A 88 -7.46 -7.35 9.43
C GLN A 88 -6.71 -6.95 8.16
N HIS A 89 -5.39 -7.15 8.18
CA HIS A 89 -4.55 -6.82 7.04
C HIS A 89 -5.12 -7.41 5.76
N VAL A 90 -5.13 -6.62 4.69
CA VAL A 90 -5.64 -7.06 3.40
C VAL A 90 -4.66 -8.00 2.71
N THR A 91 -4.98 -8.40 1.49
CA THR A 91 -4.13 -9.28 0.72
C THR A 91 -2.75 -8.69 0.50
N GLY A 92 -1.71 -9.47 0.80
CA GLY A 92 -0.35 -8.98 0.63
C GLY A 92 -0.08 -7.72 1.43
N SER A 93 -0.69 -7.63 2.60
CA SER A 93 -0.52 -6.47 3.46
C SER A 93 0.21 -6.85 4.75
N PRO A 94 1.10 -5.95 5.22
CA PRO A 94 1.37 -4.68 4.53
C PRO A 94 2.11 -4.87 3.21
N PHE A 95 2.00 -3.89 2.33
CA PHE A 95 2.65 -3.94 1.03
C PHE A 95 4.02 -3.28 1.08
N GLN A 96 5.07 -4.10 0.98
CA GLN A 96 6.43 -3.60 1.02
C GLN A 96 6.92 -3.23 -0.38
N PHE A 97 7.58 -2.08 -0.50
CA PHE A 97 8.10 -1.62 -1.79
C PHE A 97 9.28 -0.68 -1.59
N THR A 98 10.29 -0.82 -2.44
CA THR A 98 11.48 0.02 -2.37
C THR A 98 11.30 1.29 -3.18
N VAL A 99 11.86 2.39 -2.68
CA VAL A 99 11.77 3.67 -3.36
C VAL A 99 13.15 4.17 -3.80
N GLY A 100 13.19 4.86 -4.93
CA GLY A 100 14.45 5.38 -5.43
C GLY A 100 14.39 6.87 -5.72
N PRO A 101 15.52 7.56 -5.51
CA PRO A 101 15.62 9.01 -5.75
C PRO A 101 15.58 9.35 -7.23
N LEU A 102 15.52 10.64 -7.53
CA LEU A 102 15.46 11.10 -8.92
C LEU A 102 16.84 11.56 -9.39
N GLY A 103 17.37 10.88 -10.40
CA GLY A 103 18.68 11.22 -10.92
C GLY A 103 18.59 12.07 -12.17
N GLU A 104 19.74 12.50 -12.69
CA GLU A 104 19.79 13.32 -13.89
C GLU A 104 20.73 12.71 -14.93
N GLY A 105 20.14 12.03 -15.92
CA GLY A 105 20.94 11.41 -16.96
C GLY A 105 20.08 10.79 -18.04
N GLY A 106 19.92 9.48 -18.00
CA GLY A 106 19.12 8.78 -18.99
C GLY A 106 19.92 8.45 -20.23
#